data_7NJ3
#
_entry.id   7NJ3
#
_cell.length_a   1.00
_cell.length_b   1.00
_cell.length_c   1.00
_cell.angle_alpha   90.00
_cell.angle_beta   90.00
_cell.angle_gamma   90.00
#
_symmetry.space_group_name_H-M   'P 1'
#
loop_
_entity.id
_entity.type
_entity.pdbx_description
1 polymer 'Polymerase acidic protein'
2 polymer 'RNA-directed RNA polymerase catalytic subunit'
3 polymer 'Polymerase basic protein 2,Immunoglobulin G-binding protein A'
4 polymer "RNA (5'-R(P*GP*GP*CP*CP*UP*GP*CP*U)-3')"
5 polymer "RNA (5'-R(P*AP*GP*UP*AP*GP*AP*AP*AP*CP*AP*AP*GP*GP*CP*C)-3')"
6 polymer 'Nanobody8196 core'
#
loop_
_entity_poly.entity_id
_entity_poly.type
_entity_poly.pdbx_seq_one_letter_code
_entity_poly.pdbx_strand_id
1 'polypeptide(L)'
;MEDFVRQCFNPMIVELAEKAMKEYGEDLKIETNKFAAICTHLEVCFMYSDFHFINERGESIIVESGDPNALLKHRFEIIE
GRDRTMAWTVVNSICNTTGAEKPKFLPDLYDYKENRFIEIGVTRREVHIYYLEKANKIKSEKTHIHIFSFTGEEMATKAD
YTLDEESRARIKTRLFTIRQEMASRGLWDSFRQSERGEETIEERFEITGTMRRLADQSLPPNFSSLENFRAYVDGFEPNG
YIEGKLSQMSKEVNARIEPFLKTTPRPLRLPDGPPCSQRSKFLLMDALKLSIEDPSHEGEGIPLYDAIKCMRTFFGWKEP
NVVKPHEKGINPNYLLAWKQVLAELQDIENEEKIPKTKNMKKTSQLKWALGENMAPEKVDFDDCKDVSDLKQYDSDEPEL
RSLASWIQSEFNKACELTDSSWIELDEIGEDVAPIEHIASMRRNYFTAEVSHCRATEYIMKGVYINTALLNASCAAMDDF
QLIPMISKCRTKEGRRKTNLYGFIIKGRSHLRNDTDVVNFVSMEFSLTDPRLEPHKWEKYCVLEIGDMLLRSAIGQVSRP
MFLYVRTNGTSKIKMKWGMEMRRCLLQSLQQIESMIEAESSVKEKDMTKEFFENKSETWPIGESPKGVEEGSIGKVCRTL
LAKSVFNSLYASPQLEGFSAESRKLLLIVQALRDNLEPGTFDLGGLYEAIEECLINDPWVLLNASWFNSFLTHALR
;
A
2 'polypeptide(L)'
;MDVNPTLLFLKVPAQNAISTTFPYTGDPPYSHGTGTGYTMDTVNRTHQYSEKGRWTTNTETGAPQLNPIDGPLPEDNEPS
GYAQTDCVLEAMAFLEESHPGIFENSCLETMEVVQQTRVDKLTQGRQTYDWTLNRNQPAATALANTIEVFRSNGLTANES
GRLIDFLKDVMESMDKEEMEITTHFQRKRRVRDNMTKKMVTQRTIGKKKQRLNKRSYLIRALTLNTMTKDAERGKLKRRA
IATPGMQIRGFVYFVETLARSICEKLEQSGLPVGGNEKKAKLANVVRKMMTNSQDTELSFTITGDNTKWNENQNPRMFLA
MITYITRNQPEWFRNVLSIAPIMFSNKMARLGKGYMFESKSMKLRTQIPAEMLASIDLKYFNDSTRKKIEKIRPLLIDGT
ASLSPGMMMGMFNMLSTVLGVSILNLGQKRYTKTTYWWDGLQSSDDFALIVNAPNHEGIQAGVDRFYRTCKLLGINMSKK
KSYINRTGTFEFTSFFYRYGFVANFSMELPSFGVSGINESADMSIGVTVIKNNMINNDLGPATAQMALQLFIKDYRYTYR
CHRGDTQIQTRRSFEIKKLWEQTRSKAGLLVSDGGPNLYNIRNLHIPEVCLKWELMDEDYQGRLCNPLNPFVSHKEIESV
NNAVMMPAHGPAKNMEYDAVATTHSWIPKRNRSILNTSQRGILEDEQMYQKCCNLFEKFFPSSSYRRPVGISSMVEAMVS
RARIDARIDFESGRIKKEEFAEIMKICSTIEELRRQK
;
B
3 'polypeptide(L)'
;MERIKELRDLMSQSRTREILTKTTVDHMAIIKKYTSGRQEKNPALRMKWMMAMKYPITADKRIMEMIPERNEQGQTLWSK
TNDAGSDRVMVSPLAVTWWNRNGPTTSAVHYPKIYKTYFEKVERLKHGTFGPVHFRNQVKIRRRVDINPGHADLSAKEAQ
DVIMEVVFPNEVGARILTSESQLTITKEKKEELQDCKISPLMVAYMLERELVRKTRFLPVAGGTSSVYIEVLHLTQGTCW
EQMYTPGGEVRNDDVDQSLIIAARNIVRRATVSADPLASLLEMCHSTQIGGIRMVDILRQNPTEEQAVDICKAAMGLRIS
SSFSFGGFTFKRTSGSSVKREEEVLTGNLQTLKIRVHEGYEEFTMVGRRATAILRKATRRLIQLIVSGRDEQSIAEAIIV
AMVFSQEDCMIKAVRGDLNFVNRANQRLNPMHQLLRHFQKDAKVLFQNWGIEPIDNVMGMIGILPDMTPSTEMSMRGVRV
SKMGVDEYSSTERVVVSIDRFLRVRDQRGNVLLSPEEVSETQGTEKLTITYSSSMMWEVNGPESVLVNTYQWIIRNWETV
KIQWSQNPTMLYNKMEFEPFQSLVPKAARGQYSGFVRTLFQQMRDVLGTFDTVQIIKLLPFAAAPPKQSRMQFSSLTVNV
RGSGMRILVRGNSPVFNYNKATKRLTVLGKDAGALTEDPDEGTAGVESAVLRGFLILGKEDRRYGPALSINELSNLAKGE
KANVLIGQGDVVLVMKRKRDSSILTDSQTATKRIRMAINENLYFQGELKTAALAQHDEAVDNKFNKEQQNAFYEILHLPN
LNEEQRNAFIQSLKDDPSQSANLLAEAKKLNDAQAPKVDNKFNKEQQNAFYEILHLPNLNEEQRNAFIQSLKADPSQSAN
LLAEAKKLNGAQAPKVDANSAGKST
;
C
4 'polyribonucleotide' GGCCUGCUUUUGCUAUU E
5 'polyribonucleotide' AGUAGAAACAAGGCC D
6 'polypeptide(L)'
;QVQLQESGGGLVQAGDSLRLSCTTSGSSLSRYGVGWFRQAPGEEREFGASISWNGATYYADSVKGRFTISRDNAKNTVYL
QMNSLKAEDTAVYYCAARSDGYLTPYLSPVYWGQGTQVTVSSHHHHHHEPEA
;
F
#
# COMPACT_ATOMS: atom_id res chain seq x y z
N MET A 1 28.06 42.91 34.68
CA MET A 1 29.28 42.68 33.86
C MET A 1 28.96 42.82 32.37
N GLU A 2 27.74 42.44 32.00
CA GLU A 2 27.31 42.54 30.60
C GLU A 2 27.34 43.98 30.09
N ASP A 3 27.31 44.97 30.98
CA ASP A 3 27.41 46.35 30.52
C ASP A 3 28.70 46.58 29.75
N PHE A 4 29.77 45.88 30.12
CA PHE A 4 31.04 46.01 29.39
C PHE A 4 30.89 45.61 27.93
N VAL A 5 30.22 44.49 27.66
CA VAL A 5 30.02 44.08 26.26
C VAL A 5 28.95 44.90 25.57
N ARG A 6 28.05 45.53 26.33
CA ARG A 6 27.20 46.57 25.75
C ARG A 6 28.05 47.73 25.24
N GLN A 7 29.03 48.15 26.05
CA GLN A 7 29.76 49.39 25.76
C GLN A 7 30.81 49.19 24.67
N CYS A 8 31.80 48.34 24.92
CA CYS A 8 33.02 48.40 24.13
C CYS A 8 32.88 47.74 22.77
N PHE A 9 32.61 46.44 22.75
CA PHE A 9 32.77 45.66 21.53
C PHE A 9 31.72 46.01 20.48
N ASN A 10 32.11 45.83 19.21
CA ASN A 10 31.26 46.17 18.09
C ASN A 10 30.09 45.20 18.00
N PRO A 11 29.02 45.59 17.27
CA PRO A 11 27.88 44.67 17.13
C PRO A 11 28.27 43.31 16.57
N MET A 12 28.92 43.30 15.40
CA MET A 12 29.28 42.04 14.74
C MET A 12 29.74 40.99 15.74
N ILE A 13 30.70 41.33 16.60
CA ILE A 13 31.23 40.33 17.52
C ILE A 13 30.20 39.96 18.57
N VAL A 14 29.39 40.91 19.05
CA VAL A 14 28.48 40.57 20.13
C VAL A 14 27.39 39.62 19.64
N GLU A 15 26.86 39.83 18.43
CA GLU A 15 25.88 38.85 17.95
C GLU A 15 26.54 37.54 17.53
N LEU A 16 27.79 37.57 17.05
CA LEU A 16 28.48 36.30 16.82
C LEU A 16 28.60 35.51 18.11
N ALA A 17 28.99 36.19 19.19
CA ALA A 17 29.11 35.52 20.48
C ALA A 17 27.75 35.10 21.02
N GLU A 18 26.69 35.86 20.72
CA GLU A 18 25.35 35.46 21.15
C GLU A 18 24.88 34.19 20.44
N LYS A 19 25.17 34.07 19.15
CA LYS A 19 24.83 32.83 18.46
C LYS A 19 25.69 31.67 18.93
N ALA A 20 26.97 31.91 19.22
CA ALA A 20 27.79 30.86 19.84
C ALA A 20 27.23 30.50 21.21
N MET A 21 26.62 31.46 21.90
CA MET A 21 25.98 31.20 23.18
C MET A 21 24.80 30.26 23.00
N LYS A 22 23.95 30.57 22.02
CA LYS A 22 22.82 29.69 21.70
C LYS A 22 23.27 28.32 21.21
N GLU A 23 24.47 28.22 20.63
CA GLU A 23 24.96 26.96 20.07
C GLU A 23 24.81 25.79 21.04
N TYR A 24 25.46 25.88 22.20
CA TYR A 24 25.47 24.78 23.14
C TYR A 24 24.34 24.83 24.16
N GLY A 25 23.43 25.80 24.03
CA GLY A 25 22.15 25.73 24.73
C GLY A 25 22.13 26.17 26.17
N GLU A 26 23.15 26.88 26.65
CA GLU A 26 23.13 27.42 28.01
C GLU A 26 22.73 28.89 27.98
N ASP A 27 22.16 29.35 29.08
CA ASP A 27 21.58 30.68 29.16
C ASP A 27 22.60 31.69 29.65
N LEU A 28 22.51 32.92 29.09
CA LEU A 28 23.51 33.95 29.35
C LEU A 28 23.29 34.65 30.69
N LYS A 29 22.10 34.57 31.27
CA LYS A 29 21.83 35.32 32.51
C LYS A 29 22.50 34.68 33.72
N ILE A 30 22.78 33.38 33.68
CA ILE A 30 23.35 32.70 34.83
C ILE A 30 24.86 32.93 34.94
N GLU A 31 25.58 32.85 33.82
CA GLU A 31 27.03 33.03 33.84
C GLU A 31 27.43 33.77 32.57
N THR A 32 27.86 35.02 32.73
CA THR A 32 28.21 35.87 31.59
C THR A 32 29.71 36.02 31.38
N ASN A 33 30.53 35.73 32.39
CA ASN A 33 31.97 35.87 32.22
C ASN A 33 32.49 35.01 31.07
N LYS A 34 31.86 33.87 30.83
CA LYS A 34 32.23 33.05 29.67
C LYS A 34 31.98 33.82 28.38
N PHE A 35 30.85 34.53 28.32
CA PHE A 35 30.54 35.32 27.14
C PHE A 35 31.64 36.33 26.87
N ALA A 36 32.05 37.08 27.89
CA ALA A 36 33.10 38.07 27.71
C ALA A 36 34.42 37.43 27.32
N ALA A 37 34.80 36.33 28.00
CA ALA A 37 36.08 35.70 27.72
C ALA A 37 36.15 35.20 26.28
N ILE A 38 35.12 34.47 25.85
CA ILE A 38 35.14 33.92 24.50
C ILE A 38 34.93 35.00 23.44
N CYS A 39 34.23 36.10 23.76
CA CYS A 39 34.13 37.19 22.80
C CYS A 39 35.46 37.91 22.65
N THR A 40 36.23 38.03 23.73
CA THR A 40 37.59 38.56 23.61
C THR A 40 38.48 37.61 22.81
N HIS A 41 38.32 36.30 23.01
CA HIS A 41 39.03 35.33 22.17
C HIS A 41 38.69 35.54 20.71
N LEU A 42 37.41 35.70 20.41
CA LEU A 42 36.96 35.91 19.03
C LEU A 42 37.49 37.23 18.49
N GLU A 43 37.54 38.27 19.33
CA GLU A 43 38.07 39.57 18.91
C GLU A 43 39.54 39.47 18.56
N VAL A 44 40.33 38.78 19.39
CA VAL A 44 41.74 38.63 19.06
C VAL A 44 41.88 37.82 17.79
N CYS A 45 41.01 36.83 17.60
CA CYS A 45 41.02 36.07 16.34
C CYS A 45 40.84 37.00 15.14
N PHE A 46 39.81 37.84 15.17
CA PHE A 46 39.64 38.80 14.07
C PHE A 46 40.87 39.67 13.92
N MET A 47 41.20 40.42 14.98
CA MET A 47 42.21 41.46 14.88
C MET A 47 43.55 40.88 14.48
N TYR A 48 43.76 39.59 14.74
CA TYR A 48 44.96 38.86 14.33
C TYR A 48 44.86 38.42 12.87
N SER A 49 43.65 38.12 12.40
CA SER A 49 43.48 37.65 11.03
C SER A 49 43.36 38.80 10.04
N ASP A 50 42.50 39.77 10.33
CA ASP A 50 42.29 40.88 9.42
C ASP A 50 43.54 41.75 9.31
N PHE A 51 43.49 42.70 8.38
CA PHE A 51 44.60 43.62 8.15
C PHE A 51 45.85 42.87 7.68
N HIS A 52 45.69 41.60 7.30
CA HIS A 52 46.80 40.75 6.90
C HIS A 52 46.44 40.07 5.59
N PHE A 53 47.08 40.48 4.51
CA PHE A 53 46.79 39.97 3.17
C PHE A 53 48.06 39.37 2.57
N ILE A 54 47.87 38.59 1.50
CA ILE A 54 48.98 37.99 0.77
C ILE A 54 48.75 38.18 -0.72
N ASN A 55 49.85 38.26 -1.46
CA ASN A 55 49.84 38.24 -2.91
C ASN A 55 50.53 36.96 -3.40
N GLU A 56 50.73 36.84 -4.72
CA GLU A 56 51.26 35.62 -5.30
C GLU A 56 52.55 35.16 -4.62
N ARG A 57 53.27 36.04 -3.96
CA ARG A 57 54.45 35.66 -3.19
C ARG A 57 54.01 35.09 -1.83
N GLY A 58 54.98 34.92 -0.94
CA GLY A 58 54.69 34.71 0.46
C GLY A 58 54.57 36.06 1.14
N GLU A 59 55.38 36.29 2.16
CA GLU A 59 55.69 37.64 2.64
C GLU A 59 54.46 38.54 2.62
N SER A 60 53.48 38.16 3.43
CA SER A 60 52.16 38.79 3.43
C SER A 60 52.24 40.30 3.26
N ILE A 61 51.37 40.82 2.40
CA ILE A 61 51.18 42.26 2.25
C ILE A 61 50.23 42.74 3.34
N ILE A 62 50.66 43.71 4.14
CA ILE A 62 49.88 44.23 5.25
C ILE A 62 49.42 45.64 4.89
N VAL A 63 48.11 45.83 4.81
CA VAL A 63 47.51 47.11 4.48
C VAL A 63 46.47 47.44 5.54
N GLU A 64 46.49 48.68 6.02
CA GLU A 64 45.52 49.11 7.02
C GLU A 64 44.09 49.10 6.47
N SER A 65 43.93 49.20 5.16
CA SER A 65 42.61 49.17 4.54
C SER A 65 42.74 48.54 3.16
N GLY A 66 41.95 47.50 2.91
CA GLY A 66 41.99 46.82 1.63
C GLY A 66 41.56 47.71 0.48
N ASP A 67 42.46 47.97 -0.45
CA ASP A 67 42.17 48.82 -1.59
C ASP A 67 41.36 48.05 -2.63
N PRO A 68 40.59 48.75 -3.48
CA PRO A 68 39.81 48.05 -4.51
C PRO A 68 40.72 47.35 -5.50
N ASN A 69 40.64 46.02 -5.51
CA ASN A 69 41.47 45.21 -6.39
C ASN A 69 41.12 43.74 -6.26
N ALA A 70 41.69 42.90 -7.13
CA ALA A 70 41.61 41.46 -6.95
C ALA A 70 42.55 40.97 -5.85
N LEU A 71 43.42 41.86 -5.35
CA LEU A 71 44.41 41.50 -4.34
C LEU A 71 43.87 41.75 -2.93
N LEU A 72 42.83 40.98 -2.58
CA LEU A 72 42.21 41.05 -1.26
C LEU A 72 42.35 39.74 -0.49
N LYS A 73 43.27 38.88 -0.89
CA LYS A 73 43.52 37.63 -0.17
C LYS A 73 43.84 37.91 1.29
N HIS A 74 43.31 37.07 2.18
CA HIS A 74 43.54 37.20 3.61
C HIS A 74 44.64 36.25 4.05
N ARG A 75 45.60 36.76 4.83
CA ARG A 75 46.71 35.92 5.28
C ARG A 75 46.21 34.76 6.12
N PHE A 76 45.42 35.05 7.15
CA PHE A 76 44.87 34.03 8.03
C PHE A 76 43.36 34.00 7.84
N GLU A 77 42.84 32.79 7.60
CA GLU A 77 41.41 32.61 7.37
C GLU A 77 40.79 31.91 8.57
N ILE A 78 39.69 32.47 9.06
CA ILE A 78 39.21 32.15 10.41
C ILE A 78 38.44 30.83 10.40
N ILE A 79 38.58 30.08 11.51
CA ILE A 79 37.86 28.84 11.71
C ILE A 79 36.64 29.11 12.58
N GLU A 80 36.87 29.65 13.77
CA GLU A 80 35.80 29.91 14.72
C GLU A 80 34.96 31.08 14.20
N GLY A 81 33.92 31.45 14.95
CA GLY A 81 32.93 32.37 14.43
C GLY A 81 31.93 31.68 13.52
N ARG A 82 31.88 30.35 13.56
CA ARG A 82 31.02 29.56 12.70
C ARG A 82 30.41 28.45 13.56
N ASP A 83 29.40 27.79 13.01
CA ASP A 83 28.78 26.68 13.71
C ASP A 83 29.71 25.46 13.68
N ARG A 84 29.47 24.52 14.59
CA ARG A 84 30.30 23.33 14.66
C ARG A 84 30.30 22.57 13.33
N THR A 85 29.12 22.46 12.71
CA THR A 85 29.03 21.77 11.43
C THR A 85 29.92 22.43 10.39
N MET A 86 29.86 23.76 10.29
CA MET A 86 30.71 24.43 9.31
C MET A 86 32.17 24.47 9.75
N ALA A 87 32.45 24.56 11.04
CA ALA A 87 33.84 24.51 11.48
C ALA A 87 34.49 23.20 11.06
N TRP A 88 33.75 22.10 11.22
CA TRP A 88 34.28 20.81 10.78
C TRP A 88 34.25 20.67 9.26
N THR A 89 33.32 21.36 8.60
CA THR A 89 33.35 21.42 7.14
C THR A 89 34.64 22.05 6.66
N VAL A 90 35.02 23.20 7.22
CA VAL A 90 36.26 23.86 6.84
C VAL A 90 37.46 23.01 7.21
N VAL A 91 37.42 22.37 8.39
CA VAL A 91 38.53 21.50 8.77
C VAL A 91 38.74 20.42 7.73
N ASN A 92 37.68 19.70 7.37
CA ASN A 92 37.80 18.60 6.42
C ASN A 92 38.20 19.10 5.05
N SER A 93 37.65 20.23 4.61
CA SER A 93 38.01 20.76 3.29
C SER A 93 39.48 21.13 3.24
N ILE A 94 39.99 21.78 4.29
CA ILE A 94 41.40 22.15 4.32
C ILE A 94 42.27 20.91 4.31
N CYS A 95 41.89 19.90 5.11
CA CYS A 95 42.68 18.67 5.14
C CYS A 95 42.71 18.00 3.78
N ASN A 96 41.57 17.95 3.08
CA ASN A 96 41.50 17.28 1.80
C ASN A 96 42.17 18.07 0.68
N THR A 97 42.25 19.40 0.80
CA THR A 97 42.89 20.20 -0.24
C THR A 97 44.37 20.47 0.08
N THR A 98 44.70 20.69 1.36
CA THR A 98 46.07 20.94 1.75
C THR A 98 46.88 19.68 1.99
N GLY A 99 46.23 18.52 2.05
CA GLY A 99 46.94 17.27 2.30
C GLY A 99 47.53 17.22 3.70
N ALA A 100 47.03 18.06 4.59
CA ALA A 100 47.53 18.12 5.96
C ALA A 100 46.80 17.10 6.83
N GLU A 101 47.12 17.08 8.12
CA GLU A 101 46.51 16.16 9.07
C GLU A 101 45.29 16.81 9.73
N LYS A 102 44.29 15.99 10.02
CA LYS A 102 43.04 16.50 10.57
C LYS A 102 43.14 16.57 12.09
N PRO A 103 43.02 17.75 12.70
CA PRO A 103 42.99 17.82 14.16
C PRO A 103 41.67 17.31 14.71
N LYS A 104 41.71 16.91 15.98
CA LYS A 104 40.54 16.34 16.64
C LYS A 104 39.70 17.40 17.33
N PHE A 105 40.24 18.60 17.56
CA PHE A 105 39.53 19.71 18.19
C PHE A 105 39.47 20.89 17.23
N LEU A 106 38.84 21.96 17.67
CA LEU A 106 38.57 23.11 16.82
C LEU A 106 39.79 24.02 16.74
N PRO A 107 40.37 24.24 15.55
CA PRO A 107 41.38 25.30 15.43
C PRO A 107 40.74 26.67 15.30
N ASP A 108 41.54 27.71 15.09
CA ASP A 108 41.04 29.07 15.00
C ASP A 108 41.36 29.76 13.68
N LEU A 109 42.42 29.35 12.98
CA LEU A 109 42.85 30.07 11.79
C LEU A 109 43.66 29.12 10.93
N TYR A 110 43.76 29.45 9.64
CA TYR A 110 44.65 28.73 8.73
C TYR A 110 45.53 29.73 7.97
N ASP A 111 46.77 29.32 7.71
CA ASP A 111 47.76 30.12 7.01
C ASP A 111 48.42 29.32 5.90
N TYR A 112 48.80 30.05 4.84
CA TYR A 112 49.36 29.45 3.64
C TYR A 112 50.87 29.24 3.74
N LYS A 113 51.62 30.30 4.06
CA LYS A 113 53.08 30.22 4.12
C LYS A 113 53.52 28.90 4.73
N GLU A 114 53.05 28.66 5.94
CA GLU A 114 53.35 27.46 6.70
C GLU A 114 52.27 26.38 6.55
N ASN A 115 51.24 26.65 5.77
CA ASN A 115 50.22 25.67 5.39
C ASN A 115 49.71 24.90 6.60
N ARG A 116 49.18 25.62 7.58
CA ARG A 116 48.72 24.93 8.77
C ARG A 116 47.84 25.84 9.63
N PHE A 117 47.37 25.26 10.74
CA PHE A 117 46.37 25.84 11.61
C PHE A 117 47.00 26.63 12.74
N ILE A 118 46.18 27.52 13.32
CA ILE A 118 46.53 28.29 14.51
C ILE A 118 45.36 28.18 15.47
N GLU A 119 45.64 27.80 16.72
CA GLU A 119 44.62 27.72 17.77
C GLU A 119 44.94 28.81 18.79
N ILE A 120 44.34 29.99 18.60
CA ILE A 120 44.62 31.13 19.46
C ILE A 120 43.77 31.01 20.72
N GLY A 121 44.41 31.13 21.88
CA GLY A 121 43.69 31.22 23.12
C GLY A 121 44.40 32.14 24.09
N VAL A 122 43.71 33.16 24.55
CA VAL A 122 44.25 34.12 25.52
C VAL A 122 43.50 33.89 26.82
N THR A 123 44.18 33.30 27.80
CA THR A 123 43.58 32.97 29.08
C THR A 123 44.07 33.94 30.15
N ARG A 124 43.32 33.99 31.25
CA ARG A 124 43.68 34.86 32.37
C ARG A 124 45.00 34.44 32.97
N ARG A 125 45.21 33.13 33.14
CA ARG A 125 46.44 32.63 33.70
C ARG A 125 47.61 32.88 32.75
N GLU A 126 48.82 32.76 33.29
CA GLU A 126 50.01 33.01 32.48
C GLU A 126 50.16 31.94 31.41
N VAL A 127 50.89 32.30 30.34
CA VAL A 127 50.92 31.48 29.14
C VAL A 127 51.61 30.14 29.39
N HIS A 128 52.75 30.17 30.09
CA HIS A 128 53.65 29.02 30.11
C HIS A 128 53.06 27.79 30.78
N ILE A 129 51.81 27.85 31.22
CA ILE A 129 51.09 26.68 31.70
C ILE A 129 49.92 26.33 30.79
N TYR A 130 49.13 27.34 30.40
CA TYR A 130 48.00 27.12 29.51
C TYR A 130 48.45 26.54 28.17
N TYR A 131 49.63 26.95 27.70
CA TYR A 131 50.16 26.47 26.43
C TYR A 131 50.27 24.96 26.44
N LEU A 132 51.10 24.43 27.33
CA LEU A 132 51.26 22.97 27.41
C LEU A 132 49.99 22.27 27.88
N GLU A 133 49.11 22.95 28.61
CA GLU A 133 47.83 22.35 28.93
C GLU A 133 47.05 22.02 27.65
N LYS A 134 46.74 23.04 26.86
CA LYS A 134 46.05 22.77 25.60
C LYS A 134 46.86 21.89 24.68
N ALA A 135 48.19 21.89 24.81
CA ALA A 135 49.02 21.01 24.00
C ALA A 135 48.78 19.54 24.35
N ASN A 136 48.68 19.23 25.64
CA ASN A 136 48.43 17.85 26.03
C ASN A 136 46.96 17.49 25.85
N LYS A 137 46.08 18.49 25.72
CA LYS A 137 44.73 18.21 25.28
C LYS A 137 44.69 17.74 23.82
N ILE A 138 45.58 18.25 22.99
CA ILE A 138 45.61 17.95 21.56
C ILE A 138 46.72 16.93 21.31
N LYS A 139 46.39 15.85 20.61
CA LYS A 139 47.29 14.71 20.49
C LYS A 139 48.20 14.86 19.29
N SER A 140 49.53 14.80 19.53
CA SER A 140 50.52 14.75 18.47
C SER A 140 50.22 15.78 17.38
N GLU A 141 50.24 17.05 17.75
CA GLU A 141 49.75 18.11 16.87
C GLU A 141 50.91 18.80 16.16
N LYS A 142 50.77 18.97 14.85
CA LYS A 142 51.67 19.79 14.05
C LYS A 142 51.17 21.20 13.87
N THR A 143 49.87 21.44 14.02
CA THR A 143 49.36 22.80 14.09
C THR A 143 50.08 23.57 15.18
N HIS A 144 50.68 24.68 14.79
CA HIS A 144 51.38 25.55 15.74
C HIS A 144 50.37 26.24 16.64
N ILE A 145 50.73 26.38 17.91
CA ILE A 145 49.88 26.97 18.93
C ILE A 145 50.56 28.25 19.42
N HIS A 146 49.76 29.29 19.63
CA HIS A 146 50.28 30.57 20.12
C HIS A 146 49.23 31.19 21.04
N ILE A 147 49.66 31.61 22.23
CA ILE A 147 48.75 32.15 23.24
C ILE A 147 49.37 33.39 23.86
N PHE A 148 48.51 34.35 24.20
CA PHE A 148 48.88 35.50 25.01
C PHE A 148 48.25 35.38 26.40
N SER A 149 48.69 36.26 27.30
CA SER A 149 48.07 36.38 28.62
C SER A 149 48.20 37.82 29.08
N PHE A 150 47.34 38.20 30.04
CA PHE A 150 47.12 39.61 30.32
C PHE A 150 48.39 40.35 30.72
N THR A 151 49.36 39.65 31.32
CA THR A 151 50.56 40.35 31.78
C THR A 151 51.32 40.94 30.61
N GLY A 152 51.09 40.44 29.39
CA GLY A 152 51.69 41.01 28.20
C GLY A 152 52.69 40.09 27.52
N GLU A 153 52.87 38.89 28.07
CA GLU A 153 53.88 37.97 27.57
C GLU A 153 53.33 37.13 26.42
N GLU A 154 54.23 36.74 25.53
CA GLU A 154 53.93 35.84 24.42
C GLU A 154 54.87 34.64 24.47
N MET A 155 54.42 33.54 23.86
CA MET A 155 55.26 32.34 23.78
C MET A 155 54.78 31.48 22.62
N ALA A 156 55.63 30.55 22.22
CA ALA A 156 55.26 29.56 21.22
C ALA A 156 56.36 28.53 21.06
N THR A 157 55.99 27.32 20.62
CA THR A 157 56.99 26.31 20.32
C THR A 157 57.71 26.69 19.02
N LYS A 158 58.87 26.07 18.79
CA LYS A 158 59.77 26.40 17.70
C LYS A 158 60.27 27.84 17.80
N ALA A 159 60.00 28.53 18.90
CA ALA A 159 60.24 29.97 19.01
C ALA A 159 59.62 30.72 17.83
N ASP A 160 58.54 30.17 17.28
CA ASP A 160 57.96 30.66 16.04
C ASP A 160 56.87 31.70 16.34
N TYR A 161 56.98 32.85 15.68
CA TYR A 161 55.93 33.87 15.70
C TYR A 161 55.69 34.25 14.26
N THR A 162 54.47 34.04 13.78
CA THR A 162 54.23 33.86 12.35
C THR A 162 54.08 35.15 11.56
N LEU A 163 53.99 36.32 12.19
CA LEU A 163 53.82 37.54 11.41
C LEU A 163 54.45 38.71 12.19
N ASP A 164 54.17 39.93 11.72
CA ASP A 164 54.78 41.15 12.21
C ASP A 164 54.67 41.29 13.72
N GLU A 165 55.64 41.95 14.34
CA GLU A 165 55.62 42.20 15.78
C GLU A 165 54.78 43.41 16.16
N GLU A 166 54.61 44.37 15.25
CA GLU A 166 53.73 45.49 15.56
C GLU A 166 52.29 45.02 15.75
N SER A 167 51.89 43.97 15.02
CA SER A 167 50.58 43.37 15.25
C SER A 167 50.48 42.81 16.66
N ARG A 168 51.55 42.17 17.14
CA ARG A 168 51.53 41.62 18.50
C ARG A 168 51.53 42.73 19.55
N ALA A 169 52.23 43.84 19.27
CA ALA A 169 52.11 45.01 20.15
C ALA A 169 50.67 45.49 20.18
N ARG A 170 50.02 45.49 19.03
CA ARG A 170 48.58 45.75 18.94
C ARG A 170 47.80 44.82 19.87
N ILE A 171 48.10 43.53 19.79
CA ILE A 171 47.38 42.52 20.57
C ILE A 171 47.51 42.83 22.07
N LYS A 172 48.74 43.06 22.53
CA LYS A 172 48.94 43.27 23.96
C LYS A 172 48.46 44.65 24.42
N THR A 173 48.45 45.65 23.54
CA THR A 173 47.82 46.92 23.88
C THR A 173 46.33 46.73 24.07
N ARG A 174 45.70 45.97 23.19
CA ARG A 174 44.29 45.62 23.31
C ARG A 174 44.08 44.89 24.63
N LEU A 175 45.02 44.01 24.94
CA LEU A 175 44.95 43.18 26.14
C LEU A 175 44.95 44.01 27.41
N PHE A 176 45.94 44.90 27.55
CA PHE A 176 45.98 45.76 28.72
C PHE A 176 44.88 46.82 28.72
N THR A 177 44.38 47.23 27.55
CA THR A 177 43.16 48.03 27.53
C THR A 177 42.04 47.30 28.24
N ILE A 178 41.85 46.02 27.88
CA ILE A 178 40.85 45.20 28.55
C ILE A 178 41.11 45.20 30.05
N ARG A 179 42.37 44.94 30.43
CA ARG A 179 42.72 44.76 31.83
C ARG A 179 42.44 46.03 32.64
N GLN A 180 43.13 47.12 32.33
CA GLN A 180 42.89 48.34 33.08
C GLN A 180 41.63 49.08 32.65
N GLU A 181 40.72 48.42 31.91
CA GLU A 181 39.35 48.92 31.88
C GLU A 181 38.48 48.17 32.89
N MET A 182 38.66 46.85 33.00
CA MET A 182 38.03 46.18 34.13
C MET A 182 38.51 46.82 35.43
N ALA A 183 39.73 47.36 35.42
CA ALA A 183 40.22 48.08 36.59
C ALA A 183 39.21 49.15 37.02
N SER A 184 38.72 49.92 36.06
CA SER A 184 37.61 50.82 36.34
C SER A 184 36.33 50.06 36.69
N ARG A 185 36.14 48.86 36.14
CA ARG A 185 34.94 48.09 36.45
C ARG A 185 35.10 47.30 37.76
N GLY A 186 36.12 46.44 37.84
CA GLY A 186 36.41 45.72 39.07
C GLY A 186 35.91 44.29 39.15
N LEU A 187 36.29 43.46 38.18
CA LEU A 187 35.70 42.13 38.03
C LEU A 187 36.59 40.96 38.48
N TRP A 188 37.84 41.21 38.87
CA TRP A 188 38.75 40.07 39.11
C TRP A 188 38.40 39.25 40.33
N ASP A 189 37.39 39.62 41.12
CA ASP A 189 36.93 38.73 42.18
C ASP A 189 36.49 37.39 41.61
N SER A 190 36.14 37.35 40.32
CA SER A 190 35.78 36.11 39.65
C SER A 190 36.37 35.98 38.25
N PHE A 191 37.00 37.03 37.71
CA PHE A 191 37.40 37.01 36.31
C PHE A 191 38.42 35.92 36.03
N ARG A 192 39.41 35.77 36.93
CA ARG A 192 40.42 34.75 36.74
C ARG A 192 39.80 33.35 36.72
N GLN A 193 38.88 33.09 37.64
CA GLN A 193 38.24 31.78 37.78
C GLN A 193 36.73 32.00 37.86
N SER A 194 36.05 31.92 36.71
CA SER A 194 34.60 32.03 36.65
C SER A 194 33.93 30.86 35.95
N GLU A 195 34.65 30.09 35.13
CA GLU A 195 34.11 28.92 34.45
C GLU A 195 34.86 27.68 34.91
N ARG A 196 34.12 26.63 35.24
CA ARG A 196 34.70 25.39 35.72
C ARG A 196 34.26 24.18 34.91
N GLY A 197 33.52 24.39 33.81
CA GLY A 197 33.10 23.30 32.97
C GLY A 197 31.87 22.59 33.48
N GLU A 198 30.77 23.32 33.64
CA GLU A 198 29.51 22.75 34.08
C GLU A 198 28.67 22.36 32.86
N GLU A 199 28.26 21.09 32.81
CA GLU A 199 27.35 20.60 31.76
C GLU A 199 26.34 19.66 32.42
N THR A 200 25.12 20.17 32.61
CA THR A 200 24.05 19.38 33.20
C THR A 200 22.72 20.05 32.89
N ILE A 201 21.69 19.23 32.70
CA ILE A 201 20.36 19.74 32.41
C ILE A 201 19.36 18.63 32.71
N GLU A 202 18.17 19.02 33.14
CA GLU A 202 17.08 18.08 33.42
C GLU A 202 15.94 18.38 32.46
N GLU A 203 15.44 17.34 31.79
CA GLU A 203 14.35 17.51 30.86
C GLU A 203 13.04 17.69 31.60
N ARG A 204 12.26 18.69 31.22
CA ARG A 204 11.04 19.06 31.91
C ARG A 204 9.89 19.03 30.93
N PHE A 205 8.93 18.14 31.18
CA PHE A 205 7.71 18.00 30.38
C PHE A 205 6.54 18.09 31.35
N GLU A 206 6.07 19.31 31.59
CA GLU A 206 5.10 19.58 32.63
C GLU A 206 3.71 19.73 32.03
N ILE A 207 2.75 18.99 32.59
CA ILE A 207 1.35 19.14 32.21
C ILE A 207 0.74 20.24 33.07
N THR A 208 0.23 21.29 32.41
CA THR A 208 -0.33 22.42 33.13
C THR A 208 -1.32 23.13 32.22
N GLY A 209 -2.12 24.00 32.83
CA GLY A 209 -3.12 24.73 32.06
C GLY A 209 -4.25 23.83 31.60
N THR A 210 -4.80 24.18 30.43
CA THR A 210 -5.96 23.45 29.92
C THR A 210 -5.66 21.96 29.81
N MET A 211 -4.47 21.62 29.30
CA MET A 211 -4.14 20.21 29.11
C MET A 211 -4.17 19.43 30.41
N ARG A 212 -3.95 20.09 31.54
CA ARG A 212 -4.08 19.40 32.82
C ARG A 212 -5.54 19.08 33.12
N ARG A 213 -6.44 20.04 32.87
CA ARG A 213 -7.85 19.79 33.14
C ARG A 213 -8.37 18.63 32.29
N LEU A 214 -7.95 18.57 31.03
CA LEU A 214 -8.31 17.42 30.20
C LEU A 214 -7.84 16.12 30.84
N ALA A 215 -6.67 16.13 31.45
CA ALA A 215 -6.18 14.94 32.13
C ALA A 215 -7.07 14.57 33.31
N ASP A 216 -7.68 15.58 33.96
CA ASP A 216 -8.59 15.32 35.06
C ASP A 216 -9.93 14.79 34.61
N GLN A 217 -10.24 14.84 33.31
CA GLN A 217 -11.50 14.35 32.78
C GLN A 217 -11.32 13.09 31.94
N SER A 218 -10.18 12.42 32.06
CA SER A 218 -9.88 11.21 31.32
C SER A 218 -9.49 10.08 32.28
N LEU A 219 -10.15 10.04 33.43
CA LEU A 219 -9.90 9.05 34.47
C LEU A 219 -11.12 8.16 34.66
N PRO A 220 -10.99 7.07 35.41
CA PRO A 220 -12.16 6.25 35.75
C PRO A 220 -13.23 7.08 36.43
N PRO A 221 -14.44 6.56 36.56
CA PRO A 221 -15.55 7.41 37.02
C PRO A 221 -15.35 8.01 38.39
N ASN A 222 -14.71 7.29 39.31
CA ASN A 222 -14.59 7.71 40.71
C ASN A 222 -13.21 8.26 41.04
N PHE A 223 -12.60 8.98 40.12
CA PHE A 223 -11.32 9.65 40.36
C PHE A 223 -11.45 11.13 40.04
N SER A 224 -10.72 11.96 40.77
CA SER A 224 -10.85 13.40 40.68
C SER A 224 -9.66 14.10 40.03
N SER A 225 -8.47 13.51 40.06
CA SER A 225 -7.29 14.17 39.52
C SER A 225 -6.30 13.12 39.04
N LEU A 226 -5.49 13.50 38.06
CA LEU A 226 -4.46 12.59 37.56
C LEU A 226 -3.45 12.25 38.66
N GLU A 227 -3.17 13.19 39.56
CA GLU A 227 -2.28 12.90 40.67
C GLU A 227 -2.82 11.75 41.51
N ASN A 228 -4.09 11.83 41.89
CA ASN A 228 -4.69 10.79 42.73
C ASN A 228 -4.71 9.45 42.01
N PHE A 229 -5.06 9.45 40.73
CA PHE A 229 -5.11 8.19 39.98
C PHE A 229 -3.73 7.57 39.86
N ARG A 230 -2.71 8.37 39.58
CA ARG A 230 -1.35 7.83 39.51
C ARG A 230 -0.89 7.31 40.86
N ALA A 231 -1.23 8.01 41.94
CA ALA A 231 -0.89 7.51 43.27
C ALA A 231 -1.57 6.17 43.54
N TYR A 232 -2.85 6.06 43.17
CA TYR A 232 -3.56 4.80 43.34
C TYR A 232 -2.92 3.68 42.53
N VAL A 233 -2.54 3.97 41.29
CA VAL A 233 -1.91 2.97 40.44
C VAL A 233 -0.59 2.51 41.04
N ASP A 234 0.24 3.47 41.50
CA ASP A 234 1.50 3.11 42.12
C ASP A 234 1.30 2.29 43.37
N GLY A 235 0.26 2.58 44.15
CA GLY A 235 -0.06 1.81 45.32
C GLY A 235 -0.85 0.56 45.07
N PHE A 236 -1.26 0.31 43.83
CA PHE A 236 -2.06 -0.86 43.52
C PHE A 236 -1.19 -2.10 43.44
N GLU A 237 -1.70 -3.21 44.00
CA GLU A 237 -1.06 -4.51 43.92
C GLU A 237 -2.13 -5.56 43.71
N PRO A 238 -1.82 -6.65 43.01
CA PRO A 238 -2.85 -7.66 42.74
C PRO A 238 -3.30 -8.36 44.01
N ASN A 239 -4.61 -8.35 44.25
CA ASN A 239 -5.20 -8.99 45.43
C ASN A 239 -6.43 -9.77 45.04
N GLY A 240 -6.36 -10.51 43.94
CA GLY A 240 -7.46 -11.34 43.49
C GLY A 240 -8.73 -10.56 43.21
N TYR A 241 -8.66 -9.60 42.29
CA TYR A 241 -9.84 -8.82 41.90
C TYR A 241 -10.55 -9.39 40.68
N ILE A 242 -9.83 -10.05 39.78
CA ILE A 242 -10.49 -10.69 38.64
C ILE A 242 -11.39 -11.82 39.12
N GLU A 243 -10.95 -12.57 40.12
CA GLU A 243 -11.76 -13.68 40.63
C GLU A 243 -13.06 -13.18 41.24
N GLY A 244 -13.00 -12.08 41.99
CA GLY A 244 -14.22 -11.57 42.62
C GLY A 244 -15.27 -11.17 41.61
N LYS A 245 -14.86 -10.44 40.57
CA LYS A 245 -15.82 -10.02 39.56
C LYS A 245 -16.27 -11.19 38.69
N LEU A 246 -15.39 -12.16 38.46
CA LEU A 246 -15.81 -13.36 37.74
C LEU A 246 -16.88 -14.11 38.51
N SER A 247 -16.72 -14.22 39.83
CA SER A 247 -17.75 -14.85 40.65
C SER A 247 -19.02 -14.03 40.68
N GLN A 248 -18.91 -12.71 40.75
CA GLN A 248 -20.09 -11.85 40.82
C GLN A 248 -20.77 -11.70 39.47
N MET A 249 -20.02 -11.80 38.38
CA MET A 249 -20.60 -11.62 37.06
C MET A 249 -21.66 -12.68 36.80
N SER A 250 -22.72 -12.29 36.09
CA SER A 250 -23.80 -13.21 35.80
C SER A 250 -23.30 -14.40 34.99
N LYS A 251 -23.85 -15.57 35.29
CA LYS A 251 -23.43 -16.80 34.62
C LYS A 251 -23.98 -16.92 33.20
N GLU A 252 -24.95 -16.08 32.82
CA GLU A 252 -25.44 -16.07 31.44
C GLU A 252 -24.38 -15.61 30.46
N VAL A 253 -23.31 -14.98 30.94
CA VAL A 253 -22.18 -14.59 30.09
C VAL A 253 -21.29 -15.81 29.93
N ASN A 254 -21.53 -16.58 28.86
CA ASN A 254 -20.80 -17.83 28.65
C ASN A 254 -20.52 -17.99 27.17
N ALA A 255 -19.64 -18.94 26.86
CA ALA A 255 -19.24 -19.27 25.50
C ALA A 255 -19.46 -20.76 25.25
N ARG A 256 -20.65 -21.25 25.60
CA ARG A 256 -20.94 -22.67 25.50
C ARG A 256 -20.73 -23.16 24.07
N ILE A 257 -20.13 -24.35 23.96
CA ILE A 257 -19.80 -24.94 22.67
C ILE A 257 -20.96 -25.82 22.22
N GLU A 258 -21.52 -25.52 21.05
CA GLU A 258 -22.56 -26.35 20.47
C GLU A 258 -21.92 -27.40 19.57
N PRO A 259 -22.09 -28.69 19.85
CA PRO A 259 -21.47 -29.71 18.98
C PRO A 259 -21.96 -29.58 17.54
N PHE A 260 -21.04 -29.84 16.61
CA PHE A 260 -21.32 -29.78 15.18
C PHE A 260 -21.30 -31.20 14.64
N LEU A 261 -22.47 -31.72 14.29
CA LEU A 261 -22.63 -33.09 13.83
C LEU A 261 -23.08 -33.09 12.37
N LYS A 262 -23.25 -34.31 11.82
CA LYS A 262 -23.68 -34.44 10.44
C LYS A 262 -25.07 -33.85 10.22
N THR A 263 -25.95 -33.97 11.22
CA THR A 263 -27.32 -33.50 11.09
C THR A 263 -27.48 -32.03 11.46
N THR A 264 -26.40 -31.36 11.87
CA THR A 264 -26.49 -29.97 12.32
C THR A 264 -26.61 -29.01 11.14
N PRO A 265 -25.70 -29.04 10.17
CA PRO A 265 -25.74 -28.02 9.11
C PRO A 265 -26.96 -28.18 8.21
N ARG A 266 -27.63 -27.07 7.94
CA ARG A 266 -28.79 -27.02 7.07
C ARG A 266 -28.42 -26.35 5.76
N PRO A 267 -29.14 -26.68 4.67
CA PRO A 267 -28.82 -26.06 3.38
C PRO A 267 -29.03 -24.55 3.42
N LEU A 268 -28.15 -23.83 2.72
CA LEU A 268 -28.27 -22.39 2.64
C LEU A 268 -29.50 -22.01 1.83
N ARG A 269 -30.30 -21.09 2.36
CA ARG A 269 -31.50 -20.65 1.68
C ARG A 269 -31.15 -19.63 0.60
N LEU A 270 -31.74 -19.80 -0.58
CA LEU A 270 -31.50 -18.87 -1.66
C LEU A 270 -32.64 -17.87 -1.78
N PRO A 271 -32.37 -16.63 -2.17
CA PRO A 271 -33.45 -15.64 -2.30
C PRO A 271 -34.43 -16.02 -3.40
N ASP A 272 -35.67 -15.58 -3.23
CA ASP A 272 -36.73 -15.83 -4.19
C ASP A 272 -37.18 -14.51 -4.83
N GLY A 273 -37.50 -14.59 -6.12
CA GLY A 273 -37.90 -13.42 -6.87
C GLY A 273 -37.84 -13.68 -8.36
N PRO A 274 -37.84 -12.61 -9.15
CA PRO A 274 -37.73 -12.78 -10.60
C PRO A 274 -36.42 -13.43 -10.96
N PRO A 275 -36.38 -14.20 -12.04
CA PRO A 275 -35.13 -14.90 -12.39
C PRO A 275 -33.96 -13.94 -12.57
N CYS A 276 -32.76 -14.49 -12.45
CA CYS A 276 -31.55 -13.69 -12.57
C CYS A 276 -31.23 -13.42 -14.03
N SER A 277 -30.73 -12.22 -14.31
CA SER A 277 -30.43 -11.77 -15.66
C SER A 277 -28.94 -11.85 -15.95
N GLN A 278 -28.59 -11.54 -17.19
CA GLN A 278 -27.20 -11.56 -17.62
C GLN A 278 -26.53 -10.23 -17.30
N ARG A 279 -25.30 -10.30 -16.79
CA ARG A 279 -24.56 -9.10 -16.41
C ARG A 279 -23.25 -8.93 -17.16
N SER A 280 -22.80 -9.92 -17.93
CA SER A 280 -21.52 -9.85 -18.61
C SER A 280 -21.48 -8.68 -19.58
N LYS A 281 -20.28 -8.22 -19.90
CA LYS A 281 -20.08 -7.14 -20.87
C LYS A 281 -20.07 -7.63 -22.30
N PHE A 282 -20.15 -8.95 -22.51
CA PHE A 282 -20.18 -9.51 -23.85
C PHE A 282 -20.80 -10.90 -23.77
N LEU A 283 -21.27 -11.39 -24.91
CA LEU A 283 -21.82 -12.73 -24.98
C LEU A 283 -20.72 -13.76 -24.77
N LEU A 284 -21.01 -14.77 -23.95
CA LEU A 284 -20.04 -15.83 -23.64
C LEU A 284 -20.41 -17.15 -24.31
N MET A 285 -21.64 -17.62 -24.11
CA MET A 285 -22.06 -18.90 -24.66
C MET A 285 -22.72 -18.77 -26.02
N ASP A 286 -23.20 -17.59 -26.39
CA ASP A 286 -23.97 -17.39 -27.61
C ASP A 286 -23.22 -16.53 -28.63
N ALA A 287 -21.89 -16.51 -28.54
CA ALA A 287 -21.10 -15.70 -29.46
C ALA A 287 -20.99 -16.38 -30.82
N LEU A 288 -20.81 -15.57 -31.85
CA LEU A 288 -20.59 -16.06 -33.21
C LEU A 288 -19.38 -15.36 -33.79
N LYS A 289 -18.66 -16.06 -34.67
CA LYS A 289 -17.37 -15.62 -35.16
C LYS A 289 -17.38 -15.54 -36.68
N LEU A 290 -17.05 -14.37 -37.22
CA LEU A 290 -16.80 -14.19 -38.63
C LEU A 290 -15.30 -14.08 -38.85
N SER A 291 -14.77 -14.86 -39.79
CA SER A 291 -13.34 -15.08 -39.88
C SER A 291 -12.82 -14.82 -41.29
N ILE A 292 -11.50 -14.65 -41.36
CA ILE A 292 -10.82 -14.38 -42.63
C ILE A 292 -9.69 -15.34 -42.92
N GLU A 293 -9.11 -16.00 -41.91
CA GLU A 293 -8.00 -16.94 -42.11
C GLU A 293 -6.73 -16.21 -42.54
N ASP A 294 -6.46 -15.08 -41.91
CA ASP A 294 -5.27 -14.29 -42.20
C ASP A 294 -4.09 -14.80 -41.39
N PRO A 295 -2.86 -14.45 -41.79
CA PRO A 295 -1.67 -14.88 -41.05
C PRO A 295 -1.20 -13.94 -39.95
N SER A 296 -1.96 -12.89 -39.64
CA SER A 296 -1.54 -11.91 -38.66
C SER A 296 -1.66 -12.45 -37.24
N HIS A 297 -0.86 -11.88 -36.34
CA HIS A 297 -0.86 -12.27 -34.94
C HIS A 297 -1.85 -11.42 -34.15
N GLU A 298 -1.99 -11.71 -32.86
CA GLU A 298 -3.02 -11.09 -32.03
C GLU A 298 -3.02 -9.57 -32.16
N GLY A 299 -1.92 -8.94 -31.75
CA GLY A 299 -1.85 -7.49 -31.83
C GLY A 299 -1.56 -6.97 -33.21
N GLU A 300 -0.99 -7.81 -34.07
CA GLU A 300 -0.64 -7.40 -35.42
C GLU A 300 -1.90 -7.12 -36.24
N GLY A 301 -1.91 -6.01 -36.96
CA GLY A 301 -2.99 -5.66 -37.86
C GLY A 301 -3.64 -4.36 -37.46
N ILE A 302 -4.64 -3.98 -38.26
CA ILE A 302 -5.43 -2.77 -38.03
C ILE A 302 -6.87 -3.19 -37.78
N PRO A 303 -7.53 -2.69 -36.74
CA PRO A 303 -8.84 -3.26 -36.36
C PRO A 303 -9.91 -3.09 -37.43
N LEU A 304 -10.13 -1.87 -37.92
CA LEU A 304 -11.28 -1.61 -38.77
C LEU A 304 -11.23 -2.41 -40.07
N TYR A 305 -10.06 -2.47 -40.71
CA TYR A 305 -9.96 -3.22 -41.95
C TYR A 305 -10.22 -4.70 -41.72
N ASP A 306 -9.67 -5.26 -40.64
CA ASP A 306 -9.92 -6.67 -40.33
C ASP A 306 -11.39 -6.91 -40.10
N ALA A 307 -12.06 -6.02 -39.36
CA ALA A 307 -13.49 -6.20 -39.10
C ALA A 307 -14.29 -6.15 -40.39
N ILE A 308 -13.99 -5.18 -41.26
CA ILE A 308 -14.73 -5.08 -42.52
C ILE A 308 -14.49 -6.31 -43.38
N LYS A 309 -13.24 -6.76 -43.46
CA LYS A 309 -12.93 -7.94 -44.25
C LYS A 309 -13.64 -9.18 -43.72
N CYS A 310 -13.69 -9.34 -42.40
CA CYS A 310 -14.41 -10.46 -41.81
C CYS A 310 -15.90 -10.37 -42.12
N MET A 311 -16.48 -9.17 -42.04
CA MET A 311 -17.92 -9.04 -42.25
C MET A 311 -18.28 -9.25 -43.72
N ARG A 312 -17.41 -8.86 -44.64
CA ARG A 312 -17.64 -9.14 -46.06
C ARG A 312 -17.60 -10.62 -46.38
N THR A 313 -17.01 -11.44 -45.51
CA THR A 313 -16.96 -12.88 -45.72
C THR A 313 -18.32 -13.55 -45.57
N PHE A 314 -19.31 -12.86 -45.01
CA PHE A 314 -20.64 -13.40 -44.78
C PHE A 314 -21.61 -12.78 -45.77
N PHE A 315 -22.45 -13.63 -46.38
CA PHE A 315 -23.48 -13.19 -47.31
C PHE A 315 -24.84 -13.67 -46.83
N GLY A 316 -25.85 -12.83 -47.03
CA GLY A 316 -27.19 -13.15 -46.57
C GLY A 316 -27.78 -12.04 -45.71
N TRP A 317 -27.20 -10.85 -45.78
CA TRP A 317 -27.70 -9.73 -44.99
C TRP A 317 -29.15 -9.43 -45.35
N LYS A 318 -29.94 -9.14 -44.32
CA LYS A 318 -31.32 -8.74 -44.49
C LYS A 318 -31.55 -7.41 -43.76
N GLU A 319 -32.59 -6.70 -44.16
CA GLU A 319 -32.94 -5.46 -43.49
C GLU A 319 -33.27 -5.79 -42.03
N PRO A 320 -32.62 -5.16 -41.06
CA PRO A 320 -32.84 -5.55 -39.67
C PRO A 320 -34.23 -5.16 -39.18
N ASN A 321 -34.76 -5.99 -38.28
CA ASN A 321 -36.07 -5.75 -37.68
C ASN A 321 -36.05 -6.22 -36.25
N VAL A 322 -36.98 -5.68 -35.46
CA VAL A 322 -37.02 -6.00 -34.04
C VAL A 322 -37.53 -7.42 -33.84
N VAL A 323 -36.86 -8.18 -32.97
CA VAL A 323 -37.29 -9.52 -32.61
C VAL A 323 -37.69 -9.52 -31.14
N LYS A 324 -36.77 -9.12 -30.27
CA LYS A 324 -37.05 -9.04 -28.83
C LYS A 324 -36.71 -7.64 -28.34
N PRO A 325 -37.67 -6.85 -27.86
CA PRO A 325 -37.37 -5.48 -27.44
C PRO A 325 -36.62 -5.43 -26.12
N HIS A 326 -36.03 -4.26 -25.86
CA HIS A 326 -35.33 -4.06 -24.59
C HIS A 326 -36.28 -4.11 -23.41
N GLU A 327 -37.55 -3.80 -23.62
CA GLU A 327 -38.63 -3.77 -22.64
C GLU A 327 -38.55 -2.53 -21.75
N LYS A 328 -37.48 -1.74 -21.83
CA LYS A 328 -37.38 -0.50 -21.08
C LYS A 328 -36.82 0.66 -21.88
N GLY A 329 -36.21 0.43 -23.04
CA GLY A 329 -35.63 1.47 -23.85
C GLY A 329 -36.42 1.72 -25.13
N ILE A 330 -35.73 2.32 -26.09
CA ILE A 330 -36.33 2.65 -27.39
C ILE A 330 -35.59 1.81 -28.42
N ASN A 331 -36.17 0.65 -28.75
CA ASN A 331 -35.52 -0.26 -29.70
C ASN A 331 -35.24 0.38 -31.05
N PRO A 332 -36.13 1.20 -31.61
CA PRO A 332 -35.80 1.86 -32.88
C PRO A 332 -34.46 2.57 -32.85
N ASN A 333 -34.07 3.13 -31.70
CA ASN A 333 -32.74 3.72 -31.59
C ASN A 333 -31.65 2.68 -31.82
N TYR A 334 -31.81 1.48 -31.25
CA TYR A 334 -30.83 0.42 -31.47
C TYR A 334 -30.79 0.03 -32.94
N LEU A 335 -31.95 -0.09 -33.58
CA LEU A 335 -32.00 -0.42 -35.00
C LEU A 335 -31.26 0.62 -35.83
N LEU A 336 -31.55 1.90 -35.58
CA LEU A 336 -30.92 2.97 -36.33
C LEU A 336 -29.41 3.00 -36.06
N ALA A 337 -29.01 2.70 -34.83
CA ALA A 337 -27.59 2.66 -34.52
C ALA A 337 -26.88 1.56 -35.29
N TRP A 338 -27.52 0.39 -35.39
CA TRP A 338 -26.93 -0.70 -36.17
C TRP A 338 -26.77 -0.31 -37.64
N LYS A 339 -27.83 0.26 -38.21
CA LYS A 339 -27.73 0.68 -39.61
C LYS A 339 -26.70 1.78 -39.80
N GLN A 340 -26.59 2.70 -38.84
CA GLN A 340 -25.56 3.73 -38.89
C GLN A 340 -24.16 3.13 -38.86
N VAL A 341 -23.95 2.13 -38.00
CA VAL A 341 -22.65 1.48 -37.93
C VAL A 341 -22.32 0.84 -39.27
N LEU A 342 -23.28 0.15 -39.88
CA LEU A 342 -23.05 -0.46 -41.19
C LEU A 342 -22.71 0.59 -42.23
N ALA A 343 -23.47 1.68 -42.26
CA ALA A 343 -23.25 2.73 -43.25
C ALA A 343 -21.86 3.33 -43.11
N GLU A 344 -21.44 3.64 -41.88
CA GLU A 344 -20.14 4.25 -41.69
C GLU A 344 -19.01 3.26 -41.93
N LEU A 345 -19.25 1.97 -41.68
CA LEU A 345 -18.27 0.96 -42.06
C LEU A 345 -18.05 0.96 -43.57
N GLN A 346 -19.14 1.03 -44.33
CA GLN A 346 -18.99 1.16 -45.78
C GLN A 346 -18.26 2.44 -46.15
N ASP A 347 -18.59 3.54 -45.46
CA ASP A 347 -17.92 4.82 -45.74
C ASP A 347 -16.41 4.70 -45.56
N ILE A 348 -15.97 3.97 -44.54
CA ILE A 348 -14.54 3.72 -44.41
C ILE A 348 -14.03 2.83 -45.53
N GLU A 349 -14.81 1.82 -45.89
CA GLU A 349 -14.36 0.92 -46.94
C GLU A 349 -14.08 1.69 -48.24
N ASN A 350 -14.84 2.75 -48.50
CA ASN A 350 -14.69 3.45 -49.78
C ASN A 350 -13.36 4.20 -49.85
N GLU A 351 -12.99 4.91 -48.78
CA GLU A 351 -11.89 5.88 -48.85
C GLU A 351 -10.54 5.16 -48.96
N GLU A 352 -9.48 5.97 -49.00
CA GLU A 352 -8.14 5.52 -49.41
C GLU A 352 -7.56 4.46 -48.48
N LYS A 353 -7.27 4.82 -47.23
CA LYS A 353 -6.68 3.91 -46.26
C LYS A 353 -7.52 3.88 -45.00
N ILE A 354 -7.81 2.66 -44.52
CA ILE A 354 -8.69 2.46 -43.38
C ILE A 354 -8.06 3.16 -42.18
N PRO A 355 -8.75 4.09 -41.52
CA PRO A 355 -8.16 4.74 -40.34
C PRO A 355 -7.92 3.72 -39.22
N LYS A 356 -6.87 3.98 -38.44
CA LYS A 356 -6.58 3.08 -37.31
C LYS A 356 -7.71 3.11 -36.28
N THR A 357 -8.27 4.29 -36.02
CA THR A 357 -9.38 4.44 -35.11
C THR A 357 -10.38 5.41 -35.71
N LYS A 358 -11.67 5.06 -35.66
CA LYS A 358 -12.71 5.89 -36.24
C LYS A 358 -13.59 6.51 -35.16
N ASN A 359 -14.00 7.75 -35.40
CA ASN A 359 -15.00 8.43 -34.59
C ASN A 359 -16.33 8.46 -35.32
N MET A 360 -17.41 8.27 -34.57
CA MET A 360 -18.75 8.27 -35.13
C MET A 360 -19.47 9.58 -34.86
N LYS A 361 -20.52 9.82 -35.62
CA LYS A 361 -21.33 11.02 -35.44
C LYS A 361 -22.18 10.88 -34.18
N LYS A 362 -22.42 12.02 -33.53
CA LYS A 362 -23.19 12.06 -32.30
C LYS A 362 -24.65 12.39 -32.61
N THR A 363 -25.35 11.38 -33.14
CA THR A 363 -26.76 11.51 -33.43
C THR A 363 -27.59 11.29 -32.16
N SER A 364 -28.84 11.74 -32.21
CA SER A 364 -29.73 11.55 -31.06
C SER A 364 -29.84 10.08 -30.67
N GLN A 365 -29.72 9.19 -31.66
CA GLN A 365 -29.82 7.76 -31.39
C GLN A 365 -28.81 7.33 -30.33
N LEU A 366 -27.53 7.55 -30.61
CA LEU A 366 -26.48 7.19 -29.66
C LEU A 366 -26.39 8.16 -28.50
N LYS A 367 -26.93 9.37 -28.65
CA LYS A 367 -27.04 10.26 -27.50
C LYS A 367 -27.92 9.64 -26.43
N TRP A 368 -29.04 9.03 -26.84
CA TRP A 368 -29.88 8.31 -25.89
C TRP A 368 -29.24 6.99 -25.47
N ALA A 369 -28.71 6.25 -26.44
CA ALA A 369 -28.15 4.94 -26.12
C ALA A 369 -26.93 5.03 -25.20
N LEU A 370 -26.15 6.10 -25.30
CA LEU A 370 -24.96 6.27 -24.48
C LEU A 370 -25.22 7.13 -23.24
N GLY A 371 -26.46 7.55 -23.01
CA GLY A 371 -26.78 8.35 -21.84
C GLY A 371 -26.00 9.65 -21.79
N GLU A 372 -26.28 10.56 -22.71
CA GLU A 372 -25.59 11.84 -22.80
C GLU A 372 -26.50 12.96 -22.32
N ASN A 373 -25.92 13.88 -21.55
CA ASN A 373 -26.65 15.02 -21.01
C ASN A 373 -27.80 14.57 -20.12
N MET A 374 -27.61 13.48 -19.40
CA MET A 374 -28.63 12.97 -18.47
C MET A 374 -28.22 13.14 -17.01
N ALA A 375 -26.96 13.39 -16.72
CA ALA A 375 -26.55 13.66 -15.34
C ALA A 375 -27.19 14.96 -14.88
N PRO A 376 -27.87 14.98 -13.73
CA PRO A 376 -28.46 16.23 -13.26
C PRO A 376 -27.39 17.30 -13.06
N GLU A 377 -27.72 18.53 -13.43
CA GLU A 377 -26.79 19.63 -13.28
C GLU A 377 -26.54 19.92 -11.81
N LYS A 378 -25.27 20.15 -11.47
CA LYS A 378 -24.90 20.38 -10.08
C LYS A 378 -25.16 21.84 -9.72
N VAL A 379 -25.86 22.04 -8.60
CA VAL A 379 -26.23 23.37 -8.11
C VAL A 379 -25.92 23.44 -6.62
N ASP A 380 -26.26 24.58 -6.02
CA ASP A 380 -26.02 24.83 -4.61
C ASP A 380 -27.27 24.60 -3.80
N PHE A 381 -27.09 24.15 -2.55
CA PHE A 381 -28.23 23.84 -1.70
C PHE A 381 -29.06 25.08 -1.39
N ASP A 382 -28.41 26.22 -1.21
CA ASP A 382 -29.14 27.43 -0.87
C ASP A 382 -30.11 27.86 -1.96
N ASP A 383 -29.97 27.34 -3.18
CA ASP A 383 -30.85 27.67 -4.28
C ASP A 383 -31.93 26.62 -4.52
N CYS A 384 -31.79 25.43 -3.94
CA CYS A 384 -32.76 24.34 -4.11
C CYS A 384 -33.02 23.73 -2.73
N LYS A 385 -33.99 24.29 -2.01
CA LYS A 385 -34.35 23.78 -0.69
C LYS A 385 -35.86 23.57 -0.60
N ASP A 386 -36.63 24.34 -1.37
CA ASP A 386 -38.09 24.25 -1.33
C ASP A 386 -38.64 23.19 -2.29
N VAL A 387 -37.77 22.49 -3.02
CA VAL A 387 -38.22 21.46 -3.97
C VAL A 387 -38.59 20.22 -3.15
N SER A 388 -39.88 19.85 -3.21
CA SER A 388 -40.35 18.72 -2.41
C SER A 388 -39.66 17.42 -2.83
N ASP A 389 -39.46 17.23 -4.13
CA ASP A 389 -38.85 16.00 -4.64
C ASP A 389 -37.39 15.86 -4.25
N LEU A 390 -36.76 16.90 -3.72
CA LEU A 390 -35.35 16.86 -3.39
C LEU A 390 -35.12 15.94 -2.19
N LYS A 391 -34.31 14.89 -2.38
CA LYS A 391 -34.05 13.91 -1.36
C LYS A 391 -32.71 13.24 -1.64
N GLN A 392 -32.36 12.27 -0.79
CA GLN A 392 -31.11 11.55 -0.97
C GLN A 392 -31.15 10.67 -2.22
N TYR A 393 -29.97 10.22 -2.63
CA TYR A 393 -29.87 9.18 -3.64
C TYR A 393 -30.46 7.88 -3.11
N ASP A 394 -31.07 7.11 -4.00
CA ASP A 394 -31.70 5.85 -3.60
C ASP A 394 -30.62 4.92 -3.05
N SER A 395 -30.69 4.62 -1.75
CA SER A 395 -29.71 3.78 -1.06
C SER A 395 -30.48 2.71 -0.30
N ASP A 396 -30.64 1.54 -0.91
CA ASP A 396 -31.34 0.42 -0.30
C ASP A 396 -30.74 -0.87 -0.80
N GLU A 397 -31.14 -1.98 -0.18
CA GLU A 397 -30.66 -3.28 -0.60
C GLU A 397 -31.08 -3.55 -2.04
N PRO A 398 -30.20 -4.12 -2.87
CA PRO A 398 -30.58 -4.38 -4.27
C PRO A 398 -31.82 -5.27 -4.36
N GLU A 399 -32.41 -5.28 -5.55
CA GLU A 399 -33.58 -6.11 -5.80
C GLU A 399 -33.21 -7.58 -5.63
N LEU A 400 -34.15 -8.36 -5.08
CA LEU A 400 -33.93 -9.79 -4.90
C LEU A 400 -34.30 -10.54 -6.17
N ARG A 401 -33.46 -11.50 -6.55
CA ARG A 401 -33.68 -12.30 -7.75
C ARG A 401 -33.28 -13.73 -7.47
N SER A 402 -34.07 -14.68 -7.96
CA SER A 402 -33.81 -16.09 -7.77
C SER A 402 -32.91 -16.62 -8.87
N LEU A 403 -32.19 -17.69 -8.57
CA LEU A 403 -31.28 -18.28 -9.54
C LEU A 403 -32.05 -18.92 -10.68
N ALA A 404 -31.43 -18.92 -11.86
CA ALA A 404 -31.97 -19.57 -13.05
C ALA A 404 -30.98 -20.61 -13.53
N SER A 405 -31.46 -21.49 -14.42
CA SER A 405 -30.64 -22.61 -14.88
C SER A 405 -29.69 -22.23 -16.01
N TRP A 406 -29.76 -21.01 -16.51
CA TRP A 406 -28.90 -20.64 -17.65
C TRP A 406 -27.44 -20.46 -17.24
N ILE A 407 -27.19 -19.94 -16.04
CA ILE A 407 -25.82 -19.75 -15.60
C ILE A 407 -25.11 -21.10 -15.45
N GLN A 408 -25.84 -22.12 -14.99
CA GLN A 408 -25.24 -23.45 -14.86
C GLN A 408 -24.79 -23.98 -16.21
N SER A 409 -25.65 -23.88 -17.23
CA SER A 409 -25.28 -24.35 -18.56
C SER A 409 -24.17 -23.49 -19.15
N GLU A 410 -24.18 -22.20 -18.87
CA GLU A 410 -23.11 -21.33 -19.37
C GLU A 410 -21.77 -21.73 -18.79
N PHE A 411 -21.71 -22.02 -17.49
CA PHE A 411 -20.47 -22.52 -16.89
C PHE A 411 -20.12 -23.89 -17.46
N ASN A 412 -21.11 -24.75 -17.67
CA ASN A 412 -20.85 -26.07 -18.23
C ASN A 412 -20.14 -25.96 -19.57
N LYS A 413 -20.66 -25.12 -20.46
CA LYS A 413 -20.05 -24.96 -21.78
C LYS A 413 -18.85 -24.03 -21.77
N ALA A 414 -18.59 -23.34 -20.66
CA ALA A 414 -17.35 -22.56 -20.52
C ALA A 414 -16.16 -23.43 -20.19
N CYS A 415 -16.38 -24.69 -19.81
CA CYS A 415 -15.29 -25.63 -19.50
C CYS A 415 -15.08 -26.64 -20.61
N GLU A 416 -15.72 -26.48 -21.76
CA GLU A 416 -15.64 -27.44 -22.83
C GLU A 416 -14.50 -27.08 -23.79
N LEU A 417 -13.97 -28.11 -24.44
CA LEU A 417 -12.88 -27.92 -25.40
C LEU A 417 -13.41 -27.21 -26.65
N THR A 418 -12.47 -26.78 -27.49
CA THR A 418 -12.78 -26.05 -28.71
C THR A 418 -11.88 -26.56 -29.84
N ASP A 419 -12.14 -26.05 -31.05
CA ASP A 419 -11.36 -26.41 -32.22
C ASP A 419 -10.31 -25.36 -32.57
N SER A 420 -9.77 -24.69 -31.56
CA SER A 420 -8.81 -23.62 -31.79
C SER A 420 -7.94 -23.46 -30.55
N SER A 421 -6.80 -22.79 -30.74
CA SER A 421 -5.88 -22.46 -29.66
C SER A 421 -5.98 -20.95 -29.42
N TRP A 422 -6.46 -20.58 -28.24
CA TRP A 422 -6.77 -19.19 -27.93
C TRP A 422 -5.69 -18.51 -27.09
N ILE A 423 -4.53 -19.15 -26.92
CA ILE A 423 -3.42 -18.55 -26.19
C ILE A 423 -2.17 -18.72 -27.04
N GLU A 424 -1.48 -17.62 -27.33
CA GLU A 424 -0.19 -17.63 -28.01
C GLU A 424 0.81 -16.98 -27.04
N LEU A 425 1.51 -17.81 -26.28
CA LEU A 425 2.34 -17.31 -25.19
C LEU A 425 3.60 -16.64 -25.75
N ASP A 426 4.23 -15.85 -24.88
CA ASP A 426 5.42 -15.09 -25.26
C ASP A 426 6.66 -15.99 -25.16
N GLU A 427 7.83 -15.37 -25.22
CA GLU A 427 9.10 -16.09 -25.18
C GLU A 427 9.71 -16.01 -23.79
N ILE A 428 10.52 -17.00 -23.46
CA ILE A 428 11.24 -17.06 -22.20
C ILE A 428 12.69 -17.45 -22.49
N GLY A 429 13.57 -17.14 -21.56
CA GLY A 429 14.96 -17.53 -21.69
C GLY A 429 15.09 -19.02 -21.87
N GLU A 430 15.97 -19.45 -22.76
CA GLU A 430 16.12 -20.87 -23.03
C GLU A 430 16.46 -21.62 -21.75
N ASP A 431 15.75 -22.71 -21.50
CA ASP A 431 15.92 -23.45 -20.26
C ASP A 431 17.33 -24.04 -20.18
N VAL A 432 17.98 -23.83 -19.03
CA VAL A 432 19.34 -24.31 -18.83
C VAL A 432 19.41 -25.36 -17.71
N ALA A 433 18.52 -25.33 -16.73
CA ALA A 433 18.58 -26.27 -15.63
C ALA A 433 17.55 -27.38 -15.82
N PRO A 434 17.83 -28.59 -15.33
CA PRO A 434 16.82 -29.66 -15.46
C PRO A 434 15.49 -29.30 -14.85
N ILE A 435 15.49 -28.58 -13.72
CA ILE A 435 14.22 -28.14 -13.14
C ILE A 435 13.49 -27.22 -14.10
N GLU A 436 14.22 -26.40 -14.84
CA GLU A 436 13.59 -25.56 -15.85
C GLU A 436 12.96 -26.40 -16.96
N HIS A 437 13.63 -27.50 -17.34
CA HIS A 437 13.04 -28.40 -18.33
C HIS A 437 11.75 -29.03 -17.80
N ILE A 438 11.76 -29.46 -16.53
CA ILE A 438 10.54 -30.02 -15.95
C ILE A 438 9.43 -28.98 -15.95
N ALA A 439 9.75 -27.76 -15.56
CA ALA A 439 8.77 -26.69 -15.54
C ALA A 439 8.22 -26.43 -16.93
N SER A 440 9.09 -26.41 -17.94
CA SER A 440 8.64 -26.17 -19.31
C SER A 440 7.74 -27.29 -19.80
N MET A 441 8.08 -28.54 -19.48
CA MET A 441 7.23 -29.64 -19.90
C MET A 441 5.86 -29.57 -19.22
N ARG A 442 5.84 -29.29 -17.93
CA ARG A 442 4.57 -29.10 -17.23
C ARG A 442 3.76 -27.99 -17.88
N ARG A 443 4.41 -26.85 -18.16
CA ARG A 443 3.72 -25.71 -18.74
C ARG A 443 3.17 -26.04 -20.11
N ASN A 444 3.93 -26.78 -20.92
CA ASN A 444 3.44 -27.21 -22.22
C ASN A 444 2.23 -28.10 -22.08
N TYR A 445 2.25 -29.03 -21.11
CA TYR A 445 1.08 -29.87 -20.89
C TYR A 445 -0.14 -29.03 -20.54
N PHE A 446 0.01 -28.10 -19.60
CA PHE A 446 -1.16 -27.29 -19.22
C PHE A 446 -1.63 -26.42 -20.39
N THR A 447 -0.70 -25.86 -21.16
CA THR A 447 -1.12 -25.05 -22.30
C THR A 447 -1.88 -25.88 -23.31
N ALA A 448 -1.41 -27.11 -23.59
CA ALA A 448 -2.16 -28.00 -24.46
C ALA A 448 -3.54 -28.29 -23.91
N GLU A 449 -3.67 -28.38 -22.58
CA GLU A 449 -4.97 -28.69 -21.99
C GLU A 449 -5.93 -27.50 -22.02
N VAL A 450 -5.43 -26.30 -21.75
CA VAL A 450 -6.32 -25.16 -21.51
C VAL A 450 -6.47 -24.25 -22.73
N SER A 451 -5.53 -24.29 -23.68
CA SER A 451 -5.62 -23.41 -24.83
C SER A 451 -6.92 -23.64 -25.60
N HIS A 452 -7.27 -24.91 -25.82
CA HIS A 452 -8.55 -25.25 -26.45
C HIS A 452 -9.64 -25.31 -25.39
N CYS A 453 -9.99 -24.13 -24.88
CA CYS A 453 -11.01 -24.01 -23.85
C CYS A 453 -11.73 -22.69 -24.02
N ARG A 454 -13.05 -22.70 -23.84
CA ARG A 454 -13.84 -21.48 -23.98
C ARG A 454 -13.43 -20.45 -22.93
N ALA A 455 -12.89 -20.89 -21.80
CA ALA A 455 -12.44 -19.95 -20.78
C ALA A 455 -11.30 -19.08 -21.31
N THR A 456 -10.37 -19.67 -22.04
CA THR A 456 -9.28 -18.88 -22.62
C THR A 456 -9.81 -17.90 -23.66
N GLU A 457 -10.78 -18.33 -24.46
CA GLU A 457 -11.37 -17.42 -25.43
C GLU A 457 -12.04 -16.24 -24.73
N TYR A 458 -12.77 -16.51 -23.64
CA TYR A 458 -13.37 -15.43 -22.87
C TYR A 458 -12.31 -14.52 -22.28
N ILE A 459 -11.21 -15.10 -21.81
CA ILE A 459 -10.12 -14.29 -21.26
C ILE A 459 -9.60 -13.32 -22.31
N MET A 460 -9.30 -13.85 -23.51
CA MET A 460 -8.78 -12.99 -24.57
C MET A 460 -9.80 -11.94 -24.99
N LYS A 461 -11.07 -12.34 -25.12
CA LYS A 461 -12.10 -11.38 -25.47
C LYS A 461 -12.15 -10.24 -24.47
N GLY A 462 -12.23 -10.57 -23.19
CA GLY A 462 -12.31 -9.54 -22.16
C GLY A 462 -11.09 -8.66 -22.14
N VAL A 463 -9.91 -9.26 -22.22
CA VAL A 463 -8.67 -8.48 -22.18
C VAL A 463 -8.63 -7.49 -23.33
N TYR A 464 -8.88 -7.97 -24.55
CA TYR A 464 -8.83 -7.10 -25.71
C TYR A 464 -9.88 -6.00 -25.63
N ILE A 465 -11.12 -6.37 -25.27
CA ILE A 465 -12.20 -5.39 -25.26
C ILE A 465 -11.91 -4.31 -24.22
N ASN A 466 -11.51 -4.71 -23.01
CA ASN A 466 -11.24 -3.74 -21.97
C ASN A 466 -10.03 -2.88 -22.28
N THR A 467 -8.98 -3.47 -22.88
CA THR A 467 -7.82 -2.67 -23.26
C THR A 467 -8.20 -1.61 -24.28
N ALA A 468 -8.93 -2.02 -25.33
CA ALA A 468 -9.33 -1.06 -26.34
C ALA A 468 -10.24 0.02 -25.75
N LEU A 469 -11.16 -0.38 -24.88
CA LEU A 469 -12.09 0.58 -24.31
C LEU A 469 -11.36 1.58 -23.43
N LEU A 470 -10.43 1.11 -22.59
CA LEU A 470 -9.67 2.02 -21.74
C LEU A 470 -8.81 2.96 -22.56
N ASN A 471 -8.13 2.44 -23.58
CA ASN A 471 -7.28 3.31 -24.40
C ASN A 471 -8.11 4.36 -25.13
N ALA A 472 -9.26 3.96 -25.69
CA ALA A 472 -10.11 4.91 -26.37
C ALA A 472 -10.66 5.96 -25.39
N SER A 473 -11.06 5.53 -24.20
CA SER A 473 -11.56 6.47 -23.20
C SER A 473 -10.50 7.48 -22.82
N CYS A 474 -9.26 7.02 -22.65
CA CYS A 474 -8.19 7.93 -22.25
C CYS A 474 -7.77 8.84 -23.40
N ALA A 475 -7.91 8.38 -24.64
CA ALA A 475 -7.50 9.17 -25.79
C ALA A 475 -8.63 10.05 -26.32
N ALA A 476 -9.73 9.43 -26.74
CA ALA A 476 -10.87 10.15 -27.28
C ALA A 476 -11.93 10.30 -26.19
N MET A 477 -11.68 11.23 -25.27
CA MET A 477 -12.57 11.40 -24.13
C MET A 477 -13.93 11.93 -24.55
N ASP A 478 -13.95 12.82 -25.55
CA ASP A 478 -15.17 13.53 -25.91
C ASP A 478 -16.04 12.80 -26.91
N ASP A 479 -15.44 12.18 -27.92
CA ASP A 479 -16.15 11.81 -29.12
C ASP A 479 -16.37 10.30 -29.16
N PHE A 480 -17.57 9.91 -29.60
CA PHE A 480 -17.94 8.49 -29.63
C PHE A 480 -17.03 7.74 -30.60
N GLN A 481 -16.59 6.54 -30.19
CA GLN A 481 -15.61 5.79 -30.97
C GLN A 481 -16.09 4.38 -31.24
N LEU A 482 -15.77 3.89 -32.44
CA LEU A 482 -16.11 2.55 -32.91
C LEU A 482 -14.93 1.61 -32.67
N ILE A 483 -15.20 0.45 -32.10
CA ILE A 483 -14.15 -0.55 -31.85
C ILE A 483 -14.71 -1.93 -32.18
N PRO A 484 -14.20 -2.63 -33.20
CA PRO A 484 -14.70 -3.97 -33.50
C PRO A 484 -14.10 -5.00 -32.55
N MET A 485 -14.96 -5.87 -32.02
CA MET A 485 -14.50 -6.97 -31.16
C MET A 485 -13.71 -7.97 -32.00
N ILE A 486 -12.42 -8.05 -31.76
CA ILE A 486 -11.52 -8.90 -32.54
C ILE A 486 -10.80 -9.87 -31.61
N SER A 487 -10.69 -11.12 -32.07
CA SER A 487 -9.91 -12.12 -31.36
C SER A 487 -9.28 -13.05 -32.38
N LYS A 488 -7.99 -13.29 -32.26
CA LYS A 488 -7.25 -14.09 -33.23
C LYS A 488 -6.84 -15.42 -32.61
N CYS A 489 -7.16 -16.50 -33.32
CA CYS A 489 -6.89 -17.87 -32.88
C CYS A 489 -6.08 -18.60 -33.95
N ARG A 490 -5.81 -19.87 -33.69
CA ARG A 490 -5.08 -20.73 -34.61
C ARG A 490 -5.82 -22.05 -34.73
N THR A 491 -6.07 -22.48 -35.97
CA THR A 491 -6.83 -23.69 -36.21
C THR A 491 -6.00 -24.93 -35.92
N LYS A 492 -6.67 -26.08 -35.96
CA LYS A 492 -5.97 -27.35 -35.80
C LYS A 492 -4.96 -27.55 -36.92
N GLU A 493 -5.33 -27.17 -38.15
CA GLU A 493 -4.40 -27.27 -39.27
C GLU A 493 -3.18 -26.38 -39.09
N GLY A 494 -3.24 -25.40 -38.19
CA GLY A 494 -2.14 -24.50 -37.94
C GLY A 494 -2.30 -23.13 -38.56
N ARG A 495 -3.28 -22.94 -39.44
CA ARG A 495 -3.49 -21.66 -40.08
C ARG A 495 -4.06 -20.67 -39.07
N ARG A 496 -3.46 -19.48 -39.02
CA ARG A 496 -3.96 -18.43 -38.14
C ARG A 496 -5.27 -17.86 -38.68
N LYS A 497 -6.08 -17.32 -37.77
CA LYS A 497 -7.41 -16.87 -38.13
C LYS A 497 -7.82 -15.72 -37.22
N THR A 498 -8.62 -14.82 -37.76
CA THR A 498 -9.22 -13.72 -37.02
C THR A 498 -10.71 -13.98 -36.86
N ASN A 499 -11.28 -13.39 -35.80
CA ASN A 499 -12.69 -13.56 -35.50
C ASN A 499 -13.28 -12.24 -35.03
N LEU A 500 -14.44 -11.89 -35.59
CA LEU A 500 -15.12 -10.63 -35.31
C LEU A 500 -16.46 -10.96 -34.67
N TYR A 501 -16.57 -10.76 -33.36
CA TYR A 501 -17.83 -11.00 -32.67
C TYR A 501 -18.83 -9.89 -32.92
N GLY A 502 -18.38 -8.64 -32.99
CA GLY A 502 -19.27 -7.52 -33.20
C GLY A 502 -18.60 -6.18 -33.07
N PHE A 503 -19.28 -5.22 -32.44
CA PHE A 503 -18.76 -3.87 -32.33
C PHE A 503 -19.13 -3.28 -30.97
N ILE A 504 -18.33 -2.31 -30.55
CA ILE A 504 -18.56 -1.56 -29.33
C ILE A 504 -18.45 -0.08 -29.67
N ILE A 505 -19.44 0.70 -29.26
CA ILE A 505 -19.40 2.15 -29.41
C ILE A 505 -19.18 2.73 -28.02
N LYS A 506 -18.01 3.33 -27.82
CA LYS A 506 -17.70 4.00 -26.58
C LYS A 506 -18.16 5.45 -26.62
N GLY A 507 -18.74 5.90 -25.51
CA GLY A 507 -19.24 7.26 -25.39
C GLY A 507 -18.32 8.14 -24.58
N ARG A 508 -18.87 9.29 -24.16
CA ARG A 508 -18.09 10.23 -23.36
C ARG A 508 -17.53 9.53 -22.13
N SER A 509 -16.24 9.69 -21.90
CA SER A 509 -15.51 8.96 -20.87
C SER A 509 -14.62 9.89 -20.06
N HIS A 510 -15.17 11.02 -19.64
CA HIS A 510 -14.45 11.95 -18.77
C HIS A 510 -14.46 11.38 -17.34
N LEU A 511 -13.62 10.36 -17.15
CA LEU A 511 -13.59 9.60 -15.91
C LEU A 511 -12.56 10.21 -14.97
N ARG A 512 -13.04 10.78 -13.86
CA ARG A 512 -12.15 11.34 -12.85
C ARG A 512 -11.88 10.34 -11.73
N ASN A 513 -12.93 9.88 -11.05
CA ASN A 513 -12.77 8.91 -9.98
C ASN A 513 -12.70 7.50 -10.55
N ASP A 514 -12.13 6.59 -9.76
CA ASP A 514 -12.05 5.19 -10.17
C ASP A 514 -13.42 4.54 -10.30
N THR A 515 -14.47 5.16 -9.75
CA THR A 515 -15.81 4.63 -9.82
C THR A 515 -16.66 5.28 -10.90
N ASP A 516 -16.19 6.38 -11.49
CA ASP A 516 -16.95 7.03 -12.56
C ASP A 516 -17.19 6.05 -13.70
N VAL A 517 -18.35 6.16 -14.33
CA VAL A 517 -18.83 5.18 -15.28
C VAL A 517 -18.73 5.73 -16.69
N VAL A 518 -18.13 4.95 -17.58
CA VAL A 518 -18.15 5.19 -19.01
C VAL A 518 -19.19 4.26 -19.62
N ASN A 519 -20.13 4.83 -20.37
CA ASN A 519 -21.20 4.06 -21.01
C ASN A 519 -20.83 3.77 -22.45
N PHE A 520 -21.13 2.57 -22.90
CA PHE A 520 -20.96 2.18 -24.29
C PHE A 520 -22.15 1.33 -24.69
N VAL A 521 -22.27 1.08 -25.99
CA VAL A 521 -23.29 0.19 -26.53
C VAL A 521 -22.59 -0.92 -27.30
N SER A 522 -22.97 -2.15 -26.98
CA SER A 522 -22.34 -3.33 -27.54
C SER A 522 -23.32 -4.07 -28.46
N MET A 523 -22.81 -4.48 -29.62
CA MET A 523 -23.57 -5.23 -30.61
C MET A 523 -22.79 -6.49 -30.91
N GLU A 524 -23.46 -7.64 -30.87
CA GLU A 524 -22.79 -8.92 -31.10
C GLU A 524 -23.68 -9.85 -31.91
N PHE A 525 -23.09 -10.48 -32.92
CA PHE A 525 -23.81 -11.46 -33.72
C PHE A 525 -24.00 -12.74 -32.91
N SER A 526 -25.08 -13.46 -33.23
CA SER A 526 -25.33 -14.74 -32.57
C SER A 526 -26.35 -15.51 -33.39
N LEU A 527 -26.49 -16.79 -33.06
CA LEU A 527 -27.54 -17.64 -33.63
C LEU A 527 -28.56 -18.12 -32.61
N THR A 528 -28.31 -17.89 -31.32
CA THR A 528 -29.22 -18.37 -30.29
C THR A 528 -30.49 -17.52 -30.28
N ASP A 529 -31.63 -18.15 -30.51
CA ASP A 529 -32.89 -17.43 -30.50
C ASP A 529 -33.20 -16.94 -29.08
N PRO A 530 -33.49 -15.66 -28.89
CA PRO A 530 -33.80 -15.16 -27.55
C PRO A 530 -35.23 -15.42 -27.09
N ARG A 531 -36.01 -16.17 -27.86
CA ARG A 531 -37.39 -16.46 -27.50
C ARG A 531 -37.52 -17.68 -26.59
N LEU A 532 -36.42 -18.33 -26.24
CA LEU A 532 -36.44 -19.51 -25.41
C LEU A 532 -36.06 -19.25 -23.96
N GLU A 533 -35.19 -18.29 -23.70
CA GLU A 533 -34.80 -17.91 -22.34
C GLU A 533 -34.87 -16.39 -22.21
N PRO A 534 -36.06 -15.81 -22.36
CA PRO A 534 -36.16 -14.34 -22.35
C PRO A 534 -35.67 -13.70 -21.07
N HIS A 535 -35.89 -14.35 -19.93
CA HIS A 535 -35.51 -13.74 -18.66
C HIS A 535 -34.01 -13.52 -18.54
N LYS A 536 -33.21 -14.23 -19.32
CA LYS A 536 -31.76 -14.03 -19.28
C LYS A 536 -31.32 -12.79 -20.05
N TRP A 537 -32.20 -12.21 -20.88
CA TRP A 537 -31.87 -11.07 -21.72
C TRP A 537 -32.75 -9.87 -21.37
N GLU A 538 -32.90 -9.58 -20.08
CA GLU A 538 -33.78 -8.50 -19.66
C GLU A 538 -33.32 -7.15 -20.18
N LYS A 539 -32.01 -6.93 -20.23
CA LYS A 539 -31.43 -5.64 -20.57
C LYS A 539 -30.93 -5.57 -22.01
N TYR A 540 -31.22 -6.58 -22.83
CA TYR A 540 -30.75 -6.63 -24.21
C TYR A 540 -31.90 -6.30 -25.16
N CYS A 541 -31.54 -5.73 -26.31
CA CYS A 541 -32.45 -5.60 -27.45
C CYS A 541 -31.88 -6.46 -28.58
N VAL A 542 -32.69 -7.39 -29.09
CA VAL A 542 -32.21 -8.37 -30.07
C VAL A 542 -32.98 -8.19 -31.36
N LEU A 543 -32.24 -7.99 -32.46
CA LEU A 543 -32.79 -7.83 -33.79
C LEU A 543 -32.51 -9.08 -34.62
N GLU A 544 -33.14 -9.14 -35.79
CA GLU A 544 -32.85 -10.15 -36.80
C GLU A 544 -32.12 -9.47 -37.95
N ILE A 545 -30.88 -9.89 -38.20
CA ILE A 545 -30.04 -9.21 -39.18
C ILE A 545 -29.67 -10.08 -40.37
N GLY A 546 -29.75 -11.40 -40.28
CA GLY A 546 -29.44 -12.19 -41.45
C GLY A 546 -29.74 -13.67 -41.29
N ASP A 547 -29.20 -14.45 -42.21
CA ASP A 547 -29.31 -15.90 -42.19
C ASP A 547 -27.95 -16.50 -42.48
N MET A 548 -27.63 -17.60 -41.79
CA MET A 548 -26.34 -18.26 -41.92
C MET A 548 -26.54 -19.70 -42.37
N LEU A 549 -25.61 -20.19 -43.18
CA LEU A 549 -25.66 -21.55 -43.72
C LEU A 549 -24.37 -22.27 -43.32
N LEU A 550 -24.47 -23.14 -42.32
CA LEU A 550 -23.35 -23.97 -41.89
C LEU A 550 -23.55 -25.40 -42.38
N ARG A 551 -22.49 -25.98 -42.93
CA ARG A 551 -22.57 -27.29 -43.57
C ARG A 551 -22.99 -28.33 -42.54
N SER A 552 -24.13 -28.98 -42.77
CA SER A 552 -24.61 -30.06 -41.93
C SER A 552 -25.21 -31.14 -42.81
N ALA A 553 -25.23 -32.37 -42.28
CA ALA A 553 -25.77 -33.50 -43.04
C ALA A 553 -27.27 -33.37 -43.30
N ILE A 554 -27.97 -32.53 -42.55
CA ILE A 554 -29.41 -32.32 -42.75
C ILE A 554 -29.53 -31.20 -43.77
N GLY A 555 -29.42 -31.56 -45.05
CA GLY A 555 -29.37 -30.57 -46.10
C GLY A 555 -28.40 -29.47 -45.74
N GLN A 556 -28.92 -28.26 -45.52
CA GLN A 556 -28.16 -27.21 -44.87
C GLN A 556 -29.13 -26.38 -44.04
N VAL A 557 -28.72 -26.05 -42.82
CA VAL A 557 -29.67 -25.57 -41.81
C VAL A 557 -30.32 -24.27 -42.26
N SER A 558 -29.52 -23.32 -42.73
CA SER A 558 -30.01 -21.98 -43.05
C SER A 558 -30.69 -21.35 -41.83
N ARG A 559 -29.93 -21.31 -40.73
CA ARG A 559 -30.42 -20.78 -39.46
C ARG A 559 -30.58 -19.27 -39.53
N PRO A 560 -31.44 -18.71 -38.69
CA PRO A 560 -31.45 -17.25 -38.52
C PRO A 560 -30.19 -16.77 -37.83
N MET A 561 -29.91 -15.48 -37.93
CA MET A 561 -28.69 -14.91 -37.36
C MET A 561 -29.05 -13.53 -36.82
N PHE A 562 -29.06 -13.43 -35.49
CA PHE A 562 -29.58 -12.28 -34.76
C PHE A 562 -28.45 -11.41 -34.25
N LEU A 563 -28.82 -10.20 -33.83
CA LEU A 563 -27.88 -9.22 -33.28
C LEU A 563 -28.33 -8.84 -31.88
N TYR A 564 -27.53 -9.20 -30.87
CA TYR A 564 -27.79 -8.77 -29.50
C TYR A 564 -27.16 -7.40 -29.30
N VAL A 565 -28.02 -6.41 -29.04
CA VAL A 565 -27.61 -5.01 -28.86
C VAL A 565 -28.02 -4.57 -27.47
N ARG A 566 -27.10 -3.95 -26.75
CA ARG A 566 -27.43 -3.48 -25.40
C ARG A 566 -26.57 -2.28 -25.04
N THR A 567 -27.04 -1.53 -24.04
CA THR A 567 -26.28 -0.45 -23.44
C THR A 567 -25.66 -0.95 -22.14
N ASN A 568 -24.33 -0.89 -22.06
CA ASN A 568 -23.60 -1.35 -20.89
C ASN A 568 -22.67 -0.23 -20.43
N GLY A 569 -22.01 -0.46 -19.31
CA GLY A 569 -21.09 0.54 -18.77
C GLY A 569 -20.02 -0.13 -17.94
N THR A 570 -18.90 0.58 -17.79
CA THR A 570 -17.79 0.09 -16.99
C THR A 570 -17.15 1.28 -16.29
N SER A 571 -16.02 1.03 -15.62
CA SER A 571 -15.30 2.08 -14.92
C SER A 571 -13.80 1.78 -15.03
N LYS A 572 -12.99 2.76 -14.66
CA LYS A 572 -11.55 2.61 -14.76
C LYS A 572 -11.08 1.37 -14.00
N ILE A 573 -11.58 1.18 -12.79
CA ILE A 573 -11.18 0.00 -12.01
C ILE A 573 -11.65 -1.27 -12.71
N LYS A 574 -12.89 -1.29 -13.19
CA LYS A 574 -13.39 -2.49 -13.87
C LYS A 574 -12.61 -2.77 -15.14
N MET A 575 -12.29 -1.74 -15.92
CA MET A 575 -11.49 -1.94 -17.11
C MET A 575 -10.11 -2.49 -16.77
N LYS A 576 -9.47 -1.90 -15.77
CA LYS A 576 -8.13 -2.35 -15.39
C LYS A 576 -8.15 -3.80 -14.92
N TRP A 577 -9.16 -4.18 -14.13
CA TRP A 577 -9.20 -5.54 -13.62
C TRP A 577 -9.63 -6.55 -14.68
N GLY A 578 -10.46 -6.13 -15.64
CA GLY A 578 -10.81 -7.01 -16.73
C GLY A 578 -9.72 -7.17 -17.76
N MET A 579 -8.78 -6.22 -17.83
CA MET A 579 -7.62 -6.37 -18.70
C MET A 579 -6.51 -7.18 -18.05
N GLU A 580 -6.69 -7.62 -16.81
CA GLU A 580 -5.77 -8.54 -16.15
C GLU A 580 -6.44 -9.88 -15.90
N MET A 581 -7.26 -10.33 -16.85
CA MET A 581 -7.93 -11.61 -16.72
C MET A 581 -7.02 -12.80 -16.93
N ARG A 582 -5.79 -12.58 -17.42
CA ARG A 582 -4.88 -13.68 -17.68
C ARG A 582 -4.37 -14.34 -16.41
N ARG A 583 -4.51 -13.67 -15.25
CA ARG A 583 -4.11 -14.29 -13.99
C ARG A 583 -5.07 -15.36 -13.54
N CYS A 584 -6.22 -15.51 -14.19
CA CYS A 584 -7.07 -16.68 -13.94
C CYS A 584 -6.34 -17.95 -14.35
N LEU A 585 -5.64 -17.90 -15.49
CA LEU A 585 -4.76 -19.01 -15.88
C LEU A 585 -3.81 -19.35 -14.75
N LEU A 586 -3.16 -18.33 -14.18
CA LEU A 586 -2.26 -18.55 -13.08
C LEU A 586 -3.01 -19.28 -11.96
N GLN A 587 -3.97 -18.61 -11.34
CA GLN A 587 -4.72 -19.21 -10.24
C GLN A 587 -5.01 -20.69 -10.48
N SER A 588 -5.67 -20.99 -11.61
CA SER A 588 -6.07 -22.37 -11.89
C SER A 588 -4.86 -23.29 -11.94
N LEU A 589 -3.84 -22.91 -12.71
CA LEU A 589 -2.77 -23.86 -12.97
C LEU A 589 -1.82 -23.96 -11.77
N GLN A 590 -1.75 -22.90 -10.96
CA GLN A 590 -1.07 -23.01 -9.67
C GLN A 590 -1.77 -24.01 -8.78
N GLN A 591 -3.12 -24.01 -8.76
CA GLN A 591 -3.82 -25.01 -7.98
C GLN A 591 -3.50 -26.42 -8.48
N ILE A 592 -3.54 -26.62 -9.80
CA ILE A 592 -3.27 -27.94 -10.34
C ILE A 592 -1.84 -28.37 -10.07
N GLU A 593 -0.89 -27.44 -10.20
CA GLU A 593 0.51 -27.77 -9.96
C GLU A 593 0.77 -28.06 -8.49
N SER A 594 0.04 -27.38 -7.60
CA SER A 594 0.11 -27.71 -6.18
C SER A 594 -0.40 -29.13 -5.94
N MET A 595 -1.50 -29.50 -6.60
CA MET A 595 -1.97 -30.88 -6.51
C MET A 595 -0.88 -31.85 -6.95
N ILE A 596 -0.28 -31.58 -8.11
CA ILE A 596 0.71 -32.49 -8.68
C ILE A 596 1.91 -32.62 -7.75
N GLU A 597 2.39 -31.49 -7.23
CA GLU A 597 3.56 -31.51 -6.35
C GLU A 597 3.23 -32.24 -5.04
N ALA A 598 2.05 -31.99 -4.48
CA ALA A 598 1.67 -32.68 -3.25
C ALA A 598 1.62 -34.18 -3.46
N GLU A 599 1.05 -34.63 -4.58
CA GLU A 599 1.02 -36.07 -4.84
C GLU A 599 2.40 -36.63 -5.13
N SER A 600 3.27 -35.84 -5.79
CA SER A 600 4.61 -36.30 -6.11
C SER A 600 5.54 -36.29 -4.91
N SER A 601 5.21 -35.53 -3.86
CA SER A 601 5.97 -35.64 -2.63
C SER A 601 5.78 -37.00 -1.97
N VAL A 602 4.70 -37.71 -2.31
CA VAL A 602 4.48 -39.05 -1.77
C VAL A 602 5.37 -40.06 -2.49
N LYS A 603 5.21 -40.17 -3.81
CA LYS A 603 6.07 -41.02 -4.63
C LYS A 603 7.24 -40.19 -5.12
N GLU A 604 8.46 -40.61 -4.78
CA GLU A 604 9.63 -39.79 -5.05
C GLU A 604 9.93 -39.76 -6.54
N LYS A 605 9.09 -39.04 -7.29
CA LYS A 605 9.23 -38.95 -8.74
C LYS A 605 8.21 -37.96 -9.27
N ASP A 606 8.54 -37.26 -10.36
CA ASP A 606 7.58 -36.36 -10.98
C ASP A 606 6.44 -37.16 -11.58
N MET A 607 5.21 -36.71 -11.33
CA MET A 607 4.02 -37.50 -11.63
C MET A 607 3.14 -36.81 -12.67
N THR A 608 3.68 -35.82 -13.39
CA THR A 608 2.87 -35.03 -14.31
C THR A 608 2.47 -35.87 -15.53
N LYS A 609 3.42 -36.59 -16.13
CA LYS A 609 3.16 -37.23 -17.41
C LYS A 609 2.05 -38.27 -17.29
N GLU A 610 2.12 -39.10 -16.26
CA GLU A 610 1.09 -40.14 -16.10
C GLU A 610 -0.26 -39.51 -15.73
N PHE A 611 -0.25 -38.44 -14.92
CA PHE A 611 -1.49 -37.75 -14.65
C PHE A 611 -2.16 -37.28 -15.94
N PHE A 612 -1.38 -36.68 -16.84
CA PHE A 612 -1.98 -36.09 -18.04
C PHE A 612 -2.25 -37.10 -19.16
N GLU A 613 -1.55 -38.23 -19.19
CA GLU A 613 -1.76 -39.23 -20.23
C GLU A 613 -2.60 -40.41 -19.77
N ASN A 614 -2.20 -41.09 -18.69
CA ASN A 614 -2.95 -42.27 -18.26
C ASN A 614 -4.37 -41.90 -17.84
N LYS A 615 -4.56 -40.77 -17.17
CA LYS A 615 -5.88 -40.31 -16.76
C LYS A 615 -6.57 -41.31 -15.84
N SER A 616 -5.78 -42.08 -15.10
CA SER A 616 -6.36 -43.06 -14.18
C SER A 616 -7.03 -42.37 -13.00
N GLU A 617 -6.32 -41.45 -12.34
CA GLU A 617 -6.88 -40.73 -11.22
C GLU A 617 -7.85 -39.66 -11.70
N THR A 618 -8.94 -39.48 -10.95
CA THR A 618 -9.95 -38.50 -11.30
C THR A 618 -10.47 -37.84 -10.02
N TRP A 619 -10.94 -36.60 -10.16
CA TRP A 619 -11.46 -35.83 -9.04
C TRP A 619 -12.95 -35.54 -9.25
N PRO A 620 -13.74 -35.47 -8.17
CA PRO A 620 -15.15 -35.06 -8.34
C PRO A 620 -15.25 -33.63 -8.84
N ILE A 621 -15.76 -33.45 -10.05
CA ILE A 621 -15.79 -32.13 -10.68
C ILE A 621 -17.19 -31.81 -11.20
N GLY A 622 -18.19 -32.47 -10.64
CA GLY A 622 -19.57 -32.23 -11.04
C GLY A 622 -20.45 -33.41 -10.68
N GLU A 623 -21.75 -33.16 -10.69
CA GLU A 623 -22.75 -34.16 -10.33
C GLU A 623 -23.76 -34.30 -11.46
N SER A 624 -24.05 -35.53 -11.84
CA SER A 624 -25.09 -35.88 -12.79
C SER A 624 -26.26 -36.53 -12.06
N PRO A 625 -27.45 -36.52 -12.65
CA PRO A 625 -28.59 -37.18 -11.98
C PRO A 625 -28.29 -38.59 -11.52
N LYS A 626 -27.41 -39.31 -12.24
CA LYS A 626 -26.98 -40.61 -11.76
C LYS A 626 -26.17 -40.50 -10.47
N GLY A 627 -25.33 -39.47 -10.36
CA GLY A 627 -24.52 -39.29 -9.17
C GLY A 627 -23.38 -38.34 -9.45
N VAL A 628 -22.38 -38.38 -8.57
CA VAL A 628 -21.20 -37.52 -8.70
C VAL A 628 -20.33 -38.06 -9.83
N GLU A 629 -19.88 -37.16 -10.70
CA GLU A 629 -19.05 -37.51 -11.84
C GLU A 629 -17.63 -37.00 -11.63
N GLU A 630 -16.66 -37.85 -11.94
CA GLU A 630 -15.25 -37.51 -11.81
C GLU A 630 -14.61 -37.39 -13.18
N GLY A 631 -13.66 -36.46 -13.30
CA GLY A 631 -12.97 -36.22 -14.55
C GLY A 631 -11.46 -36.21 -14.35
N SER A 632 -10.75 -36.33 -15.47
CA SER A 632 -9.30 -36.36 -15.44
C SER A 632 -8.75 -35.01 -14.97
N ILE A 633 -7.43 -34.94 -14.84
CA ILE A 633 -6.80 -33.73 -14.32
C ILE A 633 -7.01 -32.57 -15.27
N GLY A 634 -7.02 -32.84 -16.58
CA GLY A 634 -7.26 -31.76 -17.54
C GLY A 634 -8.62 -31.12 -17.37
N LYS A 635 -9.64 -31.93 -17.12
CA LYS A 635 -10.97 -31.38 -16.88
C LYS A 635 -11.00 -30.54 -15.60
N VAL A 636 -10.25 -30.96 -14.58
CA VAL A 636 -10.14 -30.14 -13.38
C VAL A 636 -9.47 -28.81 -13.71
N CYS A 637 -8.41 -28.84 -14.52
CA CYS A 637 -7.76 -27.61 -14.95
C CYS A 637 -8.77 -26.68 -15.60
N ARG A 638 -9.53 -27.20 -16.56
CA ARG A 638 -10.49 -26.36 -17.28
C ARG A 638 -11.58 -25.85 -16.35
N THR A 639 -12.05 -26.69 -15.42
CA THR A 639 -13.09 -26.26 -14.49
C THR A 639 -12.60 -25.13 -13.60
N LEU A 640 -11.39 -25.26 -13.05
CA LEU A 640 -10.86 -24.19 -12.20
C LEU A 640 -10.61 -22.92 -13.01
N LEU A 641 -10.13 -23.06 -14.24
CA LEU A 641 -9.93 -21.89 -15.09
C LEU A 641 -11.25 -21.18 -15.35
N ALA A 642 -12.31 -21.95 -15.64
CA ALA A 642 -13.62 -21.35 -15.85
C ALA A 642 -14.13 -20.67 -14.59
N LYS A 643 -13.91 -21.29 -13.43
CA LYS A 643 -14.33 -20.68 -12.17
C LYS A 643 -13.64 -19.34 -11.97
N SER A 644 -12.33 -19.29 -12.21
CA SER A 644 -11.60 -18.04 -12.05
C SER A 644 -12.07 -16.99 -13.06
N VAL A 645 -12.32 -17.42 -14.30
CA VAL A 645 -12.78 -16.48 -15.32
C VAL A 645 -14.13 -15.89 -14.93
N PHE A 646 -15.04 -16.73 -14.43
CA PHE A 646 -16.35 -16.23 -14.03
C PHE A 646 -16.25 -15.36 -12.77
N ASN A 647 -15.30 -15.67 -11.89
CA ASN A 647 -15.05 -14.77 -10.76
C ASN A 647 -14.62 -13.40 -11.24
N SER A 648 -13.75 -13.36 -12.25
CA SER A 648 -13.30 -12.09 -12.79
C SER A 648 -14.39 -11.37 -13.59
N LEU A 649 -15.33 -12.13 -14.16
CA LEU A 649 -16.37 -11.52 -14.98
C LEU A 649 -17.54 -11.01 -14.14
N TYR A 650 -18.02 -11.82 -13.20
CA TYR A 650 -19.16 -11.47 -12.36
C TYR A 650 -18.72 -10.99 -10.98
N ALA A 651 -17.57 -10.33 -10.89
CA ALA A 651 -17.08 -9.86 -9.60
C ALA A 651 -18.04 -8.86 -8.99
N SER A 652 -18.19 -8.92 -7.67
CA SER A 652 -19.07 -8.03 -6.94
C SER A 652 -18.85 -8.17 -5.44
N PRO A 653 -19.30 -7.20 -4.64
CA PRO A 653 -19.15 -7.35 -3.18
C PRO A 653 -19.85 -8.58 -2.64
N GLN A 654 -20.99 -8.94 -3.22
CA GLN A 654 -21.69 -10.16 -2.81
C GLN A 654 -20.76 -11.36 -2.92
N LEU A 655 -19.99 -11.44 -4.01
CA LEU A 655 -19.09 -12.57 -4.20
C LEU A 655 -18.05 -12.63 -3.09
N GLU A 656 -17.45 -11.49 -2.74
CA GLU A 656 -16.43 -11.47 -1.69
C GLU A 656 -17.03 -11.89 -0.35
N GLY A 657 -18.17 -11.30 0.02
CA GLY A 657 -18.77 -11.63 1.30
C GLY A 657 -19.15 -13.09 1.39
N PHE A 658 -19.81 -13.61 0.35
CA PHE A 658 -20.20 -15.01 0.35
C PHE A 658 -18.97 -15.90 0.39
N SER A 659 -17.92 -15.55 -0.36
CA SER A 659 -16.72 -16.37 -0.38
C SER A 659 -16.13 -16.50 1.01
N ALA A 660 -16.00 -15.37 1.72
CA ALA A 660 -15.43 -15.42 3.07
C ALA A 660 -16.31 -16.22 4.02
N GLU A 661 -17.59 -15.85 4.09
CA GLU A 661 -18.48 -16.46 5.07
C GLU A 661 -18.82 -17.90 4.74
N SER A 662 -18.58 -18.35 3.51
CA SER A 662 -18.75 -19.74 3.15
C SER A 662 -17.46 -20.53 3.26
N ARG A 663 -16.31 -19.88 3.12
CA ARG A 663 -15.05 -20.53 3.43
C ARG A 663 -14.98 -20.88 4.91
N LYS A 664 -15.52 -20.01 5.77
CA LYS A 664 -15.60 -20.35 7.18
C LYS A 664 -16.36 -21.66 7.39
N LEU A 665 -17.56 -21.75 6.82
CA LEU A 665 -18.37 -22.94 7.00
C LEU A 665 -17.74 -24.15 6.32
N LEU A 666 -17.05 -23.95 5.19
CA LEU A 666 -16.35 -25.04 4.55
C LEU A 666 -15.24 -25.59 5.44
N LEU A 667 -14.51 -24.71 6.11
CA LEU A 667 -13.49 -25.17 7.05
C LEU A 667 -14.12 -25.93 8.20
N ILE A 668 -15.25 -25.45 8.71
CA ILE A 668 -15.93 -26.17 9.79
C ILE A 668 -16.35 -27.57 9.32
N VAL A 669 -16.91 -27.65 8.12
CA VAL A 669 -17.36 -28.94 7.60
C VAL A 669 -16.17 -29.87 7.36
N GLN A 670 -15.05 -29.32 6.88
CA GLN A 670 -13.85 -30.13 6.70
C GLN A 670 -13.35 -30.66 8.03
N ALA A 671 -13.38 -29.83 9.07
CA ALA A 671 -13.00 -30.30 10.40
C ALA A 671 -13.92 -31.43 10.85
N LEU A 672 -15.22 -31.30 10.57
CA LEU A 672 -16.16 -32.37 10.91
C LEU A 672 -15.79 -33.66 10.18
N ARG A 673 -15.51 -33.56 8.87
CA ARG A 673 -15.19 -34.74 8.09
C ARG A 673 -13.85 -35.36 8.49
N ASP A 674 -12.99 -34.59 9.14
CA ASP A 674 -11.69 -35.08 9.58
C ASP A 674 -11.74 -35.68 10.99
N ASN A 675 -12.92 -35.75 11.60
CA ASN A 675 -13.08 -36.32 12.94
C ASN A 675 -12.28 -35.51 13.96
N LEU A 676 -12.50 -34.19 13.97
CA LEU A 676 -11.81 -33.28 14.86
C LEU A 676 -12.74 -32.62 15.86
N GLU A 677 -13.92 -33.20 16.10
CA GLU A 677 -14.89 -32.72 17.07
C GLU A 677 -15.08 -31.20 16.96
N PRO A 678 -15.48 -30.71 15.79
CA PRO A 678 -15.68 -29.27 15.64
C PRO A 678 -16.83 -28.77 16.49
N GLY A 679 -16.74 -27.51 16.89
CA GLY A 679 -17.76 -26.88 17.69
C GLY A 679 -17.94 -25.44 17.27
N THR A 680 -19.13 -24.91 17.56
CA THR A 680 -19.47 -23.55 17.19
C THR A 680 -20.13 -22.86 18.37
N PHE A 681 -19.96 -21.54 18.45
CA PHE A 681 -20.57 -20.73 19.48
C PHE A 681 -21.91 -20.14 19.04
N ASP A 682 -22.01 -19.71 17.78
CA ASP A 682 -23.29 -19.25 17.23
C ASP A 682 -23.28 -19.59 15.75
N LEU A 683 -23.84 -20.75 15.40
CA LEU A 683 -23.88 -21.16 14.00
C LEU A 683 -24.97 -20.40 13.24
N GLY A 684 -26.07 -20.08 13.91
CA GLY A 684 -27.12 -19.30 13.27
C GLY A 684 -26.61 -17.95 12.81
N GLY A 685 -25.74 -17.33 13.60
CA GLY A 685 -25.15 -16.06 13.19
C GLY A 685 -24.32 -16.20 11.92
N LEU A 686 -23.52 -17.27 11.85
CA LEU A 686 -22.74 -17.51 10.63
C LEU A 686 -23.64 -17.73 9.43
N TYR A 687 -24.72 -18.51 9.61
CA TYR A 687 -25.66 -18.74 8.51
C TYR A 687 -26.29 -17.44 8.04
N GLU A 688 -26.70 -16.60 8.99
CA GLU A 688 -27.29 -15.31 8.61
C GLU A 688 -26.26 -14.43 7.92
N ALA A 689 -24.99 -14.52 8.33
CA ALA A 689 -23.95 -13.76 7.64
C ALA A 689 -23.76 -14.23 6.22
N ILE A 690 -23.85 -15.54 5.98
CA ILE A 690 -23.70 -16.06 4.63
C ILE A 690 -24.89 -15.67 3.78
N GLU A 691 -26.10 -15.81 4.33
CA GLU A 691 -27.31 -15.63 3.54
C GLU A 691 -27.58 -14.18 3.17
N GLU A 692 -26.95 -13.22 3.84
CA GLU A 692 -27.15 -11.82 3.51
C GLU A 692 -26.35 -11.38 2.29
N CYS A 693 -25.38 -12.18 1.84
CA CYS A 693 -24.61 -11.85 0.65
C CYS A 693 -25.30 -12.27 -0.64
N LEU A 694 -26.30 -13.15 -0.56
CA LEU A 694 -26.99 -13.65 -1.75
C LEU A 694 -28.18 -12.75 -2.03
N ILE A 695 -28.06 -11.88 -3.04
CA ILE A 695 -29.14 -10.94 -3.33
C ILE A 695 -29.63 -11.10 -4.76
N ASN A 696 -28.79 -10.77 -5.74
CA ASN A 696 -29.20 -10.87 -7.14
C ASN A 696 -28.11 -11.29 -8.11
N ASP A 697 -26.90 -11.58 -7.65
CA ASP A 697 -25.84 -11.88 -8.60
C ASP A 697 -25.94 -13.33 -9.05
N PRO A 698 -26.05 -13.61 -10.35
CA PRO A 698 -26.15 -15.01 -10.77
C PRO A 698 -24.98 -15.87 -10.31
N TRP A 699 -23.76 -15.32 -10.33
CA TRP A 699 -22.59 -16.12 -10.00
C TRP A 699 -22.59 -16.53 -8.53
N VAL A 700 -22.89 -15.60 -7.63
CA VAL A 700 -22.88 -15.94 -6.21
C VAL A 700 -24.01 -16.90 -5.88
N LEU A 701 -25.17 -16.74 -6.51
CA LEU A 701 -26.27 -17.68 -6.28
C LEU A 701 -25.91 -19.07 -6.78
N LEU A 702 -25.23 -19.16 -7.94
CA LEU A 702 -24.78 -20.46 -8.42
C LEU A 702 -23.76 -21.06 -7.47
N ASN A 703 -22.87 -20.23 -6.92
CA ASN A 703 -21.91 -20.73 -5.93
C ASN A 703 -22.62 -21.25 -4.69
N ALA A 704 -23.66 -20.55 -4.24
CA ALA A 704 -24.43 -21.01 -3.09
C ALA A 704 -25.12 -22.34 -3.38
N SER A 705 -25.69 -22.48 -4.58
CA SER A 705 -26.30 -23.75 -4.95
C SER A 705 -25.27 -24.86 -4.97
N TRP A 706 -24.07 -24.56 -5.50
CA TRP A 706 -22.99 -25.55 -5.48
C TRP A 706 -22.63 -25.93 -4.05
N PHE A 707 -22.59 -24.94 -3.15
CA PHE A 707 -22.26 -25.22 -1.76
C PHE A 707 -23.31 -26.10 -1.12
N ASN A 708 -24.59 -25.85 -1.40
CA ASN A 708 -25.66 -26.69 -0.89
C ASN A 708 -25.52 -28.11 -1.41
N SER A 709 -25.22 -28.26 -2.70
CA SER A 709 -25.01 -29.59 -3.26
C SER A 709 -23.83 -30.30 -2.60
N PHE A 710 -22.75 -29.55 -2.35
CA PHE A 710 -21.58 -30.15 -1.70
C PHE A 710 -21.91 -30.60 -0.29
N LEU A 711 -22.68 -29.79 0.45
CA LEU A 711 -23.12 -30.21 1.78
C LEU A 711 -23.96 -31.48 1.69
N THR A 712 -24.88 -31.53 0.73
CA THR A 712 -25.73 -32.71 0.59
C THR A 712 -24.91 -33.95 0.28
N HIS A 713 -23.94 -33.83 -0.62
CA HIS A 713 -23.09 -34.96 -0.96
C HIS A 713 -22.11 -35.28 0.17
N ALA A 714 -21.60 -34.25 0.83
CA ALA A 714 -20.76 -34.44 2.01
C ALA A 714 -21.67 -34.80 3.19
N LEU A 715 -21.10 -34.90 4.39
CA LEU A 715 -21.86 -35.24 5.59
C LEU A 715 -22.53 -36.61 5.43
N ARG A 716 -21.69 -37.61 5.13
CA ARG A 716 -22.17 -38.97 4.94
C ARG A 716 -21.15 -39.97 5.49
N MET B 1 -24.30 -33.76 -17.63
CA MET B 1 -23.49 -33.56 -16.40
C MET B 1 -23.27 -32.07 -16.15
N ASP B 2 -23.47 -31.65 -14.90
CA ASP B 2 -23.28 -30.26 -14.50
C ASP B 2 -21.98 -30.14 -13.73
N VAL B 3 -21.13 -29.21 -14.17
CA VAL B 3 -19.83 -29.01 -13.55
C VAL B 3 -20.00 -28.23 -12.26
N ASN B 4 -19.28 -28.63 -11.22
CA ASN B 4 -19.35 -27.98 -9.93
C ASN B 4 -17.98 -28.03 -9.24
N PRO B 5 -17.21 -26.94 -9.27
CA PRO B 5 -15.88 -26.98 -8.65
C PRO B 5 -15.90 -27.30 -7.17
N THR B 6 -16.92 -26.86 -6.43
CA THR B 6 -16.93 -27.08 -4.99
C THR B 6 -16.84 -28.54 -4.63
N LEU B 7 -17.43 -29.43 -5.45
CA LEU B 7 -17.36 -30.85 -5.16
C LEU B 7 -15.93 -31.36 -5.13
N LEU B 8 -14.99 -30.61 -5.70
CA LEU B 8 -13.59 -30.98 -5.61
C LEU B 8 -13.12 -31.12 -4.17
N PHE B 9 -13.79 -30.44 -3.23
CA PHE B 9 -13.41 -30.55 -1.82
C PHE B 9 -13.76 -31.90 -1.22
N LEU B 10 -14.54 -32.73 -1.92
CA LEU B 10 -14.86 -34.06 -1.42
C LEU B 10 -13.67 -35.01 -1.51
N LYS B 11 -12.67 -34.68 -2.32
CA LYS B 11 -11.45 -35.48 -2.43
C LYS B 11 -10.22 -34.75 -1.95
N VAL B 12 -10.11 -33.46 -2.24
CA VAL B 12 -9.00 -32.63 -1.78
C VAL B 12 -9.45 -31.91 -0.50
N PRO B 13 -8.72 -32.05 0.61
CA PRO B 13 -9.12 -31.33 1.83
C PRO B 13 -9.31 -29.84 1.59
N ALA B 14 -10.08 -29.18 2.45
CA ALA B 14 -10.43 -27.79 2.21
C ALA B 14 -9.19 -26.90 2.17
N GLN B 15 -8.26 -27.11 3.10
CA GLN B 15 -7.07 -26.25 3.17
C GLN B 15 -6.11 -26.51 2.02
N ASN B 16 -6.04 -27.75 1.52
CA ASN B 16 -5.15 -28.04 0.41
C ASN B 16 -5.62 -27.43 -0.90
N ALA B 17 -6.87 -26.95 -0.97
CA ALA B 17 -7.38 -26.26 -2.15
C ALA B 17 -8.10 -24.98 -1.77
N ILE B 18 -7.69 -24.35 -0.67
CA ILE B 18 -8.36 -23.14 -0.21
C ILE B 18 -8.19 -21.99 -1.18
N SER B 19 -7.15 -22.04 -2.02
CA SER B 19 -6.94 -20.96 -2.99
C SER B 19 -8.14 -20.79 -3.90
N THR B 20 -8.88 -21.87 -4.16
CA THR B 20 -10.04 -21.79 -5.02
C THR B 20 -11.16 -20.94 -4.41
N THR B 21 -11.14 -20.74 -3.09
CA THR B 21 -12.19 -20.00 -2.40
C THR B 21 -11.86 -18.52 -2.22
N PHE B 22 -10.91 -17.99 -3.01
CA PHE B 22 -10.48 -16.61 -2.92
C PHE B 22 -10.70 -15.94 -4.27
N PRO B 23 -11.83 -15.27 -4.49
CA PRO B 23 -12.09 -14.62 -5.79
C PRO B 23 -11.32 -13.31 -5.95
N TYR B 24 -9.99 -13.41 -5.96
CA TYR B 24 -9.12 -12.25 -6.05
C TYR B 24 -8.66 -12.00 -7.49
N THR B 25 -9.47 -12.41 -8.48
CA THR B 25 -9.19 -12.13 -9.88
C THR B 25 -10.11 -11.06 -10.45
N GLY B 26 -11.03 -10.51 -9.65
CA GLY B 26 -11.94 -9.49 -10.10
C GLY B 26 -11.74 -8.20 -9.35
N ASP B 27 -12.47 -7.18 -9.78
CA ASP B 27 -12.33 -5.87 -9.17
C ASP B 27 -12.83 -5.92 -7.72
N PRO B 28 -12.04 -5.45 -6.75
CA PRO B 28 -12.51 -5.45 -5.36
C PRO B 28 -13.55 -4.37 -5.15
N PRO B 29 -14.40 -4.50 -4.13
CA PRO B 29 -15.43 -3.50 -3.90
C PRO B 29 -14.84 -2.14 -3.57
N TYR B 30 -15.48 -1.09 -4.08
CA TYR B 30 -15.11 0.28 -3.80
C TYR B 30 -16.32 1.07 -3.31
N SER B 31 -16.06 2.05 -2.45
CA SER B 31 -17.06 3.03 -2.09
C SER B 31 -17.14 4.11 -3.16
N HIS B 32 -18.35 4.65 -3.36
CA HIS B 32 -18.60 5.60 -4.43
C HIS B 32 -18.76 7.03 -3.94
N GLY B 33 -19.46 7.24 -2.82
CA GLY B 33 -19.75 8.58 -2.37
C GLY B 33 -19.26 8.90 -0.97
N THR B 34 -20.10 9.59 -0.20
CA THR B 34 -19.71 10.05 1.12
C THR B 34 -19.55 8.88 2.08
N GLY B 35 -18.70 9.08 3.10
CA GLY B 35 -18.56 8.14 4.18
C GLY B 35 -19.20 8.65 5.45
N THR B 36 -20.03 9.70 5.33
CA THR B 36 -20.64 10.29 6.51
C THR B 36 -21.59 9.31 7.19
N GLY B 37 -22.36 8.56 6.40
CA GLY B 37 -23.26 7.59 7.00
C GLY B 37 -22.53 6.57 7.84
N TYR B 38 -21.43 6.04 7.32
CA TYR B 38 -20.65 5.07 8.08
C TYR B 38 -20.05 5.69 9.33
N THR B 39 -19.57 6.93 9.25
CA THR B 39 -19.02 7.60 10.42
C THR B 39 -20.07 7.76 11.50
N MET B 40 -21.26 8.23 11.12
CA MET B 40 -22.33 8.40 12.09
C MET B 40 -22.74 7.06 12.69
N ASP B 41 -22.83 6.02 11.86
CA ASP B 41 -23.20 4.71 12.37
C ASP B 41 -22.16 4.19 13.36
N THR B 42 -20.87 4.38 13.04
CA THR B 42 -19.82 3.93 13.94
C THR B 42 -19.87 4.70 15.26
N VAL B 43 -20.09 6.01 15.21
CA VAL B 43 -20.15 6.80 16.44
C VAL B 43 -21.32 6.33 17.30
N ASN B 44 -22.49 6.16 16.69
CA ASN B 44 -23.66 5.73 17.46
C ASN B 44 -23.44 4.34 18.04
N ARG B 45 -22.86 3.43 17.26
CA ARG B 45 -22.62 2.08 17.73
C ARG B 45 -21.63 2.06 18.88
N THR B 46 -20.56 2.86 18.78
CA THR B 46 -19.59 2.94 19.87
C THR B 46 -20.23 3.52 21.13
N HIS B 47 -21.13 4.50 20.97
CA HIS B 47 -21.76 5.10 22.13
C HIS B 47 -22.84 4.22 22.75
N GLN B 48 -23.48 3.34 21.99
CA GLN B 48 -24.55 2.52 22.54
C GLN B 48 -24.05 1.19 23.08
N TYR B 49 -22.84 0.76 22.71
CA TYR B 49 -22.22 -0.36 23.39
C TYR B 49 -21.77 -0.01 24.80
N SER B 50 -21.77 1.27 25.16
CA SER B 50 -21.37 1.74 26.47
C SER B 50 -22.45 2.62 27.08
N GLU B 51 -23.70 2.37 26.73
CA GLU B 51 -24.80 3.24 27.13
C GLU B 51 -24.93 3.32 28.65
N LYS B 52 -24.62 2.25 29.36
CA LYS B 52 -24.81 2.20 30.80
C LYS B 52 -23.71 2.91 31.59
N GLY B 53 -22.79 3.59 30.91
CA GLY B 53 -21.77 4.35 31.60
C GLY B 53 -22.34 5.59 32.25
N ARG B 54 -21.51 6.59 32.50
CA ARG B 54 -21.95 7.85 33.08
C ARG B 54 -21.57 9.01 32.17
N TRP B 55 -22.46 9.98 32.06
CA TRP B 55 -22.30 11.11 31.16
C TRP B 55 -21.69 12.30 31.90
N THR B 56 -20.86 13.05 31.18
CA THR B 56 -20.27 14.28 31.70
C THR B 56 -20.12 15.25 30.54
N THR B 57 -19.83 16.51 30.87
CA THR B 57 -19.58 17.54 29.87
C THR B 57 -18.21 18.15 30.15
N ASN B 58 -17.31 18.04 29.18
CA ASN B 58 -15.98 18.58 29.35
C ASN B 58 -16.04 20.09 29.51
N THR B 59 -15.31 20.60 30.51
CA THR B 59 -15.31 22.04 30.77
C THR B 59 -14.50 22.82 29.75
N GLU B 60 -13.59 22.16 29.03
CA GLU B 60 -12.78 22.84 28.02
C GLU B 60 -13.44 22.80 26.64
N THR B 61 -13.75 21.60 26.14
CA THR B 61 -14.36 21.47 24.83
C THR B 61 -15.88 21.58 24.87
N GLY B 62 -16.50 21.48 26.04
CA GLY B 62 -17.93 21.59 26.13
C GLY B 62 -18.69 20.46 25.46
N ALA B 63 -18.02 19.34 25.17
CA ALA B 63 -18.66 18.24 24.49
C ALA B 63 -19.11 17.17 25.47
N PRO B 64 -20.20 16.46 25.19
CA PRO B 64 -20.63 15.37 26.08
C PRO B 64 -19.75 14.15 25.89
N GLN B 65 -19.30 13.57 27.00
CA GLN B 65 -18.43 12.41 27.01
C GLN B 65 -19.04 11.32 27.89
N LEU B 66 -18.87 10.08 27.49
CA LEU B 66 -19.45 8.92 28.17
C LEU B 66 -18.32 8.06 28.71
N ASN B 67 -18.32 7.85 30.03
CA ASN B 67 -17.31 7.04 30.69
C ASN B 67 -17.94 5.74 31.17
N PRO B 68 -17.64 4.60 30.54
CA PRO B 68 -18.24 3.34 31.01
C PRO B 68 -17.33 2.56 31.97
N ILE B 69 -16.09 3.03 32.14
CA ILE B 69 -15.14 2.29 32.95
C ILE B 69 -15.72 2.07 34.34
N ASP B 70 -15.48 0.88 34.89
CA ASP B 70 -16.01 0.48 36.20
C ASP B 70 -17.54 0.52 36.21
N GLY B 71 -18.18 0.42 35.04
CA GLY B 71 -19.60 0.39 34.96
C GLY B 71 -20.16 -0.97 35.34
N PRO B 72 -21.48 -1.10 35.26
CA PRO B 72 -22.11 -2.38 35.63
C PRO B 72 -21.58 -3.52 34.76
N LEU B 73 -21.40 -4.67 35.40
CA LEU B 73 -20.90 -5.83 34.68
C LEU B 73 -21.93 -6.30 33.66
N PRO B 74 -21.49 -6.77 32.50
CA PRO B 74 -22.44 -7.21 31.48
C PRO B 74 -23.24 -8.42 31.94
N GLU B 75 -24.49 -8.47 31.53
CA GLU B 75 -25.38 -9.58 31.83
C GLU B 75 -25.83 -10.33 30.58
N ASP B 76 -25.22 -10.02 29.43
CA ASP B 76 -25.54 -10.68 28.17
C ASP B 76 -24.27 -10.80 27.35
N ASN B 77 -24.34 -11.59 26.29
CA ASN B 77 -23.19 -11.86 25.43
C ASN B 77 -23.00 -10.80 24.35
N GLU B 78 -23.79 -9.73 24.37
CA GLU B 78 -23.63 -8.66 23.40
C GLU B 78 -22.35 -7.89 23.68
N PRO B 79 -21.81 -7.19 22.68
CA PRO B 79 -20.58 -6.43 22.90
C PRO B 79 -20.76 -5.39 24.01
N SER B 80 -19.72 -5.23 24.81
CA SER B 80 -19.76 -4.32 25.95
C SER B 80 -18.40 -3.67 26.12
N GLY B 81 -18.39 -2.38 26.40
CA GLY B 81 -17.16 -1.64 26.62
C GLY B 81 -16.94 -1.28 28.07
N TYR B 82 -17.59 -2.01 28.99
CA TYR B 82 -17.50 -1.71 30.42
C TYR B 82 -16.30 -2.44 31.02
N ALA B 83 -15.11 -1.93 30.68
CA ALA B 83 -13.87 -2.46 31.24
C ALA B 83 -13.71 -2.01 32.68
N GLN B 84 -13.12 -2.87 33.50
CA GLN B 84 -12.92 -2.61 34.92
C GLN B 84 -11.47 -2.25 35.16
N THR B 85 -11.25 -1.10 35.80
CA THR B 85 -9.88 -0.61 36.00
C THR B 85 -9.04 -1.60 36.81
N ASP B 86 -9.60 -2.10 37.91
CA ASP B 86 -8.83 -2.99 38.78
C ASP B 86 -8.45 -4.27 38.06
N CYS B 87 -9.39 -4.83 37.28
CA CYS B 87 -9.09 -6.08 36.56
C CYS B 87 -7.94 -5.88 35.58
N VAL B 88 -7.95 -4.80 34.83
CA VAL B 88 -6.91 -4.58 33.83
C VAL B 88 -5.58 -4.27 34.50
N LEU B 89 -5.61 -3.51 35.60
CA LEU B 89 -4.38 -3.27 36.34
C LEU B 89 -3.80 -4.59 36.86
N GLU B 90 -4.67 -5.48 37.36
CA GLU B 90 -4.21 -6.78 37.83
C GLU B 90 -3.65 -7.61 36.68
N ALA B 91 -4.29 -7.55 35.51
CA ALA B 91 -3.77 -8.27 34.35
C ALA B 91 -2.39 -7.78 33.97
N MET B 92 -2.20 -6.45 33.97
CA MET B 92 -0.88 -5.90 33.66
C MET B 92 0.14 -6.28 34.72
N ALA B 93 -0.28 -6.32 35.99
CA ALA B 93 0.63 -6.74 37.06
C ALA B 93 1.06 -8.18 36.88
N PHE B 94 0.13 -9.06 36.52
CA PHE B 94 0.51 -10.45 36.26
C PHE B 94 1.40 -10.56 35.04
N LEU B 95 1.14 -9.75 34.02
CA LEU B 95 2.03 -9.72 32.85
C LEU B 95 3.44 -9.34 33.26
N GLU B 96 3.57 -8.34 34.13
CA GLU B 96 4.89 -7.95 34.61
C GLU B 96 5.53 -9.06 35.43
N GLU B 97 4.74 -9.72 36.29
CA GLU B 97 5.28 -10.77 37.14
C GLU B 97 5.81 -11.93 36.31
N SER B 98 5.07 -12.33 35.27
CA SER B 98 5.52 -13.41 34.40
C SER B 98 6.72 -12.99 33.54
N HIS B 99 6.91 -11.69 33.33
CA HIS B 99 8.02 -11.17 32.55
C HIS B 99 8.66 -10.02 33.31
N PRO B 100 9.39 -10.33 34.38
CA PRO B 100 10.00 -9.27 35.19
C PRO B 100 10.96 -8.41 34.37
N GLY B 101 10.97 -7.12 34.67
CA GLY B 101 11.85 -6.18 34.00
C GLY B 101 11.40 -5.73 32.63
N ILE B 102 10.23 -6.17 32.16
CA ILE B 102 9.77 -5.80 30.83
C ILE B 102 9.47 -4.31 30.77
N PHE B 103 8.65 -3.82 31.70
CA PHE B 103 8.22 -2.41 31.63
C PHE B 103 9.39 -1.47 31.87
N GLU B 104 10.23 -1.75 32.86
CA GLU B 104 11.34 -0.84 33.15
C GLU B 104 12.28 -0.73 31.96
N ASN B 105 12.67 -1.87 31.38
CA ASN B 105 13.55 -1.82 30.22
C ASN B 105 12.88 -1.05 29.08
N SER B 106 11.67 -1.47 28.69
CA SER B 106 11.02 -0.84 27.56
C SER B 106 10.91 0.66 27.76
N CYS B 107 10.62 1.09 28.99
CA CYS B 107 10.57 2.51 29.29
C CYS B 107 11.95 3.15 29.14
N LEU B 108 13.02 2.43 29.49
CA LEU B 108 14.35 3.00 29.32
C LEU B 108 14.67 3.27 27.85
N GLU B 109 14.48 2.27 27.00
CA GLU B 109 14.74 2.52 25.57
C GLU B 109 13.80 3.58 25.00
N THR B 110 12.53 3.57 25.43
CA THR B 110 11.61 4.59 24.94
C THR B 110 12.05 5.98 25.38
N MET B 111 12.55 6.11 26.61
CA MET B 111 13.05 7.40 27.08
C MET B 111 14.23 7.86 26.26
N GLU B 112 15.16 6.95 25.96
CA GLU B 112 16.27 7.28 25.09
C GLU B 112 15.77 7.82 23.75
N VAL B 113 14.85 7.08 23.12
CA VAL B 113 14.37 7.47 21.79
C VAL B 113 13.65 8.82 21.85
N VAL B 114 12.79 9.01 22.86
CA VAL B 114 12.02 10.25 22.96
C VAL B 114 12.96 11.44 23.14
N GLN B 115 13.98 11.29 23.98
CA GLN B 115 14.86 12.44 24.21
C GLN B 115 15.91 12.61 23.11
N GLN B 116 16.05 11.66 22.19
CA GLN B 116 16.92 11.86 21.04
C GLN B 116 16.18 11.92 19.71
N THR B 117 14.85 11.79 19.72
CA THR B 117 14.09 11.86 18.48
C THR B 117 14.07 13.29 17.93
N ARG B 118 13.90 13.39 16.61
CA ARG B 118 13.88 14.66 15.91
C ARG B 118 12.47 14.93 15.37
N VAL B 119 12.25 16.17 14.94
CA VAL B 119 10.96 16.55 14.39
C VAL B 119 10.72 15.89 13.04
N ASP B 120 11.76 15.77 12.22
CA ASP B 120 11.61 15.28 10.85
C ASP B 120 11.01 13.89 10.81
N LYS B 121 11.10 13.13 11.91
CA LYS B 121 10.50 11.79 11.94
C LYS B 121 9.01 11.84 11.67
N LEU B 122 8.35 12.97 11.92
CA LEU B 122 6.92 13.08 11.65
C LEU B 122 6.62 13.19 10.17
N THR B 123 7.60 13.56 9.34
CA THR B 123 7.35 13.65 7.91
C THR B 123 7.22 12.27 7.27
N GLN B 124 7.77 11.24 7.91
CA GLN B 124 7.71 9.88 7.38
C GLN B 124 6.36 9.23 7.72
N GLY B 125 5.30 9.83 7.18
CA GLY B 125 3.96 9.32 7.40
C GLY B 125 3.06 9.67 6.24
N ARG B 126 2.00 8.88 6.11
CA ARG B 126 1.02 9.08 5.04
C ARG B 126 0.04 10.18 5.43
N GLN B 127 -1.05 10.31 4.66
CA GLN B 127 -1.97 11.43 4.82
C GLN B 127 -2.28 11.69 6.28
N THR B 128 -2.30 12.98 6.65
CA THR B 128 -2.67 13.42 7.98
C THR B 128 -3.62 14.60 7.86
N TYR B 129 -4.47 14.76 8.87
CA TYR B 129 -5.51 15.80 8.83
C TYR B 129 -4.90 17.13 9.25
N ASP B 130 -4.60 17.98 8.28
CA ASP B 130 -4.17 19.34 8.58
C ASP B 130 -5.36 20.17 9.03
N TRP B 131 -5.25 20.75 10.22
CA TRP B 131 -6.30 21.61 10.76
C TRP B 131 -6.19 23.04 10.25
N THR B 132 -5.04 23.44 9.70
CA THR B 132 -4.92 24.77 9.13
C THR B 132 -5.86 24.95 7.95
N LEU B 133 -6.13 23.87 7.23
CA LEU B 133 -7.04 23.90 6.09
C LEU B 133 -8.24 22.99 6.28
N ASN B 134 -8.31 22.24 7.39
CA ASN B 134 -9.42 21.32 7.65
C ASN B 134 -9.52 20.28 6.53
N ARG B 135 -8.40 19.62 6.23
CA ARG B 135 -8.43 18.62 5.17
C ARG B 135 -7.21 17.74 5.28
N ASN B 136 -7.28 16.58 4.64
CA ASN B 136 -6.16 15.65 4.64
C ASN B 136 -5.09 16.10 3.65
N GLN B 137 -3.84 16.11 4.11
CA GLN B 137 -2.72 16.51 3.29
C GLN B 137 -1.53 15.65 3.68
N PRO B 138 -0.50 15.58 2.82
CA PRO B 138 0.68 14.78 3.16
C PRO B 138 1.29 15.23 4.48
N ALA B 139 1.88 14.27 5.20
CA ALA B 139 2.38 14.53 6.54
C ALA B 139 3.34 15.72 6.55
N ALA B 140 4.25 15.77 5.58
CA ALA B 140 5.23 16.86 5.56
C ALA B 140 4.53 18.20 5.37
N THR B 141 3.55 18.28 4.49
CA THR B 141 2.86 19.54 4.24
C THR B 141 2.13 20.01 5.50
N ALA B 142 1.41 19.10 6.15
CA ALA B 142 0.68 19.47 7.37
C ALA B 142 1.65 19.91 8.46
N LEU B 143 2.76 19.19 8.62
CA LEU B 143 3.75 19.58 9.63
C LEU B 143 4.30 20.96 9.34
N ALA B 144 4.62 21.24 8.08
CA ALA B 144 5.15 22.55 7.72
C ALA B 144 4.13 23.65 8.00
N ASN B 145 2.87 23.42 7.64
CA ASN B 145 1.85 24.43 7.89
C ASN B 145 1.67 24.68 9.38
N THR B 146 1.63 23.62 10.18
CA THR B 146 1.47 23.81 11.62
C THR B 146 2.67 24.54 12.22
N ILE B 147 3.88 24.20 11.77
CA ILE B 147 5.07 24.90 12.27
C ILE B 147 5.02 26.37 11.90
N GLU B 148 4.60 26.68 10.67
CA GLU B 148 4.49 28.07 10.25
C GLU B 148 3.49 28.82 11.11
N VAL B 149 2.33 28.21 11.37
CA VAL B 149 1.32 28.87 12.18
C VAL B 149 1.83 29.09 13.60
N PHE B 150 2.50 28.08 14.17
CA PHE B 150 3.03 28.21 15.52
C PHE B 150 4.05 29.35 15.58
N ARG B 151 4.97 29.39 14.62
CA ARG B 151 5.97 30.45 14.60
C ARG B 151 5.32 31.82 14.43
N SER B 152 4.28 31.91 13.61
CA SER B 152 3.56 33.17 13.47
C SER B 152 2.85 33.57 14.75
N ASN B 153 2.42 32.60 15.57
CA ASN B 153 1.73 32.89 16.81
C ASN B 153 2.67 33.12 17.99
N GLY B 154 3.95 32.80 17.85
CA GLY B 154 4.93 33.01 18.90
C GLY B 154 5.46 31.74 19.55
N LEU B 155 5.10 30.56 19.06
CA LEU B 155 5.60 29.30 19.61
C LEU B 155 6.74 28.82 18.73
N THR B 156 7.98 29.12 19.15
CA THR B 156 9.16 28.86 18.36
C THR B 156 10.14 27.93 19.06
N ALA B 157 9.67 27.17 20.06
CA ALA B 157 10.54 26.20 20.70
C ALA B 157 10.90 25.06 19.76
N ASN B 158 10.03 24.77 18.79
CA ASN B 158 10.33 23.72 17.82
C ASN B 158 11.56 24.03 16.98
N GLU B 159 12.01 25.29 16.99
CA GLU B 159 13.26 25.63 16.31
C GLU B 159 14.44 24.89 16.90
N SER B 160 14.31 24.35 18.12
CA SER B 160 15.35 23.50 18.67
C SER B 160 15.54 22.22 17.88
N GLY B 161 14.61 21.88 16.99
CA GLY B 161 14.74 20.70 16.17
C GLY B 161 14.47 19.40 16.87
N ARG B 162 13.79 19.44 18.02
CA ARG B 162 13.50 18.26 18.81
C ARG B 162 12.01 18.02 18.83
N LEU B 163 11.61 16.77 18.65
CA LEU B 163 10.19 16.43 18.70
C LEU B 163 9.59 16.71 20.07
N ILE B 164 10.36 16.51 21.13
CA ILE B 164 9.86 16.81 22.47
C ILE B 164 9.56 18.29 22.60
N ASP B 165 10.43 19.15 22.04
CA ASP B 165 10.16 20.58 22.05
C ASP B 165 8.94 20.93 21.20
N PHE B 166 8.76 20.24 20.07
CA PHE B 166 7.56 20.47 19.28
C PHE B 166 6.31 20.13 20.07
N LEU B 167 6.33 19.03 20.83
CA LEU B 167 5.19 18.69 21.66
C LEU B 167 5.00 19.69 22.79
N LYS B 168 6.10 20.21 23.35
CA LYS B 168 5.98 21.26 24.36
C LYS B 168 5.27 22.47 23.78
N ASP B 169 5.65 22.88 22.57
CA ASP B 169 4.96 23.99 21.91
C ASP B 169 3.50 23.65 21.65
N VAL B 170 3.23 22.41 21.24
CA VAL B 170 1.86 22.00 20.96
C VAL B 170 0.99 22.16 22.21
N MET B 171 1.49 21.67 23.35
CA MET B 171 0.74 21.79 24.59
C MET B 171 0.60 23.26 25.00
N GLU B 172 1.67 24.04 24.85
CA GLU B 172 1.57 25.46 25.20
C GLU B 172 0.53 26.17 24.35
N SER B 173 0.34 25.72 23.10
CA SER B 173 -0.69 26.31 22.25
C SER B 173 -2.08 26.11 22.82
N MET B 174 -2.27 25.06 23.63
CA MET B 174 -3.58 24.78 24.19
C MET B 174 -4.04 25.87 25.15
N ASP B 175 -3.11 26.63 25.74
CA ASP B 175 -3.43 27.63 26.74
C ASP B 175 -3.41 29.05 26.18
N LYS B 176 -3.53 29.20 24.87
CA LYS B 176 -3.51 30.51 24.23
C LYS B 176 -4.93 31.03 24.04
N GLU B 177 -5.08 32.35 24.19
CA GLU B 177 -6.41 32.95 24.09
C GLU B 177 -6.90 33.04 22.65
N GLU B 178 -5.99 33.27 21.70
CA GLU B 178 -6.40 33.54 20.33
C GLU B 178 -5.23 33.20 19.40
N MET B 179 -5.42 32.21 18.53
CA MET B 179 -4.46 31.91 17.49
C MET B 179 -4.95 32.45 16.16
N GLU B 180 -4.06 32.45 15.16
CA GLU B 180 -4.38 32.98 13.84
C GLU B 180 -3.98 31.97 12.77
N ILE B 181 -4.87 31.81 11.78
CA ILE B 181 -4.66 30.90 10.67
C ILE B 181 -4.85 31.67 9.36
N THR B 182 -4.41 31.05 8.27
CA THR B 182 -4.47 31.64 6.94
C THR B 182 -5.41 30.83 6.07
N THR B 183 -6.22 31.52 5.26
CA THR B 183 -7.12 30.85 4.33
C THR B 183 -7.08 31.57 2.99
N HIS B 184 -7.13 30.80 1.91
CA HIS B 184 -7.15 31.33 0.55
C HIS B 184 -8.50 31.07 -0.10
N PHE B 185 -8.96 32.04 -0.86
CA PHE B 185 -10.24 31.93 -1.56
C PHE B 185 -10.22 32.73 -2.86
N LYS B 207 -5.07 36.41 0.54
CA LYS B 207 -5.22 35.54 1.70
C LYS B 207 -5.86 36.27 2.86
N LYS B 208 -6.63 35.54 3.67
CA LYS B 208 -7.36 36.10 4.79
C LYS B 208 -6.82 35.50 6.09
N LYS B 209 -6.56 36.36 7.07
CA LYS B 209 -6.14 35.94 8.39
C LYS B 209 -7.37 35.81 9.28
N GLN B 210 -7.59 34.63 9.84
CA GLN B 210 -8.74 34.36 10.68
C GLN B 210 -8.26 34.02 12.09
N ARG B 211 -9.06 34.41 13.08
CA ARG B 211 -8.71 34.21 14.48
C ARG B 211 -9.55 33.07 15.07
N LEU B 212 -8.86 32.15 15.73
CA LEU B 212 -9.47 31.00 16.39
C LEU B 212 -9.35 31.18 17.89
N ASN B 213 -10.48 31.11 18.59
CA ASN B 213 -10.47 31.23 20.04
C ASN B 213 -9.95 29.93 20.65
N LYS B 214 -9.97 29.87 21.99
CA LYS B 214 -9.41 28.73 22.69
C LYS B 214 -10.19 27.45 22.37
N ARG B 215 -11.51 27.48 22.52
CA ARG B 215 -12.30 26.26 22.37
C ARG B 215 -12.25 25.75 20.93
N SER B 216 -12.33 26.66 19.96
CA SER B 216 -12.31 26.24 18.56
C SER B 216 -10.99 25.55 18.22
N TYR B 217 -9.87 26.12 18.69
CA TYR B 217 -8.59 25.50 18.44
C TYR B 217 -8.45 24.17 19.18
N LEU B 218 -9.00 24.08 20.39
CA LEU B 218 -8.98 22.81 21.11
C LEU B 218 -9.69 21.73 20.30
N ILE B 219 -10.89 22.05 19.79
CA ILE B 219 -11.63 21.07 19.01
C ILE B 219 -10.93 20.75 17.69
N ARG B 220 -10.28 21.75 17.07
CA ARG B 220 -9.55 21.50 15.83
C ARG B 220 -8.32 20.63 16.06
N ALA B 221 -7.73 20.71 17.25
CA ALA B 221 -6.57 19.87 17.57
C ALA B 221 -6.97 18.49 18.07
N LEU B 222 -8.19 18.33 18.59
CA LEU B 222 -8.66 17.06 19.11
C LEU B 222 -9.51 16.29 18.10
N THR B 223 -9.64 16.77 16.87
CA THR B 223 -10.57 16.17 15.93
C THR B 223 -9.86 15.19 14.99
N LEU B 224 -10.66 14.31 14.39
CA LEU B 224 -10.18 13.31 13.44
C LEU B 224 -10.96 13.45 12.14
N ASN B 225 -10.31 13.11 11.03
CA ASN B 225 -10.96 13.14 9.72
C ASN B 225 -11.35 11.74 9.32
N THR B 226 -12.60 11.57 8.89
CA THR B 226 -13.16 10.27 8.59
C THR B 226 -13.30 10.10 7.08
N MET B 227 -12.89 8.92 6.58
CA MET B 227 -13.01 8.56 5.18
C MET B 227 -13.53 7.15 5.08
N THR B 228 -13.82 6.72 3.84
CA THR B 228 -14.31 5.38 3.57
C THR B 228 -13.17 4.54 3.01
N LYS B 229 -13.01 3.33 3.54
CA LYS B 229 -11.93 2.45 3.11
C LYS B 229 -12.34 1.71 1.84
N ASP B 230 -11.52 1.85 0.80
CA ASP B 230 -11.75 1.18 -0.47
C ASP B 230 -10.76 0.04 -0.65
N ALA B 231 -11.03 -0.79 -1.66
CA ALA B 231 -10.19 -1.94 -1.97
C ALA B 231 -10.09 -2.89 -0.78
N GLU B 232 -11.22 -3.08 -0.09
CA GLU B 232 -11.30 -3.96 1.08
C GLU B 232 -12.05 -5.22 0.67
N ARG B 233 -11.32 -6.32 0.57
CA ARG B 233 -11.87 -7.59 0.10
C ARG B 233 -12.22 -8.47 1.31
N GLY B 234 -13.42 -9.04 1.28
CA GLY B 234 -13.80 -10.02 2.29
C GLY B 234 -15.02 -9.64 3.10
N LYS B 235 -15.81 -8.69 2.63
CA LYS B 235 -17.02 -8.31 3.35
C LYS B 235 -17.95 -7.54 2.40
N LEU B 236 -19.25 -7.70 2.63
CA LEU B 236 -20.26 -7.09 1.78
C LEU B 236 -20.41 -5.60 2.04
N LYS B 237 -20.25 -5.16 3.29
CA LYS B 237 -20.50 -3.78 3.68
C LYS B 237 -19.19 -3.01 3.77
N ARG B 238 -19.27 -1.71 3.50
CA ARG B 238 -18.13 -0.82 3.61
C ARG B 238 -17.98 -0.33 5.04
N ARG B 239 -16.75 0.07 5.38
CA ARG B 239 -16.42 0.57 6.70
C ARG B 239 -15.82 1.97 6.59
N ALA B 240 -15.64 2.60 7.75
CA ALA B 240 -15.05 3.93 7.84
C ALA B 240 -13.74 3.86 8.61
N ILE B 241 -12.79 4.71 8.22
CA ILE B 241 -11.49 4.79 8.87
C ILE B 241 -11.23 6.26 9.19
N ALA B 242 -10.27 6.48 10.09
CA ALA B 242 -9.99 7.81 10.62
C ALA B 242 -8.52 8.13 10.47
N THR B 243 -8.25 9.43 10.40
CA THR B 243 -6.90 9.98 10.31
C THR B 243 -6.77 11.13 11.30
N PRO B 244 -5.80 11.09 12.21
CA PRO B 244 -5.67 12.15 13.20
C PRO B 244 -4.88 13.33 12.66
N GLY B 245 -4.77 14.37 13.50
CA GLY B 245 -4.06 15.57 13.15
C GLY B 245 -2.57 15.43 13.38
N MET B 246 -1.88 16.57 13.40
CA MET B 246 -0.44 16.60 13.59
C MET B 246 -0.03 16.93 15.02
N GLN B 247 -0.92 17.55 15.81
CA GLN B 247 -0.58 17.85 17.19
C GLN B 247 -0.45 16.57 18.02
N ILE B 248 -1.21 15.54 17.67
CA ILE B 248 -1.30 14.32 18.48
C ILE B 248 -0.44 13.19 17.93
N ARG B 249 0.17 13.35 16.75
CA ARG B 249 0.92 12.25 16.15
C ARG B 249 2.26 12.00 16.84
N GLY B 250 2.88 13.02 17.44
CA GLY B 250 4.12 12.77 18.16
C GLY B 250 3.93 11.92 19.40
N PHE B 251 2.89 12.24 20.18
CA PHE B 251 2.57 11.41 21.35
C PHE B 251 2.23 10.00 20.93
N VAL B 252 1.48 9.86 19.83
CA VAL B 252 1.15 8.52 19.32
C VAL B 252 2.42 7.78 18.92
N TYR B 253 3.35 8.49 18.28
CA TYR B 253 4.61 7.86 17.88
C TYR B 253 5.37 7.34 19.09
N PHE B 254 5.46 8.16 20.15
CA PHE B 254 6.18 7.73 21.35
C PHE B 254 5.48 6.55 22.01
N VAL B 255 4.15 6.60 22.11
CA VAL B 255 3.41 5.53 22.76
C VAL B 255 3.56 4.24 21.97
N GLU B 256 3.49 4.32 20.64
CA GLU B 256 3.66 3.12 19.82
C GLU B 256 5.08 2.61 19.86
N THR B 257 6.07 3.50 20.01
CA THR B 257 7.44 3.03 20.21
C THR B 257 7.55 2.21 21.49
N LEU B 258 6.95 2.72 22.57
CA LEU B 258 6.97 1.96 23.82
C LEU B 258 6.26 0.61 23.66
N ALA B 259 5.09 0.63 23.02
CA ALA B 259 4.33 -0.60 22.86
C ALA B 259 5.07 -1.61 21.99
N ARG B 260 5.75 -1.15 20.94
CA ARG B 260 6.54 -2.04 20.10
C ARG B 260 7.70 -2.62 20.88
N SER B 261 8.40 -1.79 21.66
CA SER B 261 9.48 -2.30 22.48
C SER B 261 8.99 -3.34 23.48
N ILE B 262 7.78 -3.15 23.99
CA ILE B 262 7.21 -4.12 24.93
C ILE B 262 6.87 -5.43 24.21
N CYS B 263 6.13 -5.32 23.10
CA CYS B 263 5.68 -6.52 22.40
C CYS B 263 6.84 -7.32 21.84
N GLU B 264 7.94 -6.66 21.47
CA GLU B 264 9.11 -7.39 21.00
C GLU B 264 9.65 -8.34 22.06
N LYS B 265 9.34 -8.09 23.33
CA LYS B 265 9.75 -8.97 24.42
C LYS B 265 8.69 -10.02 24.75
N LEU B 266 7.57 -10.03 24.05
CA LEU B 266 6.50 -10.99 24.28
C LEU B 266 6.42 -11.92 23.07
N GLU B 267 6.57 -13.23 23.33
CA GLU B 267 6.46 -14.20 22.26
C GLU B 267 5.02 -14.50 21.87
N GLN B 268 4.05 -14.14 22.72
CA GLN B 268 2.64 -14.38 22.40
C GLN B 268 2.08 -13.33 21.45
N SER B 269 2.79 -12.23 21.23
CA SER B 269 2.35 -11.20 20.29
C SER B 269 2.86 -11.52 18.90
N GLY B 270 2.10 -11.07 17.89
CA GLY B 270 2.46 -11.31 16.51
C GLY B 270 2.25 -10.12 15.61
N LEU B 271 2.01 -8.95 16.21
CA LEU B 271 1.73 -7.73 15.47
C LEU B 271 3.00 -7.08 14.93
N PRO B 272 4.07 -6.95 15.72
CA PRO B 272 5.28 -6.28 15.23
C PRO B 272 6.18 -7.15 14.37
N VAL B 273 5.72 -8.32 13.92
CA VAL B 273 6.53 -9.19 13.10
C VAL B 273 5.90 -9.33 11.72
N GLY B 274 6.55 -10.07 10.83
CA GLY B 274 6.02 -10.33 9.51
C GLY B 274 5.13 -11.54 9.47
N GLY B 275 4.88 -12.03 8.26
CA GLY B 275 4.02 -13.19 8.10
C GLY B 275 4.72 -14.49 8.43
N ASN B 276 5.93 -14.69 7.92
CA ASN B 276 6.65 -15.94 8.17
C ASN B 276 6.96 -16.11 9.65
N GLU B 277 7.32 -15.02 10.33
CA GLU B 277 7.53 -15.09 11.77
C GLU B 277 6.23 -15.46 12.47
N LYS B 278 5.11 -14.91 12.00
CA LYS B 278 3.80 -15.27 12.55
C LYS B 278 3.55 -16.77 12.43
N LYS B 279 3.83 -17.33 11.25
CA LYS B 279 3.63 -18.76 11.04
C LYS B 279 4.55 -19.57 11.95
N ALA B 280 5.80 -19.16 12.07
CA ALA B 280 6.75 -19.88 12.92
C ALA B 280 6.28 -19.89 14.37
N LYS B 281 5.84 -18.73 14.87
CA LYS B 281 5.37 -18.67 16.25
C LYS B 281 4.10 -19.49 16.45
N LEU B 282 3.20 -19.48 15.46
CA LEU B 282 2.00 -20.29 15.57
C LEU B 282 2.34 -21.77 15.64
N ALA B 283 3.26 -22.22 14.78
CA ALA B 283 3.68 -23.62 14.82
C ALA B 283 4.33 -23.96 16.15
N ASN B 284 5.19 -23.07 16.65
CA ASN B 284 5.84 -23.32 17.94
C ASN B 284 4.83 -23.45 19.06
N VAL B 285 3.84 -22.54 19.10
CA VAL B 285 2.88 -22.57 20.20
C VAL B 285 1.99 -23.80 20.12
N VAL B 286 1.55 -24.18 18.91
CA VAL B 286 0.71 -25.36 18.81
C VAL B 286 1.50 -26.61 19.21
N ARG B 287 2.75 -26.71 18.77
CA ARG B 287 3.55 -27.87 19.16
C ARG B 287 3.78 -27.90 20.67
N LYS B 288 4.06 -26.73 21.27
CA LYS B 288 4.27 -26.66 22.71
C LYS B 288 3.03 -27.11 23.47
N MET B 289 1.85 -26.63 23.04
CA MET B 289 0.62 -26.93 23.76
C MET B 289 0.24 -28.40 23.61
N MET B 290 0.29 -28.91 22.38
CA MET B 290 -0.15 -30.29 22.15
C MET B 290 0.88 -31.29 22.66
N THR B 291 2.17 -31.04 22.41
CA THR B 291 3.20 -32.00 22.78
C THR B 291 3.28 -32.16 24.29
N ASN B 292 3.26 -31.05 25.03
CA ASN B 292 3.33 -31.14 26.48
C ASN B 292 2.09 -31.82 27.04
N SER B 293 0.96 -31.71 26.35
CA SER B 293 -0.25 -32.40 26.78
C SER B 293 -0.07 -33.91 26.67
N GLN B 294 -0.38 -34.62 27.76
CA GLN B 294 -0.26 -36.06 27.77
C GLN B 294 -1.51 -36.69 27.17
N ASP B 295 -1.57 -38.03 27.19
CA ASP B 295 -2.71 -38.73 26.60
C ASP B 295 -4.01 -38.38 27.32
N THR B 296 -3.94 -38.05 28.61
CA THR B 296 -5.16 -37.79 29.38
C THR B 296 -5.75 -36.43 29.05
N GLU B 297 -4.91 -35.44 28.76
CA GLU B 297 -5.39 -34.09 28.48
C GLU B 297 -5.83 -33.97 27.02
N LEU B 298 -7.03 -33.44 26.82
CA LEU B 298 -7.53 -33.07 25.50
C LEU B 298 -7.15 -31.64 25.16
N SER B 299 -7.01 -31.38 23.86
CA SER B 299 -6.57 -30.10 23.35
C SER B 299 -7.57 -29.60 22.30
N PHE B 300 -7.89 -28.31 22.35
CA PHE B 300 -8.82 -27.73 21.40
C PHE B 300 -8.32 -26.35 20.97
N THR B 301 -8.43 -26.07 19.68
CA THR B 301 -8.05 -24.79 19.10
C THR B 301 -9.29 -23.99 18.74
N ILE B 302 -9.32 -22.74 19.19
CA ILE B 302 -10.37 -21.78 18.86
C ILE B 302 -9.79 -20.77 17.88
N THR B 303 -10.45 -20.62 16.73
CA THR B 303 -10.04 -19.68 15.70
C THR B 303 -10.90 -18.43 15.84
N GLY B 304 -10.51 -17.57 16.77
CA GLY B 304 -11.38 -16.51 17.24
C GLY B 304 -11.13 -15.18 16.55
N ASP B 305 -12.23 -14.49 16.25
CA ASP B 305 -12.22 -13.11 15.79
C ASP B 305 -13.02 -12.27 16.78
N ASN B 306 -12.56 -11.05 17.01
CA ASN B 306 -13.18 -10.15 17.97
C ASN B 306 -14.11 -9.18 17.25
N THR B 307 -15.37 -9.18 17.65
CA THR B 307 -16.36 -8.28 17.04
C THR B 307 -16.23 -6.89 17.65
N LYS B 308 -16.19 -5.88 16.80
CA LYS B 308 -16.12 -4.49 17.22
C LYS B 308 -14.92 -4.27 18.15
N TRP B 309 -13.75 -4.66 17.64
CA TRP B 309 -12.54 -4.60 18.45
C TRP B 309 -12.20 -3.16 18.83
N ASN B 310 -12.17 -2.26 17.84
CA ASN B 310 -11.74 -0.89 18.11
C ASN B 310 -12.81 -0.08 18.84
N GLU B 311 -14.09 -0.38 18.60
CA GLU B 311 -15.15 0.42 19.19
C GLU B 311 -15.30 0.19 20.69
N ASN B 312 -14.73 -0.90 21.22
CA ASN B 312 -14.90 -1.25 22.62
C ASN B 312 -13.64 -1.05 23.45
N GLN B 313 -12.61 -0.42 22.89
CA GLN B 313 -11.36 -0.16 23.61
C GLN B 313 -11.35 1.30 24.04
N ASN B 314 -11.49 1.52 25.35
CA ASN B 314 -11.60 2.88 25.87
C ASN B 314 -10.21 3.48 26.06
N PRO B 315 -9.95 4.69 25.56
CA PRO B 315 -8.62 5.30 25.75
C PRO B 315 -8.22 5.47 27.21
N ARG B 316 -9.19 5.68 28.11
CA ARG B 316 -8.85 5.80 29.53
C ARG B 316 -8.15 4.54 30.02
N MET B 317 -8.55 3.39 29.50
CA MET B 317 -7.91 2.15 29.93
C MET B 317 -6.48 2.06 29.42
N PHE B 318 -6.23 2.56 28.21
CA PHE B 318 -4.85 2.66 27.73
C PHE B 318 -4.05 3.62 28.59
N LEU B 319 -4.65 4.71 29.04
CA LEU B 319 -3.98 5.60 29.98
C LEU B 319 -3.60 4.85 31.25
N ALA B 320 -4.52 4.06 31.79
CA ALA B 320 -4.22 3.27 32.98
C ALA B 320 -3.08 2.29 32.73
N MET B 321 -3.11 1.61 31.60
CA MET B 321 -2.05 0.64 31.30
C MET B 321 -0.70 1.33 31.19
N ILE B 322 -0.64 2.48 30.52
CA ILE B 322 0.66 3.14 30.37
C ILE B 322 1.14 3.72 31.69
N THR B 323 0.25 4.28 32.51
CA THR B 323 0.70 4.81 33.80
C THR B 323 1.13 3.70 34.74
N TYR B 324 0.57 2.49 34.60
CA TYR B 324 1.11 1.36 35.33
C TYR B 324 2.46 0.92 34.76
N ILE B 325 2.61 0.98 33.44
CA ILE B 325 3.87 0.59 32.81
C ILE B 325 4.98 1.54 33.22
N THR B 326 4.68 2.85 33.26
CA THR B 326 5.69 3.87 33.54
C THR B 326 5.81 4.20 35.02
N ARG B 327 5.50 3.26 35.90
CA ARG B 327 5.70 3.49 37.33
C ARG B 327 7.19 3.52 37.65
N ASN B 328 7.54 4.32 38.65
CA ASN B 328 8.93 4.47 39.08
C ASN B 328 9.82 4.91 37.91
N GLN B 329 9.36 5.92 37.19
CA GLN B 329 10.07 6.52 36.07
C GLN B 329 10.02 8.03 36.21
N PRO B 330 10.90 8.75 35.51
CA PRO B 330 10.87 10.21 35.60
C PRO B 330 9.50 10.75 35.23
N GLU B 331 9.05 11.76 36.00
CA GLU B 331 7.70 12.26 35.83
C GLU B 331 7.48 12.85 34.45
N TRP B 332 8.51 13.44 33.85
CA TRP B 332 8.35 14.00 32.51
C TRP B 332 8.06 12.92 31.49
N PHE B 333 8.73 11.77 31.61
CA PHE B 333 8.44 10.64 30.73
C PHE B 333 7.00 10.18 30.87
N ARG B 334 6.53 10.06 32.12
CA ARG B 334 5.15 9.67 32.35
C ARG B 334 4.18 10.67 31.73
N ASN B 335 4.45 11.95 31.90
CA ASN B 335 3.57 12.97 31.35
C ASN B 335 3.52 12.91 29.83
N VAL B 336 4.69 12.81 29.19
CA VAL B 336 4.72 12.83 27.73
C VAL B 336 4.06 11.59 27.17
N LEU B 337 4.21 10.43 27.83
CA LEU B 337 3.53 9.23 27.37
C LEU B 337 2.04 9.22 27.72
N SER B 338 1.62 10.00 28.72
CA SER B 338 0.21 10.05 29.10
C SER B 338 -0.58 11.07 28.30
N ILE B 339 0.09 12.03 27.67
CA ILE B 339 -0.63 13.06 26.92
C ILE B 339 -1.49 12.43 25.84
N ALA B 340 -1.00 11.40 25.17
CA ALA B 340 -1.72 10.83 24.04
C ALA B 340 -3.08 10.27 24.44
N PRO B 341 -3.18 9.29 25.33
CA PRO B 341 -4.51 8.80 25.73
C PRO B 341 -5.40 9.88 26.31
N ILE B 342 -4.82 10.91 26.94
CA ILE B 342 -5.62 12.00 27.45
C ILE B 342 -6.34 12.70 26.31
N MET B 343 -5.66 12.89 25.18
CA MET B 343 -6.30 13.52 24.03
C MET B 343 -7.25 12.57 23.31
N PHE B 344 -6.93 11.27 23.24
CA PHE B 344 -7.87 10.33 22.65
C PHE B 344 -9.16 10.23 23.47
N SER B 345 -9.08 10.32 24.79
CA SER B 345 -10.29 10.25 25.60
C SER B 345 -11.23 11.41 25.29
N ASN B 346 -10.70 12.52 24.81
CA ASN B 346 -11.50 13.67 24.41
C ASN B 346 -11.55 13.85 22.91
N LYS B 347 -11.19 12.82 22.15
CA LYS B 347 -11.09 12.94 20.70
C LYS B 347 -12.45 13.25 20.09
N MET B 348 -12.44 14.04 19.02
CA MET B 348 -13.61 14.32 18.21
C MET B 348 -13.38 13.77 16.82
N ALA B 349 -14.49 13.47 16.12
CA ALA B 349 -14.43 12.91 14.78
C ALA B 349 -15.24 13.80 13.85
N ARG B 350 -14.64 14.18 12.73
CA ARG B 350 -15.37 14.89 11.69
C ARG B 350 -16.31 13.92 10.99
N LEU B 351 -17.55 14.35 10.78
CA LEU B 351 -18.56 13.44 10.25
C LEU B 351 -18.17 12.92 8.88
N GLY B 352 -17.66 13.80 8.01
CA GLY B 352 -17.18 13.36 6.71
C GLY B 352 -17.40 14.35 5.60
N LYS B 353 -17.42 13.85 4.36
CA LYS B 353 -17.57 14.73 3.21
C LYS B 353 -18.92 15.43 3.21
N GLY B 354 -19.98 14.69 3.53
CA GLY B 354 -21.32 15.26 3.55
C GLY B 354 -22.34 14.32 2.94
N TYR B 355 -23.38 14.88 2.32
CA TYR B 355 -24.41 14.07 1.68
C TYR B 355 -24.84 14.74 0.38
N MET B 356 -25.04 13.93 -0.66
CA MET B 356 -25.47 14.41 -1.95
C MET B 356 -26.92 14.02 -2.19
N PHE B 357 -27.72 15.01 -2.58
CA PHE B 357 -29.14 14.84 -2.85
C PHE B 357 -29.40 14.98 -4.35
N GLU B 358 -30.45 14.31 -4.83
CA GLU B 358 -30.88 14.41 -6.22
C GLU B 358 -32.36 14.71 -6.27
N SER B 359 -32.75 15.59 -7.19
CA SER B 359 -34.15 15.89 -7.46
C SER B 359 -34.44 15.55 -8.91
N LYS B 360 -35.20 14.46 -9.12
CA LYS B 360 -35.51 14.03 -10.48
C LYS B 360 -36.59 14.89 -11.11
N SER B 361 -37.52 15.41 -10.31
CA SER B 361 -38.57 16.27 -10.86
C SER B 361 -37.96 17.51 -11.52
N MET B 362 -37.02 18.16 -10.84
CA MET B 362 -36.31 19.30 -11.40
C MET B 362 -34.99 18.91 -12.04
N LYS B 363 -34.58 17.64 -11.93
CA LYS B 363 -33.40 17.13 -12.63
C LYS B 363 -32.15 17.91 -12.23
N LEU B 364 -31.79 17.81 -10.96
CA LEU B 364 -30.60 18.49 -10.45
C LEU B 364 -30.02 17.67 -9.30
N ARG B 365 -28.81 18.04 -8.89
CA ARG B 365 -28.15 17.41 -7.76
C ARG B 365 -27.49 18.49 -6.90
N THR B 366 -27.27 18.14 -5.64
CA THR B 366 -26.74 19.08 -4.66
C THR B 366 -25.83 18.30 -3.71
N GLN B 367 -24.87 19.02 -3.12
CA GLN B 367 -23.92 18.43 -2.18
C GLN B 367 -23.88 19.30 -0.93
N ILE B 368 -24.42 18.80 0.17
CA ILE B 368 -24.43 19.53 1.45
C ILE B 368 -23.27 19.02 2.28
N PRO B 369 -22.46 19.90 2.87
CA PRO B 369 -21.37 19.43 3.74
C PRO B 369 -21.92 18.81 5.02
N ALA B 370 -21.10 17.96 5.63
CA ALA B 370 -21.53 17.27 6.84
C ALA B 370 -21.75 18.23 7.99
N GLU B 371 -21.08 19.38 7.99
CA GLU B 371 -21.20 20.31 9.11
C GLU B 371 -22.62 20.84 9.26
N MET B 372 -23.45 20.71 8.23
CA MET B 372 -24.83 21.17 8.32
C MET B 372 -25.75 20.14 8.97
N LEU B 373 -25.25 18.93 9.26
CA LEU B 373 -26.10 17.90 9.84
C LEU B 373 -26.67 18.31 11.20
N ALA B 374 -26.00 19.24 11.90
CA ALA B 374 -26.49 19.65 13.20
C ALA B 374 -27.79 20.45 13.10
N SER B 375 -27.92 21.29 12.07
CA SER B 375 -29.05 22.17 11.93
C SER B 375 -29.97 21.85 10.76
N ILE B 376 -29.47 21.14 9.74
CA ILE B 376 -30.29 20.85 8.57
C ILE B 376 -31.52 20.05 8.96
N ASP B 377 -32.66 20.39 8.37
CA ASP B 377 -33.87 19.63 8.61
C ASP B 377 -33.69 18.19 8.15
N LEU B 378 -34.56 17.31 8.65
CA LEU B 378 -34.46 15.88 8.41
C LEU B 378 -35.42 15.39 7.34
N LYS B 379 -36.03 16.31 6.57
CA LYS B 379 -36.95 15.90 5.53
C LYS B 379 -36.26 15.24 4.34
N TYR B 380 -34.99 15.54 4.11
CA TYR B 380 -34.26 15.02 2.96
C TYR B 380 -33.70 13.62 3.19
N PHE B 381 -33.63 13.16 4.43
CA PHE B 381 -32.94 11.93 4.77
C PHE B 381 -33.94 10.78 4.89
N ASN B 382 -33.49 9.59 4.51
CA ASN B 382 -34.32 8.40 4.65
C ASN B 382 -34.47 8.03 6.12
N ASP B 383 -35.26 6.98 6.38
CA ASP B 383 -35.55 6.60 7.76
C ASP B 383 -34.28 6.23 8.52
N SER B 384 -33.42 5.41 7.90
CA SER B 384 -32.21 4.97 8.58
C SER B 384 -31.29 6.15 8.88
N THR B 385 -30.99 6.96 7.86
CA THR B 385 -30.14 8.12 8.07
C THR B 385 -30.81 9.14 8.99
N ARG B 386 -32.12 9.30 8.87
CA ARG B 386 -32.83 10.21 9.77
C ARG B 386 -32.61 9.79 11.22
N LYS B 387 -32.79 8.51 11.52
CA LYS B 387 -32.61 8.05 12.90
C LYS B 387 -31.15 8.17 13.34
N LYS B 388 -30.21 7.87 12.44
CA LYS B 388 -28.79 8.01 12.81
C LYS B 388 -28.47 9.45 13.16
N ILE B 389 -28.95 10.40 12.37
CA ILE B 389 -28.69 11.80 12.65
C ILE B 389 -29.36 12.22 13.94
N GLU B 390 -30.61 11.78 14.16
CA GLU B 390 -31.31 12.12 15.39
C GLU B 390 -30.54 11.60 16.60
N LYS B 391 -29.95 10.41 16.51
CA LYS B 391 -29.23 9.85 17.63
C LYS B 391 -27.88 10.50 17.84
N ILE B 392 -27.21 10.94 16.76
CA ILE B 392 -25.87 11.50 16.89
C ILE B 392 -25.87 13.01 17.12
N ARG B 393 -27.00 13.69 16.89
CA ARG B 393 -27.02 15.14 17.04
C ARG B 393 -26.59 15.61 18.42
N PRO B 394 -27.01 14.99 19.52
CA PRO B 394 -26.63 15.50 20.85
C PRO B 394 -25.12 15.59 21.05
N LEU B 395 -24.37 14.76 20.33
CA LEU B 395 -22.92 14.74 20.44
C LEU B 395 -22.23 15.69 19.46
N LEU B 396 -22.98 16.41 18.64
CA LEU B 396 -22.39 17.29 17.64
C LEU B 396 -21.95 18.59 18.30
N ILE B 397 -20.67 18.93 18.16
CA ILE B 397 -20.10 20.17 18.67
C ILE B 397 -19.24 20.76 17.57
N ASP B 398 -19.72 21.86 16.97
CA ASP B 398 -18.95 22.57 15.94
C ASP B 398 -18.67 21.67 14.74
N GLY B 399 -19.71 20.97 14.29
CA GLY B 399 -19.59 20.15 13.09
C GLY B 399 -18.84 18.86 13.27
N THR B 400 -18.50 18.48 14.49
CA THR B 400 -17.79 17.23 14.76
C THR B 400 -18.41 16.58 15.99
N ALA B 401 -18.36 15.24 16.00
CA ALA B 401 -19.01 14.45 17.05
C ALA B 401 -17.99 13.93 18.04
N SER B 402 -18.28 14.06 19.33
CA SER B 402 -17.40 13.55 20.36
C SER B 402 -17.43 12.02 20.35
N LEU B 403 -16.24 11.41 20.37
CA LEU B 403 -16.10 9.96 20.30
C LEU B 403 -15.22 9.46 21.45
N SER B 404 -15.52 9.93 22.66
CA SER B 404 -14.74 9.52 23.83
C SER B 404 -14.77 8.03 24.09
N PRO B 405 -15.90 7.31 23.97
CA PRO B 405 -15.97 5.96 24.54
C PRO B 405 -14.89 5.00 24.07
N GLY B 406 -14.49 5.05 22.81
CA GLY B 406 -13.56 4.05 22.31
C GLY B 406 -12.81 4.52 21.08
N MET B 407 -11.77 3.76 20.74
CA MET B 407 -10.95 4.06 19.58
C MET B 407 -11.76 3.91 18.31
N MET B 408 -11.32 4.63 17.27
CA MET B 408 -12.03 4.65 15.98
C MET B 408 -11.51 3.58 15.02
N MET B 409 -10.22 3.63 14.68
CA MET B 409 -9.65 2.65 13.76
C MET B 409 -8.20 2.40 14.17
N GLY B 410 -8.00 1.38 15.00
CA GLY B 410 -6.69 0.82 15.25
C GLY B 410 -5.53 1.79 15.29
N MET B 411 -5.69 2.95 15.93
CA MET B 411 -4.54 3.83 16.13
C MET B 411 -3.57 3.25 17.15
N PHE B 412 -4.11 2.71 18.25
CA PHE B 412 -3.29 1.97 19.21
C PHE B 412 -3.40 0.47 18.95
N ASN B 413 -2.81 0.06 17.84
CA ASN B 413 -2.74 -1.37 17.53
C ASN B 413 -1.88 -2.10 18.55
N MET B 414 -0.71 -1.53 18.86
CA MET B 414 0.26 -2.26 19.68
C MET B 414 -0.20 -2.37 21.13
N LEU B 415 -0.84 -1.33 21.66
CA LEU B 415 -1.37 -1.42 23.02
C LEU B 415 -2.52 -2.41 23.10
N SER B 416 -3.36 -2.47 22.08
CA SER B 416 -4.41 -3.48 22.04
C SER B 416 -3.81 -4.88 22.01
N THR B 417 -2.74 -5.06 21.23
CA THR B 417 -2.05 -6.34 21.23
C THR B 417 -1.47 -6.65 22.60
N VAL B 418 -0.96 -5.63 23.30
CA VAL B 418 -0.44 -5.83 24.65
C VAL B 418 -1.55 -6.33 25.58
N LEU B 419 -2.72 -5.71 25.50
CA LEU B 419 -3.84 -6.13 26.34
C LEU B 419 -4.24 -7.57 26.03
N GLY B 420 -4.31 -7.91 24.74
CA GLY B 420 -4.65 -9.27 24.36
C GLY B 420 -3.62 -10.27 24.83
N VAL B 421 -2.33 -9.91 24.75
CA VAL B 421 -1.28 -10.79 25.23
C VAL B 421 -1.37 -10.96 26.74
N SER B 422 -1.75 -9.90 27.47
CA SER B 422 -1.96 -10.04 28.89
C SER B 422 -3.08 -11.03 29.18
N ILE B 423 -4.17 -10.95 28.41
CA ILE B 423 -5.26 -11.92 28.58
C ILE B 423 -4.75 -13.33 28.31
N LEU B 424 -3.99 -13.49 27.22
CA LEU B 424 -3.48 -14.82 26.87
C LEU B 424 -2.60 -15.38 27.98
N ASN B 425 -1.71 -14.54 28.53
CA ASN B 425 -0.79 -14.99 29.56
C ASN B 425 -1.49 -15.22 30.89
N LEU B 426 -2.63 -14.59 31.11
CA LEU B 426 -3.36 -14.77 32.37
C LEU B 426 -3.87 -16.19 32.57
N GLY B 427 -3.63 -17.10 31.62
CA GLY B 427 -4.05 -18.48 31.77
C GLY B 427 -2.89 -19.45 31.68
N GLN B 428 -1.76 -19.10 32.29
CA GLN B 428 -0.54 -19.89 32.23
C GLN B 428 -0.57 -21.10 33.17
N LYS B 429 -1.73 -21.45 33.72
CA LYS B 429 -1.94 -22.51 34.69
C LYS B 429 -1.46 -22.12 36.08
N ARG B 430 -0.79 -20.98 36.24
CA ARG B 430 -0.45 -20.47 37.56
C ARG B 430 -1.52 -19.54 38.11
N TYR B 431 -2.28 -18.89 37.21
CA TYR B 431 -3.39 -18.04 37.61
C TYR B 431 -4.75 -18.72 37.42
N THR B 432 -4.83 -19.74 36.58
CA THR B 432 -6.09 -20.44 36.40
C THR B 432 -6.51 -21.17 37.66
N LYS B 433 -5.55 -21.75 38.38
CA LYS B 433 -5.82 -22.50 39.61
C LYS B 433 -6.76 -23.67 39.34
N THR B 434 -6.63 -24.29 38.17
CA THR B 434 -7.49 -25.41 37.79
C THR B 434 -6.76 -26.26 36.77
N THR B 435 -7.27 -27.48 36.56
CA THR B 435 -6.61 -28.40 35.64
C THR B 435 -6.50 -27.81 34.24
N TYR B 436 -7.55 -27.13 33.77
CA TYR B 436 -7.53 -26.57 32.44
C TYR B 436 -6.56 -25.38 32.37
N TRP B 437 -6.08 -25.10 31.16
CA TRP B 437 -5.22 -23.97 30.92
C TRP B 437 -5.27 -23.65 29.43
N TRP B 438 -4.73 -22.49 29.07
CA TRP B 438 -4.79 -22.05 27.68
C TRP B 438 -3.59 -21.18 27.36
N ASP B 439 -3.29 -21.10 26.06
CA ASP B 439 -2.29 -20.20 25.53
C ASP B 439 -2.72 -19.86 24.10
N GLY B 440 -1.84 -19.19 23.36
CA GLY B 440 -2.14 -18.94 21.96
C GLY B 440 -1.43 -17.70 21.47
N LEU B 441 -1.94 -17.15 20.38
CA LEU B 441 -1.35 -15.99 19.75
C LEU B 441 -2.44 -14.97 19.44
N GLN B 442 -2.13 -13.69 19.72
CA GLN B 442 -3.04 -12.57 19.52
C GLN B 442 -2.41 -11.58 18.56
N SER B 443 -3.16 -11.20 17.53
CA SER B 443 -2.82 -10.05 16.71
C SER B 443 -4.10 -9.26 16.50
N SER B 444 -4.07 -7.97 16.83
CA SER B 444 -5.29 -7.19 17.07
C SER B 444 -6.42 -7.60 16.14
N ASP B 445 -7.58 -7.90 16.74
CA ASP B 445 -8.83 -8.26 16.07
C ASP B 445 -8.87 -9.72 15.64
N ASP B 446 -7.84 -10.50 15.94
CA ASP B 446 -7.73 -11.89 15.52
C ASP B 446 -6.89 -12.65 16.52
N PHE B 447 -7.25 -13.91 16.77
CA PHE B 447 -6.45 -14.70 17.70
C PHE B 447 -6.69 -16.19 17.47
N ALA B 448 -5.69 -16.97 17.85
CA ALA B 448 -5.80 -18.42 17.92
C ALA B 448 -5.54 -18.83 19.36
N LEU B 449 -6.46 -19.61 19.93
CA LEU B 449 -6.38 -19.97 21.35
C LEU B 449 -6.37 -21.49 21.48
N ILE B 450 -5.26 -22.04 21.98
CA ILE B 450 -5.13 -23.46 22.23
C ILE B 450 -5.37 -23.69 23.72
N VAL B 451 -6.43 -24.43 24.03
CA VAL B 451 -6.84 -24.68 25.42
C VAL B 451 -6.78 -26.18 25.66
N ASN B 452 -6.12 -26.57 26.74
CA ASN B 452 -6.00 -27.98 27.12
C ASN B 452 -6.66 -28.21 28.46
N ALA B 453 -7.30 -29.37 28.60
CA ALA B 453 -8.00 -29.72 29.84
C ALA B 453 -8.24 -31.22 29.84
N PRO B 454 -8.29 -31.84 31.02
CA PRO B 454 -8.39 -33.31 31.07
C PRO B 454 -9.67 -33.87 30.46
N ASN B 455 -10.73 -33.08 30.33
CA ASN B 455 -12.00 -33.58 29.81
C ASN B 455 -12.73 -32.44 29.12
N HIS B 456 -13.74 -32.82 28.32
CA HIS B 456 -14.51 -31.82 27.59
C HIS B 456 -15.10 -30.78 28.53
N GLU B 457 -15.49 -31.20 29.74
CA GLU B 457 -15.97 -30.24 30.73
C GLU B 457 -14.89 -29.24 31.08
N GLY B 458 -13.64 -29.71 31.22
CA GLY B 458 -12.55 -28.80 31.49
C GLY B 458 -12.33 -27.81 30.37
N ILE B 459 -12.39 -28.27 29.11
CA ILE B 459 -12.23 -27.37 27.99
C ILE B 459 -13.35 -26.33 27.97
N GLN B 460 -14.59 -26.77 28.22
CA GLN B 460 -15.71 -25.84 28.25
C GLN B 460 -15.52 -24.79 29.34
N ALA B 461 -15.12 -25.22 30.53
CA ALA B 461 -14.89 -24.28 31.62
C ALA B 461 -13.78 -23.30 31.29
N GLY B 462 -12.69 -23.80 30.68
CA GLY B 462 -11.59 -22.93 30.33
C GLY B 462 -11.99 -21.88 29.32
N VAL B 463 -12.69 -22.29 28.27
CA VAL B 463 -13.12 -21.33 27.25
C VAL B 463 -14.11 -20.34 27.84
N ASP B 464 -15.00 -20.81 28.70
CA ASP B 464 -15.97 -19.92 29.33
C ASP B 464 -15.27 -18.87 30.17
N ARG B 465 -14.29 -19.29 30.98
CA ARG B 465 -13.58 -18.33 31.82
C ARG B 465 -12.75 -17.37 30.98
N PHE B 466 -12.14 -17.85 29.90
CA PHE B 466 -11.40 -16.96 29.01
C PHE B 466 -12.32 -15.90 28.42
N TYR B 467 -13.50 -16.32 27.96
CA TYR B 467 -14.46 -15.36 27.42
C TYR B 467 -14.90 -14.36 28.47
N ARG B 468 -15.17 -14.85 29.69
CA ARG B 468 -15.60 -13.95 30.77
C ARG B 468 -14.52 -12.93 31.10
N THR B 469 -13.27 -13.39 31.20
CA THR B 469 -12.18 -12.45 31.48
C THR B 469 -12.01 -11.45 30.34
N CYS B 470 -12.19 -11.89 29.10
CA CYS B 470 -12.13 -10.95 27.98
C CYS B 470 -13.21 -9.88 28.11
N LYS B 471 -14.42 -10.28 28.50
CA LYS B 471 -15.50 -9.31 28.67
C LYS B 471 -15.23 -8.33 29.81
N LEU B 472 -14.36 -8.66 30.75
CA LEU B 472 -14.01 -7.74 31.83
C LEU B 472 -12.98 -6.71 31.39
N LEU B 473 -12.37 -6.88 30.22
CA LEU B 473 -11.37 -5.95 29.71
C LEU B 473 -11.87 -5.17 28.50
N GLY B 474 -13.18 -5.21 28.24
CA GLY B 474 -13.71 -4.50 27.10
C GLY B 474 -13.46 -5.16 25.77
N ILE B 475 -13.05 -6.43 25.77
CA ILE B 475 -12.76 -7.18 24.56
C ILE B 475 -13.87 -8.21 24.37
N ASN B 476 -14.43 -8.26 23.16
CA ASN B 476 -15.53 -9.16 22.83
C ASN B 476 -15.07 -10.18 21.81
N MET B 477 -15.56 -11.40 21.93
CA MET B 477 -15.26 -12.48 21.00
C MET B 477 -16.44 -12.66 20.05
N SER B 478 -16.16 -12.62 18.74
CA SER B 478 -17.21 -12.75 17.74
C SER B 478 -17.61 -14.22 17.65
N LYS B 479 -18.78 -14.55 18.20
CA LYS B 479 -19.27 -15.91 18.18
C LYS B 479 -19.64 -16.36 16.76
N LYS B 480 -20.03 -15.42 15.90
CA LYS B 480 -20.44 -15.79 14.55
C LYS B 480 -19.25 -16.14 13.65
N LYS B 481 -18.10 -15.48 13.86
CA LYS B 481 -16.93 -15.71 13.04
C LYS B 481 -15.88 -16.58 13.73
N SER B 482 -16.27 -17.32 14.76
CA SER B 482 -15.34 -18.13 15.53
C SER B 482 -15.85 -19.55 15.64
N TYR B 483 -14.91 -20.50 15.70
CA TYR B 483 -15.25 -21.90 15.88
C TYR B 483 -14.08 -22.61 16.56
N ILE B 484 -14.40 -23.72 17.22
CA ILE B 484 -13.45 -24.50 17.99
C ILE B 484 -13.44 -25.93 17.46
N ASN B 485 -12.24 -26.48 17.27
CA ASN B 485 -12.08 -27.87 16.85
C ASN B 485 -10.92 -28.47 17.63
N ARG B 486 -10.54 -29.70 17.30
CA ARG B 486 -9.34 -30.27 17.89
C ARG B 486 -8.09 -29.65 17.27
N THR B 487 -7.04 -29.57 18.08
CA THR B 487 -5.80 -28.94 17.61
C THR B 487 -5.20 -29.73 16.46
N GLY B 488 -4.59 -29.00 15.53
CA GLY B 488 -4.03 -29.59 14.34
C GLY B 488 -4.57 -28.93 13.08
N THR B 489 -5.69 -28.23 13.23
CA THR B 489 -6.31 -27.52 12.11
C THR B 489 -6.90 -26.22 12.64
N PHE B 490 -6.50 -25.10 12.04
CA PHE B 490 -7.03 -23.80 12.44
C PHE B 490 -6.65 -22.77 11.39
N GLU B 491 -7.03 -21.52 11.65
CA GLU B 491 -6.77 -20.40 10.76
C GLU B 491 -6.29 -19.21 11.57
N PHE B 492 -5.50 -18.35 10.93
CA PHE B 492 -5.02 -17.13 11.58
C PHE B 492 -4.61 -16.15 10.47
N THR B 493 -5.37 -15.06 10.33
CA THR B 493 -5.05 -14.01 9.37
C THR B 493 -4.78 -14.59 7.99
N SER B 494 -5.77 -15.32 7.48
CA SER B 494 -5.73 -15.92 6.15
C SER B 494 -4.59 -16.92 6.00
N PHE B 495 -4.02 -17.38 7.10
CA PHE B 495 -3.02 -18.45 7.10
C PHE B 495 -3.70 -19.69 7.65
N PHE B 496 -3.84 -20.72 6.82
CA PHE B 496 -4.56 -21.94 7.18
C PHE B 496 -3.55 -22.99 7.59
N TYR B 497 -3.60 -23.40 8.86
CA TYR B 497 -2.70 -24.42 9.39
C TYR B 497 -3.44 -25.74 9.43
N ARG B 498 -2.87 -26.75 8.76
CA ARG B 498 -3.41 -28.12 8.78
C ARG B 498 -2.20 -29.06 8.90
N TYR B 499 -1.83 -29.36 10.14
CA TYR B 499 -0.62 -30.14 10.42
C TYR B 499 0.58 -29.52 9.72
N GLY B 500 0.61 -28.19 9.67
CA GLY B 500 1.61 -27.46 8.91
C GLY B 500 0.95 -26.45 7.98
N PHE B 501 1.52 -25.25 7.91
CA PHE B 501 0.90 -24.19 7.12
C PHE B 501 0.87 -24.58 5.64
N VAL B 502 -0.22 -24.21 4.98
CA VAL B 502 -0.44 -24.51 3.56
C VAL B 502 -0.42 -23.20 2.79
N ALA B 503 0.26 -23.20 1.66
CA ALA B 503 0.34 -22.01 0.81
C ALA B 503 -1.02 -21.70 0.21
N ASN B 504 -1.27 -20.41 0.01
CA ASN B 504 -2.53 -19.94 -0.57
C ASN B 504 -2.33 -19.38 -1.96
N PHE B 505 -1.46 -18.38 -2.12
CA PHE B 505 -1.10 -17.82 -3.42
C PHE B 505 -2.23 -16.99 -4.02
N SER B 506 -3.42 -17.03 -3.41
CA SER B 506 -4.51 -16.20 -3.88
C SER B 506 -4.53 -14.82 -3.24
N MET B 507 -3.82 -14.66 -2.12
CA MET B 507 -3.68 -13.35 -1.50
C MET B 507 -2.70 -12.47 -2.25
N GLU B 508 -1.71 -13.06 -2.92
CA GLU B 508 -0.68 -12.32 -3.63
C GLU B 508 -0.97 -12.20 -5.13
N LEU B 509 -2.08 -12.76 -5.60
CA LEU B 509 -2.41 -12.72 -7.02
C LEU B 509 -2.52 -11.28 -7.52
N PRO B 510 -3.16 -10.38 -6.77
CA PRO B 510 -3.27 -8.99 -7.26
C PRO B 510 -1.93 -8.30 -7.47
N SER B 511 -0.84 -8.83 -6.93
CA SER B 511 0.48 -8.20 -7.02
C SER B 511 1.30 -8.74 -8.18
N PHE B 512 0.68 -9.48 -9.11
CA PHE B 512 1.39 -10.10 -10.21
C PHE B 512 1.39 -9.26 -11.48
N GLY B 513 0.78 -8.07 -11.44
CA GLY B 513 0.75 -7.19 -12.59
C GLY B 513 1.82 -6.13 -12.53
N VAL B 514 1.74 -5.18 -13.46
CA VAL B 514 2.67 -4.06 -13.46
C VAL B 514 2.35 -3.18 -12.26
N SER B 515 3.37 -2.95 -11.42
CA SER B 515 3.14 -2.20 -10.19
C SER B 515 2.65 -0.79 -10.49
N GLY B 516 3.29 -0.11 -11.44
CA GLY B 516 2.88 1.23 -11.81
C GLY B 516 3.83 2.31 -11.34
N ILE B 517 5.09 1.94 -11.11
CA ILE B 517 6.10 2.89 -10.67
C ILE B 517 6.77 3.49 -11.91
N ASN B 518 7.41 2.64 -12.69
CA ASN B 518 8.02 3.02 -13.96
C ASN B 518 8.43 1.73 -14.66
N GLU B 519 9.08 1.86 -15.82
CA GLU B 519 9.38 0.69 -16.63
C GLU B 519 10.36 -0.25 -15.92
N SER B 520 11.56 0.26 -15.61
CA SER B 520 12.55 -0.56 -14.93
C SER B 520 12.05 -1.03 -13.57
N ALA B 521 11.44 -0.11 -12.81
CA ALA B 521 10.92 -0.47 -11.51
C ALA B 521 9.84 -1.53 -11.62
N ASP B 522 8.94 -1.41 -12.59
CA ASP B 522 7.89 -2.41 -12.75
C ASP B 522 8.47 -3.77 -13.12
N MET B 523 9.43 -3.79 -14.04
CA MET B 523 10.05 -5.06 -14.41
C MET B 523 10.70 -5.73 -13.20
N SER B 524 11.53 -4.98 -12.48
CA SER B 524 12.22 -5.54 -11.32
C SER B 524 11.23 -6.00 -10.26
N ILE B 525 10.19 -5.20 -10.01
CA ILE B 525 9.22 -5.55 -8.97
C ILE B 525 8.47 -6.82 -9.37
N GLY B 526 8.09 -6.93 -10.64
CA GLY B 526 7.37 -8.12 -11.07
C GLY B 526 8.22 -9.38 -10.92
N VAL B 527 9.46 -9.33 -11.39
CA VAL B 527 10.32 -10.51 -11.28
C VAL B 527 10.60 -10.84 -9.82
N THR B 528 10.82 -9.81 -8.99
CA THR B 528 11.09 -10.06 -7.58
C THR B 528 9.86 -10.61 -6.86
N VAL B 529 8.66 -10.16 -7.23
CA VAL B 529 7.45 -10.69 -6.63
C VAL B 529 7.28 -12.16 -7.01
N ILE B 530 7.53 -12.50 -8.28
CA ILE B 530 7.47 -13.90 -8.69
C ILE B 530 8.45 -14.72 -7.86
N LYS B 531 9.68 -14.22 -7.72
CA LYS B 531 10.70 -14.93 -6.94
C LYS B 531 10.24 -15.14 -5.50
N ASN B 532 9.77 -14.08 -4.85
CA ASN B 532 9.38 -14.17 -3.45
C ASN B 532 8.23 -15.14 -3.26
N ASN B 533 7.20 -15.03 -4.10
CA ASN B 533 6.07 -15.94 -3.98
C ASN B 533 6.47 -17.38 -4.31
N MET B 534 7.54 -17.57 -5.09
CA MET B 534 8.10 -18.91 -5.23
C MET B 534 8.78 -19.37 -3.94
N ILE B 535 9.46 -18.45 -3.24
CA ILE B 535 10.17 -18.83 -2.02
C ILE B 535 9.19 -19.06 -0.87
N ASN B 536 8.24 -18.16 -0.69
CA ASN B 536 7.37 -18.19 0.49
C ASN B 536 6.07 -18.95 0.22
N ASN B 537 5.30 -18.50 -0.77
CA ASN B 537 3.97 -19.03 -1.03
C ASN B 537 3.97 -20.28 -1.89
N ASP B 538 5.11 -20.97 -1.99
CA ASP B 538 5.18 -22.28 -2.63
C ASP B 538 4.61 -22.25 -4.05
N LEU B 539 4.98 -21.21 -4.80
CA LEU B 539 4.60 -21.13 -6.20
C LEU B 539 5.40 -22.12 -7.02
N GLY B 540 4.72 -22.85 -7.90
CA GLY B 540 5.35 -23.90 -8.65
C GLY B 540 6.25 -23.38 -9.75
N PRO B 541 7.19 -24.21 -10.21
CA PRO B 541 8.08 -23.77 -11.31
C PRO B 541 7.33 -23.43 -12.59
N ALA B 542 6.49 -24.36 -13.08
CA ALA B 542 5.75 -24.10 -14.31
C ALA B 542 4.79 -22.93 -14.13
N THR B 543 4.16 -22.84 -12.96
CA THR B 543 3.30 -21.70 -12.69
C THR B 543 4.10 -20.40 -12.69
N ALA B 544 5.31 -20.43 -12.15
CA ALA B 544 6.16 -19.24 -12.17
C ALA B 544 6.54 -18.84 -13.58
N GLN B 545 6.84 -19.83 -14.43
CA GLN B 545 7.15 -19.52 -15.82
C GLN B 545 5.93 -18.91 -16.53
N MET B 546 4.75 -19.46 -16.28
CA MET B 546 3.53 -18.89 -16.86
C MET B 546 3.32 -17.46 -16.35
N ALA B 547 3.57 -17.23 -15.07
CA ALA B 547 3.43 -15.88 -14.53
C ALA B 547 4.40 -14.93 -15.18
N LEU B 548 5.64 -15.38 -15.41
CA LEU B 548 6.62 -14.54 -16.10
C LEU B 548 6.15 -14.20 -17.51
N GLN B 549 5.65 -15.19 -18.23
CA GLN B 549 5.18 -14.94 -19.59
C GLN B 549 4.02 -13.94 -19.60
N LEU B 550 3.03 -14.16 -18.73
CA LEU B 550 1.87 -13.26 -18.70
C LEU B 550 2.28 -11.86 -18.26
N PHE B 551 3.19 -11.76 -17.29
CA PHE B 551 3.65 -10.44 -16.84
C PHE B 551 4.39 -9.72 -17.96
N ILE B 552 5.21 -10.44 -18.72
CA ILE B 552 5.91 -9.81 -19.83
C ILE B 552 4.91 -9.33 -20.89
N LYS B 553 3.91 -10.15 -21.18
CA LYS B 553 2.89 -9.75 -22.15
C LYS B 553 2.18 -8.47 -21.70
N ASP B 554 1.73 -8.45 -20.45
CA ASP B 554 1.03 -7.27 -19.94
C ASP B 554 1.95 -6.06 -19.87
N TYR B 555 3.21 -6.27 -19.52
CA TYR B 555 4.18 -5.18 -19.47
C TYR B 555 4.37 -4.56 -20.85
N ARG B 556 4.55 -5.41 -21.88
CA ARG B 556 4.72 -4.89 -23.22
C ARG B 556 3.46 -4.18 -23.71
N TYR B 557 2.28 -4.73 -23.37
CA TYR B 557 1.04 -4.12 -23.82
C TYR B 557 0.69 -2.86 -23.04
N THR B 558 1.29 -2.65 -21.87
CA THR B 558 1.01 -1.47 -21.06
C THR B 558 1.93 -0.31 -21.42
N TYR B 559 3.21 -0.58 -21.62
CA TYR B 559 4.20 0.45 -21.94
C TYR B 559 4.43 0.61 -23.43
N ARG B 560 3.61 -0.06 -24.26
CA ARG B 560 3.70 0.09 -25.71
C ARG B 560 5.08 -0.27 -26.22
N CYS B 561 5.72 -1.23 -25.56
CA CYS B 561 7.07 -1.68 -25.92
C CYS B 561 6.96 -3.14 -26.37
N HIS B 562 6.68 -3.34 -27.65
CA HIS B 562 6.55 -4.67 -28.20
C HIS B 562 7.88 -5.17 -28.75
N ARG B 563 7.92 -6.46 -29.08
CA ARG B 563 9.19 -7.12 -29.38
C ARG B 563 10.01 -6.39 -30.44
N GLY B 564 9.39 -5.56 -31.26
CA GLY B 564 10.08 -4.80 -32.28
C GLY B 564 10.12 -5.47 -33.64
N ASP B 565 10.19 -6.80 -33.65
CA ASP B 565 10.12 -7.56 -34.89
C ASP B 565 8.69 -7.82 -35.34
N THR B 566 7.71 -7.34 -34.59
CA THR B 566 6.31 -7.49 -34.93
C THR B 566 5.81 -6.26 -35.68
N GLN B 567 4.60 -6.35 -36.22
CA GLN B 567 3.96 -5.27 -36.94
C GLN B 567 2.77 -4.71 -36.15
N ILE B 568 2.93 -4.63 -34.83
CA ILE B 568 1.90 -4.07 -33.96
C ILE B 568 2.11 -2.56 -33.94
N GLN B 569 1.27 -1.83 -34.66
CA GLN B 569 1.40 -0.37 -34.72
C GLN B 569 0.88 0.24 -33.42
N THR B 570 1.73 1.03 -32.77
CA THR B 570 1.38 1.77 -31.56
C THR B 570 1.94 3.19 -31.68
N ARG B 571 1.74 3.97 -30.62
CA ARG B 571 2.32 5.31 -30.57
C ARG B 571 3.83 5.29 -30.39
N ARG B 572 4.41 4.11 -30.09
CA ARG B 572 5.83 3.99 -29.82
C ARG B 572 6.49 2.92 -30.67
N SER B 573 5.79 2.39 -31.68
CA SER B 573 6.30 1.28 -32.48
C SER B 573 7.29 1.72 -33.56
N PHE B 574 7.38 3.02 -33.84
CA PHE B 574 8.27 3.48 -34.91
C PHE B 574 9.69 3.64 -34.39
N GLU B 575 9.85 4.42 -33.32
CA GLU B 575 11.17 4.60 -32.73
C GLU B 575 11.74 3.27 -32.28
N ILE B 576 10.90 2.42 -31.70
CA ILE B 576 11.36 1.10 -31.27
C ILE B 576 11.86 0.30 -32.46
N LYS B 577 11.13 0.35 -33.58
CA LYS B 577 11.55 -0.42 -34.75
C LYS B 577 12.85 0.12 -35.34
N LYS B 578 13.04 1.43 -35.38
CA LYS B 578 14.31 1.95 -35.88
C LYS B 578 15.46 1.60 -34.95
N LEU B 579 15.23 1.64 -33.63
CA LEU B 579 16.26 1.20 -32.71
C LEU B 579 16.58 -0.27 -32.92
N TRP B 580 15.56 -1.09 -33.19
CA TRP B 580 15.76 -2.50 -33.47
C TRP B 580 16.62 -2.70 -34.71
N GLU B 581 16.27 -2.03 -35.80
CA GLU B 581 17.03 -2.18 -37.04
C GLU B 581 18.42 -1.57 -36.94
N GLN B 582 18.62 -0.59 -36.06
CA GLN B 582 19.93 0.02 -35.89
C GLN B 582 20.87 -0.89 -35.10
N THR B 583 20.34 -1.60 -34.10
CA THR B 583 21.17 -2.43 -33.25
C THR B 583 21.64 -3.66 -33.99
N ARG B 584 22.88 -4.07 -33.71
CA ARG B 584 23.46 -5.27 -34.31
C ARG B 584 23.20 -6.50 -33.46
N SER B 585 23.55 -6.45 -32.18
CA SER B 585 23.25 -7.52 -31.24
C SER B 585 21.92 -7.20 -30.57
N LYS B 586 20.83 -7.61 -31.23
CA LYS B 586 19.49 -7.28 -30.78
C LYS B 586 19.09 -8.05 -29.53
N ALA B 587 19.85 -9.06 -29.11
CA ALA B 587 19.53 -9.80 -27.90
C ALA B 587 19.81 -9.01 -26.63
N GLY B 588 20.50 -7.88 -26.73
CA GLY B 588 20.84 -7.09 -25.56
C GLY B 588 19.85 -5.98 -25.29
N LEU B 589 18.91 -5.76 -26.21
CA LEU B 589 17.90 -4.72 -26.01
C LEU B 589 16.99 -5.09 -24.86
N LEU B 590 16.65 -4.09 -24.04
CA LEU B 590 15.73 -4.30 -22.93
C LEU B 590 14.31 -4.44 -23.45
N VAL B 591 13.49 -5.17 -22.68
CA VAL B 591 12.08 -5.34 -23.04
C VAL B 591 11.40 -3.99 -23.13
N SER B 592 11.86 -3.01 -22.35
CA SER B 592 11.31 -1.66 -22.44
C SER B 592 11.59 -1.01 -23.79
N ASP B 593 12.66 -1.41 -24.46
CA ASP B 593 13.04 -0.86 -25.76
C ASP B 593 12.70 -1.81 -26.91
N GLY B 594 11.88 -2.83 -26.64
CA GLY B 594 11.47 -3.76 -27.67
C GLY B 594 12.50 -4.82 -27.97
N GLY B 595 12.98 -5.51 -26.93
CA GLY B 595 13.93 -6.57 -27.08
C GLY B 595 13.41 -7.88 -26.53
N PRO B 596 14.10 -8.97 -26.84
CA PRO B 596 13.66 -10.28 -26.35
C PRO B 596 13.83 -10.39 -24.84
N ASN B 597 13.02 -11.28 -24.26
CA ASN B 597 13.03 -11.52 -22.82
C ASN B 597 13.88 -12.76 -22.54
N LEU B 598 14.94 -12.57 -21.75
CA LEU B 598 15.84 -13.65 -21.39
C LEU B 598 15.59 -14.17 -19.97
N TYR B 599 14.53 -13.71 -19.31
CA TYR B 599 14.26 -14.11 -17.95
C TYR B 599 13.80 -15.56 -17.88
N ASN B 600 14.08 -16.20 -16.75
CA ASN B 600 13.66 -17.56 -16.49
C ASN B 600 13.76 -17.80 -14.99
N ILE B 601 13.40 -19.01 -14.55
CA ILE B 601 13.37 -19.31 -13.12
C ILE B 601 14.74 -19.07 -12.50
N ARG B 602 15.82 -19.26 -13.27
CA ARG B 602 17.15 -19.06 -12.75
C ARG B 602 17.56 -17.59 -12.73
N ASN B 603 16.87 -16.73 -13.47
CA ASN B 603 17.27 -15.34 -13.63
C ASN B 603 16.31 -14.36 -12.94
N LEU B 604 15.47 -14.85 -12.04
CA LEU B 604 14.47 -13.99 -11.41
C LEU B 604 15.07 -13.05 -10.37
N HIS B 605 16.32 -13.24 -9.98
CA HIS B 605 16.97 -12.42 -8.95
C HIS B 605 18.03 -11.49 -9.53
N ILE B 606 17.99 -11.24 -10.83
CA ILE B 606 18.99 -10.41 -11.51
C ILE B 606 18.25 -9.25 -12.17
N PRO B 607 18.72 -8.01 -12.03
CA PRO B 607 18.10 -6.92 -12.78
C PRO B 607 18.25 -7.11 -14.28
N GLU B 608 17.29 -6.56 -15.02
CA GLU B 608 17.30 -6.73 -16.48
C GLU B 608 18.54 -6.12 -17.10
N VAL B 609 18.96 -4.95 -16.62
CA VAL B 609 20.10 -4.28 -17.23
C VAL B 609 21.36 -5.13 -17.12
N CYS B 610 21.59 -5.71 -15.94
CA CYS B 610 22.79 -6.51 -15.73
C CYS B 610 22.72 -7.86 -16.42
N LEU B 611 21.52 -8.41 -16.61
CA LEU B 611 21.39 -9.68 -17.31
C LEU B 611 21.70 -9.53 -18.79
N LYS B 612 21.45 -8.36 -19.36
CA LYS B 612 21.68 -8.09 -20.78
C LYS B 612 22.89 -7.20 -21.00
N TRP B 613 23.73 -7.01 -19.98
CA TRP B 613 24.84 -6.06 -20.10
C TRP B 613 25.83 -6.50 -21.17
N GLU B 614 26.21 -7.78 -21.16
CA GLU B 614 27.24 -8.26 -22.08
C GLU B 614 26.72 -8.38 -23.51
N LEU B 615 25.41 -8.33 -23.73
CA LEU B 615 24.86 -8.44 -25.07
C LEU B 615 24.56 -7.10 -25.71
N MET B 616 24.54 -6.02 -24.93
CA MET B 616 24.24 -4.71 -25.47
C MET B 616 25.40 -4.18 -26.32
N ASP B 617 25.05 -3.44 -27.37
CA ASP B 617 26.05 -2.70 -28.13
C ASP B 617 26.51 -1.48 -27.32
N GLU B 618 27.80 -1.16 -27.44
CA GLU B 618 28.34 -0.09 -26.60
C GLU B 618 27.63 1.23 -26.85
N ASP B 619 27.21 1.51 -28.08
CA ASP B 619 26.49 2.74 -28.35
C ASP B 619 25.16 2.78 -27.60
N TYR B 620 24.36 1.71 -27.74
CA TYR B 620 23.08 1.65 -27.04
C TYR B 620 23.28 1.59 -25.53
N GLN B 621 24.32 0.87 -25.09
CA GLN B 621 24.60 0.80 -23.65
C GLN B 621 24.91 2.18 -23.09
N GLY B 622 25.75 2.95 -23.78
CA GLY B 622 26.07 4.28 -23.33
C GLY B 622 24.89 5.23 -23.38
N ARG B 623 24.09 5.16 -24.44
CA ARG B 623 22.90 6.01 -24.53
C ARG B 623 21.91 5.68 -23.41
N LEU B 624 21.76 4.40 -23.09
CA LEU B 624 20.81 3.99 -22.06
C LEU B 624 21.24 4.49 -20.69
N CYS B 625 22.42 4.09 -20.24
CA CYS B 625 22.89 4.40 -18.89
C CYS B 625 23.79 5.62 -18.91
N ASN B 626 23.18 6.76 -19.23
CA ASN B 626 23.89 8.04 -19.30
C ASN B 626 23.50 8.89 -18.11
N PRO B 627 24.44 9.26 -17.22
CA PRO B 627 24.04 10.09 -16.06
C PRO B 627 23.36 11.38 -16.44
N LEU B 628 23.77 12.01 -17.55
CA LEU B 628 23.19 13.28 -17.98
C LEU B 628 21.79 13.14 -18.55
N ASN B 629 21.15 11.97 -18.49
CA ASN B 629 19.82 11.83 -19.05
C ASN B 629 18.86 12.75 -18.31
N PRO B 630 17.94 13.41 -19.01
CA PRO B 630 16.99 14.32 -18.35
C PRO B 630 15.80 13.63 -17.69
N PHE B 631 15.75 12.30 -17.69
CA PHE B 631 14.62 11.56 -17.16
C PHE B 631 14.82 11.10 -15.72
N VAL B 632 16.01 10.61 -15.38
CA VAL B 632 16.26 10.10 -14.05
C VAL B 632 16.24 11.24 -13.05
N SER B 633 15.50 11.05 -11.96
CA SER B 633 15.45 12.04 -10.88
C SER B 633 15.45 11.30 -9.54
N HIS B 634 16.41 11.64 -8.69
CA HIS B 634 16.54 11.04 -7.37
C HIS B 634 16.41 12.15 -6.33
N LYS B 635 15.54 11.93 -5.35
CA LYS B 635 15.24 12.95 -4.34
C LYS B 635 15.98 12.70 -3.03
N GLU B 636 15.81 11.51 -2.44
CA GLU B 636 16.39 11.21 -1.15
C GLU B 636 16.83 9.75 -1.12
N ILE B 637 17.65 9.42 -0.11
CA ILE B 637 18.11 8.05 0.05
C ILE B 637 16.94 7.12 0.32
N GLU B 638 15.87 7.63 0.93
CA GLU B 638 14.73 6.78 1.27
C GLU B 638 13.96 6.36 0.02
N SER B 639 13.89 7.22 -0.99
CA SER B 639 13.08 6.98 -2.18
C SER B 639 13.92 6.58 -3.39
N VAL B 640 15.05 5.90 -3.17
CA VAL B 640 15.91 5.50 -4.28
C VAL B 640 15.32 4.28 -4.99
N ASN B 641 15.20 3.17 -4.27
CA ASN B 641 14.69 1.92 -4.83
C ASN B 641 13.68 1.29 -3.87
N ASN B 642 12.81 2.13 -3.31
CA ASN B 642 11.74 1.68 -2.43
C ASN B 642 10.41 2.00 -3.10
N ALA B 643 9.55 0.99 -3.22
CA ALA B 643 8.25 1.15 -3.82
C ALA B 643 7.17 0.77 -2.82
N VAL B 644 6.17 1.63 -2.67
CA VAL B 644 5.09 1.42 -1.71
C VAL B 644 3.96 0.72 -2.45
N MET B 645 3.81 -0.59 -2.19
CA MET B 645 2.72 -1.38 -2.77
C MET B 645 1.77 -1.78 -1.66
N MET B 646 0.56 -1.26 -1.71
CA MET B 646 -0.46 -1.62 -0.73
C MET B 646 -0.93 -3.05 -0.99
N PRO B 647 -0.52 -4.03 -0.17
CA PRO B 647 -0.92 -5.41 -0.45
C PRO B 647 -2.41 -5.63 -0.19
N ALA B 648 -2.96 -6.58 -0.93
CA ALA B 648 -4.36 -6.95 -0.72
C ALA B 648 -4.52 -7.60 0.65
N HIS B 649 -5.56 -7.19 1.36
CA HIS B 649 -5.85 -7.75 2.69
C HIS B 649 -4.70 -7.49 3.66
N GLY B 650 -4.23 -6.24 3.71
CA GLY B 650 -3.19 -5.86 4.62
C GLY B 650 -2.88 -4.38 4.57
N PRO B 651 -2.08 -3.91 5.51
CA PRO B 651 -1.70 -2.49 5.52
C PRO B 651 -0.62 -2.19 4.48
N ALA B 652 -0.51 -0.90 4.15
CA ALA B 652 0.45 -0.46 3.15
C ALA B 652 1.85 -0.89 3.53
N LYS B 653 2.59 -1.41 2.55
CA LYS B 653 3.92 -1.95 2.77
C LYS B 653 4.88 -1.41 1.71
N ASN B 654 6.16 -1.40 2.06
CA ASN B 654 7.23 -0.93 1.19
C ASN B 654 8.14 -2.09 0.83
N MET B 655 8.66 -2.08 -0.40
CA MET B 655 9.53 -3.13 -0.87
C MET B 655 10.80 -2.53 -1.48
N GLU B 656 11.93 -3.15 -1.18
CA GLU B 656 13.20 -2.89 -1.85
C GLU B 656 13.22 -3.68 -3.15
N TYR B 657 13.38 -2.99 -4.28
CA TYR B 657 13.49 -3.62 -5.58
C TYR B 657 14.83 -3.30 -6.20
N ASP B 658 15.50 -4.32 -6.71
CA ASP B 658 16.80 -4.15 -7.33
C ASP B 658 16.63 -3.61 -8.75
N ALA B 659 17.24 -2.46 -9.03
CA ALA B 659 17.14 -1.87 -10.35
C ALA B 659 18.37 -0.99 -10.59
N VAL B 660 18.74 -0.86 -11.86
CA VAL B 660 19.84 -0.01 -12.28
C VAL B 660 19.26 1.28 -12.83
N ALA B 661 19.85 2.40 -12.43
CA ALA B 661 19.35 3.71 -12.85
C ALA B 661 19.60 3.87 -14.34
N THR B 662 18.55 3.70 -15.14
CA THR B 662 18.61 3.86 -16.59
C THR B 662 17.73 5.02 -17.01
N THR B 663 17.73 5.28 -18.32
CA THR B 663 16.85 6.31 -18.86
C THR B 663 15.38 5.96 -18.71
N HIS B 664 15.06 4.70 -18.38
CA HIS B 664 13.69 4.25 -18.17
C HIS B 664 13.20 4.48 -16.75
N SER B 665 14.04 5.03 -15.87
CA SER B 665 13.66 5.25 -14.47
C SER B 665 12.93 6.56 -14.26
N TRP B 666 12.33 7.11 -15.30
CA TRP B 666 11.57 8.35 -15.17
C TRP B 666 10.50 8.22 -14.10
N ILE B 667 10.01 9.37 -13.63
CA ILE B 667 8.88 9.41 -12.70
C ILE B 667 7.67 9.95 -13.46
N PRO B 668 6.47 9.44 -13.21
CA PRO B 668 5.32 9.78 -14.04
C PRO B 668 4.78 11.18 -13.73
N LYS B 669 3.81 11.59 -14.53
CA LYS B 669 3.19 12.90 -14.37
C LYS B 669 2.41 12.98 -13.07
N ARG B 670 2.29 14.19 -12.54
CA ARG B 670 1.52 14.43 -11.32
C ARG B 670 0.07 14.76 -11.67
N ASN B 671 -0.73 15.00 -10.63
CA ASN B 671 -2.17 15.11 -10.83
C ASN B 671 -2.54 16.29 -11.72
N ARG B 672 -2.02 17.48 -11.39
CA ARG B 672 -2.21 18.70 -12.16
C ARG B 672 -3.59 19.33 -12.00
N SER B 673 -4.44 18.81 -11.11
CA SER B 673 -5.76 19.38 -10.91
C SER B 673 -5.77 20.52 -9.90
N ILE B 674 -4.64 20.80 -9.25
CA ILE B 674 -4.57 21.92 -8.30
C ILE B 674 -4.79 23.26 -8.99
N LEU B 675 -4.60 23.33 -10.30
CA LEU B 675 -4.66 24.60 -11.01
C LEU B 675 -6.06 25.20 -11.00
N ASN B 676 -7.10 24.40 -10.78
CA ASN B 676 -8.48 24.87 -10.80
C ASN B 676 -9.03 25.14 -9.40
N THR B 677 -8.19 25.06 -8.37
CA THR B 677 -8.61 25.23 -6.99
C THR B 677 -8.04 26.51 -6.41
N SER B 678 -8.72 27.03 -5.39
CA SER B 678 -8.21 28.21 -4.69
C SER B 678 -6.87 27.94 -4.03
N GLN B 679 -6.55 26.67 -3.75
CA GLN B 679 -5.25 26.31 -3.23
C GLN B 679 -4.24 26.18 -4.36
N ARG B 680 -4.15 27.22 -5.20
CA ARG B 680 -3.23 27.21 -6.32
C ARG B 680 -1.85 27.73 -5.97
N GLY B 681 -1.75 28.58 -4.95
CA GLY B 681 -0.46 29.08 -4.51
C GLY B 681 0.45 28.03 -3.92
N ILE B 682 -0.10 26.87 -3.55
CA ILE B 682 0.74 25.80 -3.00
C ILE B 682 1.76 25.34 -4.04
N LEU B 683 1.41 25.41 -5.33
CA LEU B 683 2.35 24.98 -6.36
C LEU B 683 3.50 25.96 -6.49
N GLU B 684 3.24 27.26 -6.40
CA GLU B 684 4.32 28.24 -6.43
C GLU B 684 5.25 28.05 -5.24
N ASP B 685 4.69 27.82 -4.05
CA ASP B 685 5.51 27.54 -2.89
C ASP B 685 6.32 26.27 -3.07
N GLU B 686 5.71 25.25 -3.67
CA GLU B 686 6.44 24.02 -3.98
C GLU B 686 7.64 24.31 -4.87
N GLN B 687 7.41 25.07 -5.95
CA GLN B 687 8.48 25.35 -6.89
C GLN B 687 9.60 26.13 -6.21
N MET B 688 9.26 27.15 -5.43
CA MET B 688 10.29 27.95 -4.77
C MET B 688 11.05 27.13 -3.74
N TYR B 689 10.35 26.31 -2.95
CA TYR B 689 11.02 25.46 -1.99
C TYR B 689 11.96 24.48 -2.68
N GLN B 690 11.51 23.91 -3.81
CA GLN B 690 12.37 22.98 -4.53
C GLN B 690 13.58 23.66 -5.13
N LYS B 691 13.41 24.89 -5.63
CA LYS B 691 14.56 25.64 -6.14
C LYS B 691 15.57 25.89 -5.03
N CYS B 692 15.09 26.33 -3.87
CA CYS B 692 16.00 26.56 -2.74
C CYS B 692 16.68 25.28 -2.29
N CYS B 693 15.92 24.18 -2.25
CA CYS B 693 16.49 22.91 -1.84
C CYS B 693 17.55 22.43 -2.82
N ASN B 694 17.30 22.59 -4.13
CA ASN B 694 18.31 22.21 -5.12
C ASN B 694 19.55 23.06 -4.98
N LEU B 695 19.39 24.36 -4.75
CA LEU B 695 20.54 25.22 -4.54
C LEU B 695 21.33 24.77 -3.31
N PHE B 696 20.64 24.47 -2.22
CA PHE B 696 21.32 24.02 -1.01
C PHE B 696 22.05 22.71 -1.26
N GLU B 697 21.41 21.78 -1.97
CA GLU B 697 22.06 20.50 -2.28
C GLU B 697 23.32 20.70 -3.11
N LYS B 698 23.26 21.59 -4.11
CA LYS B 698 24.46 21.92 -4.86
C LYS B 698 25.50 22.57 -3.95
N PHE B 699 25.05 23.28 -2.92
CA PHE B 699 25.98 23.84 -1.94
C PHE B 699 26.38 22.78 -0.91
N PHE B 700 25.45 21.92 -0.51
CA PHE B 700 25.69 20.87 0.48
C PHE B 700 25.34 19.53 -0.16
N PRO B 701 26.29 18.86 -0.81
CA PRO B 701 25.96 17.62 -1.53
C PRO B 701 25.35 16.54 -0.66
N SER B 702 25.66 16.49 0.63
CA SER B 702 25.15 15.46 1.50
C SER B 702 23.74 15.76 2.01
N SER B 703 23.07 16.77 1.45
CA SER B 703 21.76 17.14 1.95
C SER B 703 20.77 15.98 1.84
N SER B 704 20.85 15.21 0.76
CA SER B 704 19.89 14.13 0.56
C SER B 704 20.22 12.91 1.42
N TYR B 705 21.46 12.43 1.35
CA TYR B 705 21.81 11.18 2.03
C TYR B 705 21.65 11.32 3.54
N ARG B 706 22.27 12.33 4.13
CA ARG B 706 22.09 12.68 5.54
C ARG B 706 21.44 14.05 5.62
N ARG B 707 20.27 14.10 6.22
CA ARG B 707 19.54 15.35 6.37
C ARG B 707 20.35 16.32 7.22
N PRO B 708 20.64 17.53 6.75
CA PRO B 708 21.45 18.45 7.55
C PRO B 708 20.77 18.82 8.86
N VAL B 709 21.60 19.13 9.86
CA VAL B 709 21.13 19.55 11.17
C VAL B 709 21.85 20.83 11.55
N GLY B 710 21.23 21.59 12.44
CA GLY B 710 21.78 22.84 12.89
C GLY B 710 20.68 23.82 13.25
N ILE B 711 21.10 25.02 13.63
CA ILE B 711 20.18 26.10 13.98
C ILE B 711 20.42 27.37 13.19
N SER B 712 21.37 27.37 12.25
CA SER B 712 21.59 28.52 11.40
C SER B 712 20.57 28.54 10.25
N SER B 713 20.57 29.62 9.49
CA SER B 713 19.69 29.80 8.35
C SER B 713 20.41 29.46 7.04
N MET B 714 19.62 29.34 5.97
CA MET B 714 20.16 28.89 4.70
C MET B 714 21.31 29.77 4.24
N VAL B 715 21.03 31.04 4.02
CA VAL B 715 21.95 31.91 3.30
C VAL B 715 23.28 32.00 4.03
N GLU B 716 23.27 31.93 5.36
CA GLU B 716 24.54 31.95 6.10
C GLU B 716 25.44 30.80 5.66
N ALA B 717 24.90 29.59 5.72
CA ALA B 717 25.70 28.42 5.34
C ALA B 717 26.12 28.50 3.87
N MET B 718 25.17 28.86 3.00
CA MET B 718 25.50 28.88 1.57
C MET B 718 26.57 29.91 1.25
N VAL B 719 26.46 31.13 1.78
CA VAL B 719 27.44 32.16 1.48
C VAL B 719 28.80 31.81 2.08
N SER B 720 28.80 31.30 3.31
CA SER B 720 30.08 30.99 3.96
C SER B 720 30.79 29.86 3.24
N ARG B 721 30.04 28.82 2.85
CA ARG B 721 30.65 27.75 2.08
C ARG B 721 31.09 28.23 0.71
N ALA B 722 30.40 29.21 0.12
CA ALA B 722 30.90 29.81 -1.11
C ALA B 722 32.26 30.45 -0.88
N ARG B 723 32.38 31.24 0.18
CA ARG B 723 33.68 31.80 0.57
C ARG B 723 34.74 30.71 0.53
N ILE B 724 34.54 29.69 1.37
CA ILE B 724 35.60 28.72 1.62
C ILE B 724 35.89 27.90 0.37
N ASP B 725 34.85 27.48 -0.36
CA ASP B 725 35.07 26.62 -1.51
C ASP B 725 35.77 27.38 -2.62
N ALA B 726 35.41 28.65 -2.85
CA ALA B 726 36.16 29.44 -3.81
C ALA B 726 37.63 29.52 -3.40
N ARG B 727 37.88 29.85 -2.13
CA ARG B 727 39.25 29.87 -1.62
C ARG B 727 40.00 28.60 -2.01
N ILE B 728 39.52 27.46 -1.52
CA ILE B 728 40.30 26.23 -1.59
C ILE B 728 40.38 25.73 -3.02
N ASP B 729 39.30 25.89 -3.79
CA ASP B 729 39.33 25.46 -5.18
C ASP B 729 40.25 26.32 -6.03
N PHE B 730 40.53 27.55 -5.60
CA PHE B 730 41.74 28.20 -6.10
C PHE B 730 43.01 27.56 -5.60
N GLU B 731 43.15 27.36 -4.29
CA GLU B 731 44.42 26.82 -3.82
C GLU B 731 44.82 25.58 -4.61
N SER B 732 43.85 24.93 -5.25
CA SER B 732 44.12 24.03 -6.37
C SER B 732 42.83 23.83 -7.15
N GLY B 733 42.75 24.34 -8.37
CA GLY B 733 41.59 24.10 -9.21
C GLY B 733 41.38 25.21 -10.22
N ARG B 734 40.18 25.18 -10.82
CA ARG B 734 39.86 26.04 -11.96
C ARG B 734 39.81 27.51 -11.58
N ILE B 735 39.38 27.84 -10.35
CA ILE B 735 39.15 29.24 -9.97
C ILE B 735 40.40 30.06 -10.30
N LYS B 736 40.24 31.36 -10.46
CA LYS B 736 41.37 32.28 -10.58
C LYS B 736 41.15 33.47 -9.65
N LYS B 737 42.25 34.19 -9.34
CA LYS B 737 42.15 35.36 -8.48
C LYS B 737 41.00 36.26 -8.88
N GLU B 738 40.87 36.55 -10.18
CA GLU B 738 39.77 37.36 -10.65
C GLU B 738 38.44 36.77 -10.21
N GLU B 739 38.22 35.49 -10.49
CA GLU B 739 36.99 34.82 -10.10
C GLU B 739 36.85 34.70 -8.59
N PHE B 740 37.93 34.42 -7.87
CA PHE B 740 37.84 34.28 -6.41
C PHE B 740 37.40 35.59 -5.76
N ALA B 741 38.02 36.70 -6.17
CA ALA B 741 37.62 38.00 -5.64
C ALA B 741 36.21 38.36 -6.07
N GLU B 742 35.83 38.01 -7.30
CA GLU B 742 34.46 38.23 -7.75
C GLU B 742 33.47 37.50 -6.84
N ILE B 743 33.77 36.24 -6.51
CA ILE B 743 32.91 35.49 -5.60
C ILE B 743 32.90 36.11 -4.21
N MET B 744 34.05 36.55 -3.71
CA MET B 744 34.09 37.14 -2.37
C MET B 744 33.20 38.38 -2.31
N LYS B 745 33.32 39.27 -3.29
CA LYS B 745 32.52 40.49 -3.27
C LYS B 745 31.06 40.21 -3.63
N ILE B 746 30.77 39.16 -4.39
CA ILE B 746 29.38 38.77 -4.61
C ILE B 746 28.77 38.24 -3.32
N CYS B 747 29.56 37.51 -2.54
CA CYS B 747 29.10 37.08 -1.22
C CYS B 747 28.80 38.28 -0.34
N SER B 748 29.68 39.29 -0.38
CA SER B 748 29.40 40.53 0.35
C SER B 748 28.12 41.19 -0.15
N THR B 749 27.90 41.16 -1.46
CA THR B 749 26.70 41.76 -2.04
C THR B 749 25.44 41.06 -1.52
N ILE B 750 25.43 39.74 -1.54
CA ILE B 750 24.25 39.02 -1.04
C ILE B 750 24.11 39.24 0.46
N GLU B 751 25.23 39.41 1.18
CA GLU B 751 25.18 39.75 2.59
C GLU B 751 24.42 41.05 2.81
N GLU B 752 24.84 42.11 2.11
CA GLU B 752 24.17 43.40 2.29
C GLU B 752 22.74 43.36 1.76
N LEU B 753 22.45 42.47 0.80
CA LEU B 753 21.08 42.31 0.34
C LEU B 753 20.22 41.68 1.43
N ARG B 754 20.74 40.66 2.11
CA ARG B 754 20.00 40.06 3.22
C ARG B 754 19.85 41.04 4.38
N ARG B 755 20.84 41.92 4.58
CA ARG B 755 20.66 43.03 5.51
C ARG B 755 19.40 43.83 5.18
N GLN B 756 19.16 44.09 3.91
CA GLN B 756 17.99 44.85 3.48
C GLN B 756 17.23 44.12 2.38
N MET C 1 31.28 29.58 -9.53
CA MET C 1 30.74 30.84 -10.13
C MET C 1 29.23 30.79 -10.24
N GLU C 2 28.74 29.86 -11.06
CA GLU C 2 27.30 29.77 -11.31
C GLU C 2 26.51 29.67 -10.01
N ARG C 3 26.90 28.75 -9.12
CA ARG C 3 26.07 28.41 -7.97
C ARG C 3 25.70 29.64 -7.17
N ILE C 4 26.70 30.44 -6.79
CA ILE C 4 26.41 31.65 -6.05
C ILE C 4 25.62 32.63 -6.91
N LYS C 5 25.70 32.49 -8.24
CA LYS C 5 24.96 33.41 -9.09
C LYS C 5 23.47 33.12 -9.06
N GLU C 6 23.05 31.86 -9.16
CA GLU C 6 21.61 31.63 -8.99
C GLU C 6 21.20 31.85 -7.54
N LEU C 7 22.14 31.71 -6.60
CA LEU C 7 21.83 32.10 -5.23
C LEU C 7 21.45 33.59 -5.16
N ARG C 8 22.27 34.45 -5.77
CA ARG C 8 21.97 35.88 -5.78
C ARG C 8 20.69 36.17 -6.53
N ASP C 9 20.46 35.47 -7.65
CA ASP C 9 19.22 35.67 -8.39
C ASP C 9 18.01 35.30 -7.55
N LEU C 10 18.10 34.19 -6.80
CA LEU C 10 17.02 33.81 -5.90
C LEU C 10 16.79 34.88 -4.84
N MET C 11 17.86 35.32 -4.19
CA MET C 11 17.74 36.36 -3.17
C MET C 11 17.24 37.68 -3.74
N SER C 12 17.34 37.88 -5.06
CA SER C 12 16.84 39.11 -5.66
C SER C 12 15.33 39.23 -5.46
N GLN C 13 14.60 38.14 -5.66
CA GLN C 13 13.15 38.18 -5.53
C GLN C 13 12.75 38.00 -4.07
N SER C 14 11.75 38.77 -3.64
CA SER C 14 11.48 38.91 -2.21
C SER C 14 11.04 37.60 -1.58
N ARG C 15 10.17 36.84 -2.24
CA ARG C 15 9.61 35.64 -1.64
C ARG C 15 10.71 34.60 -1.37
N THR C 16 11.52 34.31 -2.39
CA THR C 16 12.61 33.36 -2.18
C THR C 16 13.63 33.88 -1.18
N ARG C 17 13.84 35.20 -1.13
CA ARG C 17 14.73 35.77 -0.14
C ARG C 17 14.21 35.49 1.27
N GLU C 18 12.90 35.69 1.48
CA GLU C 18 12.33 35.41 2.79
C GLU C 18 12.43 33.93 3.13
N ILE C 19 12.17 33.06 2.14
CA ILE C 19 12.27 31.62 2.38
C ILE C 19 13.70 31.27 2.80
N LEU C 20 14.69 31.85 2.12
CA LEU C 20 16.08 31.56 2.45
C LEU C 20 16.47 32.13 3.81
N THR C 21 15.91 33.28 4.19
CA THR C 21 16.33 33.92 5.42
C THR C 21 15.69 33.27 6.65
N LYS C 22 14.36 33.13 6.65
CA LYS C 22 13.69 32.67 7.86
C LYS C 22 13.81 31.17 8.07
N THR C 23 14.00 30.40 7.00
CA THR C 23 14.06 28.95 7.12
C THR C 23 15.42 28.53 7.66
N THR C 24 15.42 27.73 8.71
CA THR C 24 16.66 27.23 9.30
C THR C 24 17.06 25.90 8.65
N VAL C 25 18.32 25.52 8.86
CA VAL C 25 18.86 24.33 8.21
C VAL C 25 18.10 23.09 8.63
N ASP C 26 17.70 23.01 9.89
CA ASP C 26 17.04 21.80 10.38
C ASP C 26 15.75 21.54 9.60
N HIS C 27 14.98 22.59 9.30
CA HIS C 27 13.74 22.44 8.56
C HIS C 27 13.96 22.05 7.10
N MET C 28 15.23 22.02 6.65
CA MET C 28 15.54 21.60 5.29
C MET C 28 14.66 20.46 4.80
N ALA C 29 14.65 19.35 5.54
CA ALA C 29 13.92 18.18 5.08
C ALA C 29 12.45 18.50 4.90
N ILE C 30 11.85 19.16 5.90
CA ILE C 30 10.41 19.38 5.88
C ILE C 30 10.01 20.09 4.59
N ILE C 31 10.55 21.29 4.36
CA ILE C 31 10.17 22.04 3.17
C ILE C 31 10.54 21.29 1.90
N LYS C 32 11.56 20.43 1.95
CA LYS C 32 11.91 19.67 0.75
C LYS C 32 10.84 18.64 0.43
N LYS C 33 10.22 18.06 1.46
CA LYS C 33 9.12 17.14 1.28
C LYS C 33 7.77 17.85 1.21
N TYR C 34 7.75 19.17 1.41
CA TYR C 34 6.51 19.93 1.29
C TYR C 34 5.98 19.84 -0.12
N THR C 35 4.86 19.13 -0.30
CA THR C 35 4.28 18.95 -1.62
C THR C 35 2.78 18.76 -1.49
N SER C 36 2.06 19.14 -2.55
CA SER C 36 0.63 18.89 -2.64
C SER C 36 0.31 17.54 -3.26
N GLY C 37 1.32 16.84 -3.77
CA GLY C 37 1.09 15.57 -4.43
C GLY C 37 0.84 14.46 -3.43
N ARG C 38 -0.35 13.89 -3.44
CA ARG C 38 -0.64 12.74 -2.59
C ARG C 38 0.06 11.51 -3.13
N GLN C 39 0.41 10.60 -2.23
CA GLN C 39 0.99 9.32 -2.62
C GLN C 39 -0.10 8.44 -3.19
N GLU C 40 0.16 7.88 -4.37
CA GLU C 40 -0.89 7.14 -5.08
C GLU C 40 -1.31 5.90 -4.32
N LYS C 41 -2.63 5.66 -4.29
CA LYS C 41 -3.17 4.48 -3.63
C LYS C 41 -3.18 3.28 -4.57
N ASN C 42 -3.45 3.50 -5.85
CA ASN C 42 -3.52 2.43 -6.85
C ASN C 42 -2.59 2.79 -8.00
N PRO C 43 -1.28 2.53 -7.86
CA PRO C 43 -0.35 2.95 -8.92
C PRO C 43 -0.59 2.23 -10.24
N ALA C 44 -0.94 0.95 -10.21
CA ALA C 44 -1.08 0.19 -11.45
C ALA C 44 -2.20 0.76 -12.31
N LEU C 45 -3.34 1.10 -11.69
CA LEU C 45 -4.48 1.57 -12.45
C LEU C 45 -4.13 2.85 -13.22
N ARG C 46 -3.45 3.78 -12.57
CA ARG C 46 -3.11 5.05 -13.22
C ARG C 46 -1.94 4.91 -14.18
N MET C 47 -0.98 4.04 -13.90
CA MET C 47 0.07 3.79 -14.88
C MET C 47 -0.50 3.20 -16.15
N LYS C 48 -1.50 2.33 -16.04
CA LYS C 48 -2.18 1.82 -17.21
C LYS C 48 -3.09 2.86 -17.85
N TRP C 49 -3.48 3.89 -17.10
CA TRP C 49 -4.35 4.95 -17.59
C TRP C 49 -3.56 6.14 -18.13
N MET C 50 -2.44 6.48 -17.49
CA MET C 50 -1.65 7.62 -17.94
C MET C 50 -0.89 7.31 -19.22
N MET C 51 -0.39 6.08 -19.38
CA MET C 51 0.40 5.75 -20.56
C MET C 51 -0.40 5.83 -21.84
N ALA C 52 -1.73 5.89 -21.75
CA ALA C 52 -2.57 6.10 -22.93
C ALA C 52 -2.67 7.57 -23.31
N MET C 53 -2.08 8.47 -22.53
CA MET C 53 -2.07 9.89 -22.85
C MET C 53 -0.82 10.24 -23.63
N LYS C 54 -0.84 11.41 -24.24
CA LYS C 54 0.36 11.99 -24.85
C LYS C 54 1.08 12.83 -23.81
N TYR C 55 2.40 12.70 -23.76
CA TYR C 55 3.21 13.35 -22.73
C TYR C 55 2.85 12.81 -21.35
N PRO C 56 3.05 11.51 -21.08
CA PRO C 56 2.72 10.97 -19.77
C PRO C 56 3.85 10.98 -18.76
N ILE C 57 5.09 11.21 -19.17
CA ILE C 57 6.20 11.16 -18.23
C ILE C 57 6.75 12.57 -18.03
N THR C 58 7.71 12.73 -17.13
CA THR C 58 8.27 14.04 -16.84
C THR C 58 9.79 13.98 -16.98
N ALA C 59 10.38 15.11 -17.41
CA ALA C 59 11.82 15.18 -17.60
C ALA C 59 12.29 16.60 -17.33
N ASP C 60 13.58 16.73 -17.05
CA ASP C 60 14.14 18.05 -16.76
C ASP C 60 14.00 18.97 -17.97
N LYS C 61 14.08 20.27 -17.71
CA LYS C 61 13.96 21.25 -18.79
C LYS C 61 15.03 21.05 -19.86
N ARG C 62 16.19 20.53 -19.46
CA ARG C 62 17.30 20.42 -20.40
C ARG C 62 16.93 19.57 -21.61
N ILE C 63 15.93 18.70 -21.48
CA ILE C 63 15.51 17.87 -22.59
C ILE C 63 15.10 18.71 -23.79
N MET C 64 14.60 19.92 -23.53
CA MET C 64 14.18 20.79 -24.63
C MET C 64 15.35 21.24 -25.51
N GLU C 65 16.59 21.06 -25.06
CA GLU C 65 17.76 21.47 -25.82
C GLU C 65 18.69 20.32 -26.15
N MET C 66 18.21 19.07 -26.04
CA MET C 66 19.00 17.92 -26.48
C MET C 66 18.21 17.07 -27.47
N ILE C 67 16.89 17.03 -27.33
CA ILE C 67 16.01 16.19 -28.14
C ILE C 67 15.11 17.13 -28.93
N PRO C 68 14.94 16.91 -30.24
CA PRO C 68 14.04 17.78 -31.00
C PRO C 68 12.60 17.61 -30.58
N GLU C 69 11.82 18.68 -30.78
CA GLU C 69 10.42 18.66 -30.36
C GLU C 69 9.62 17.58 -31.08
N ARG C 70 10.05 17.15 -32.26
CA ARG C 70 9.33 16.15 -33.02
C ARG C 70 10.32 15.24 -33.75
N ASN C 71 9.87 14.02 -34.03
CA ASN C 71 10.68 13.03 -34.73
C ASN C 71 10.42 13.12 -36.23
N GLU C 72 10.85 12.11 -36.97
CA GLU C 72 10.85 12.20 -38.43
C GLU C 72 9.45 12.44 -38.98
N GLN C 73 8.46 11.67 -38.52
CA GLN C 73 7.10 11.82 -39.03
C GLN C 73 6.35 12.96 -38.38
N GLY C 74 6.90 13.58 -37.33
CA GLY C 74 6.22 14.64 -36.63
C GLY C 74 5.59 14.25 -35.32
N GLN C 75 5.80 13.03 -34.84
CA GLN C 75 5.32 12.66 -33.51
C GLN C 75 6.08 13.48 -32.48
N THR C 76 5.34 14.21 -31.64
CA THR C 76 5.97 15.07 -30.66
C THR C 76 6.67 14.24 -29.59
N LEU C 77 7.87 14.66 -29.20
CA LEU C 77 8.65 13.98 -28.19
C LEU C 77 8.57 14.63 -26.82
N TRP C 78 8.48 15.96 -26.77
CA TRP C 78 8.37 16.65 -25.50
C TRP C 78 7.48 17.88 -25.67
N SER C 79 6.94 18.33 -24.54
CA SER C 79 6.13 19.54 -24.49
C SER C 79 6.79 20.55 -23.56
N LYS C 80 6.51 21.82 -23.80
CA LYS C 80 7.08 22.90 -23.00
C LYS C 80 6.24 23.25 -21.78
N THR C 81 5.09 22.61 -21.58
CA THR C 81 4.26 22.85 -20.42
C THR C 81 4.86 22.13 -19.21
N ASN C 82 5.15 22.89 -18.16
CA ASN C 82 5.83 22.34 -17.00
C ASN C 82 4.86 21.50 -16.16
N ASP C 83 5.45 20.68 -15.28
CA ASP C 83 4.66 19.86 -14.37
C ASP C 83 3.91 20.75 -13.38
N ALA C 84 3.10 20.12 -12.54
CA ALA C 84 2.27 20.85 -11.58
C ALA C 84 3.12 21.68 -10.63
N GLY C 85 3.93 21.03 -9.81
CA GLY C 85 4.70 21.71 -8.79
C GLY C 85 6.19 21.59 -8.99
N SER C 86 6.65 21.67 -10.23
CA SER C 86 8.07 21.59 -10.53
C SER C 86 8.34 22.30 -11.84
N ASP C 87 9.62 22.61 -12.07
CA ASP C 87 10.05 23.21 -13.32
C ASP C 87 10.23 22.20 -14.44
N ARG C 88 10.10 20.91 -14.15
CA ARG C 88 10.25 19.89 -15.17
C ARG C 88 9.07 19.94 -16.14
N VAL C 89 9.33 19.47 -17.36
CA VAL C 89 8.34 19.49 -18.44
C VAL C 89 7.86 18.08 -18.71
N MET C 90 6.58 17.97 -19.07
CA MET C 90 5.99 16.69 -19.41
C MET C 90 6.38 16.30 -20.83
N VAL C 91 6.81 15.05 -21.00
CA VAL C 91 7.30 14.55 -22.27
C VAL C 91 6.71 13.16 -22.54
N SER C 92 6.75 12.79 -23.82
CA SER C 92 6.22 11.53 -24.30
C SER C 92 7.21 10.40 -24.09
N PRO C 93 6.74 9.15 -24.02
CA PRO C 93 7.69 8.03 -23.82
C PRO C 93 8.64 7.84 -24.98
N LEU C 94 8.28 8.30 -26.19
CA LEU C 94 9.19 8.17 -27.31
C LEU C 94 10.50 8.90 -27.05
N ALA C 95 10.45 10.03 -26.34
CA ALA C 95 11.67 10.75 -26.00
C ALA C 95 12.65 9.87 -25.25
N VAL C 96 12.15 8.84 -24.56
CA VAL C 96 13.04 7.84 -23.96
C VAL C 96 13.70 7.02 -25.04
N THR C 97 12.91 6.36 -25.88
CA THR C 97 13.47 5.49 -26.91
C THR C 97 14.35 6.28 -27.87
N TRP C 98 13.94 7.50 -28.21
CA TRP C 98 14.78 8.35 -29.03
C TRP C 98 16.15 8.52 -28.40
N TRP C 99 16.18 8.81 -27.10
CA TRP C 99 17.46 8.98 -26.41
C TRP C 99 18.32 7.73 -26.49
N ASN C 100 17.70 6.56 -26.69
CA ASN C 100 18.44 5.31 -26.77
C ASN C 100 18.87 4.95 -28.17
N ARG C 101 18.53 5.75 -29.17
CA ARG C 101 18.92 5.48 -30.55
C ARG C 101 19.71 6.62 -31.20
N ASN C 102 19.52 7.86 -30.76
CA ASN C 102 20.33 8.96 -31.26
C ASN C 102 20.77 9.93 -30.17
N GLY C 103 20.49 9.65 -28.90
CA GLY C 103 20.90 10.52 -27.83
C GLY C 103 22.40 10.47 -27.60
N PRO C 104 22.91 11.37 -26.78
CA PRO C 104 24.35 11.38 -26.50
C PRO C 104 24.81 10.07 -25.88
N THR C 105 26.01 9.66 -26.23
CA THR C 105 26.61 8.43 -25.72
C THR C 105 27.79 8.77 -24.81
N THR C 106 28.07 7.87 -23.88
CA THR C 106 29.13 8.05 -22.90
C THR C 106 29.86 6.73 -22.75
N SER C 107 30.76 6.66 -21.75
CA SER C 107 31.52 5.45 -21.45
C SER C 107 30.93 4.84 -20.19
N ALA C 108 30.16 3.76 -20.35
CA ALA C 108 29.52 3.07 -19.25
C ALA C 108 30.39 1.97 -18.66
N VAL C 109 31.71 2.08 -18.82
CA VAL C 109 32.61 1.03 -18.33
C VAL C 109 32.60 0.96 -16.81
N HIS C 110 32.29 2.07 -16.14
CA HIS C 110 32.37 2.13 -14.69
C HIS C 110 31.09 1.72 -13.98
N TYR C 111 29.98 1.58 -14.70
CA TYR C 111 28.76 1.07 -14.08
C TYR C 111 28.96 -0.30 -13.46
N PRO C 112 29.64 -1.26 -14.11
CA PRO C 112 29.95 -2.52 -13.43
C PRO C 112 30.69 -2.31 -12.12
N LYS C 113 31.59 -1.33 -12.05
CA LYS C 113 32.29 -1.05 -10.80
C LYS C 113 31.36 -0.46 -9.75
N ILE C 114 30.38 0.35 -10.16
CA ILE C 114 29.44 0.92 -9.19
C ILE C 114 28.47 -0.15 -8.71
N TYR C 115 27.66 -0.70 -9.61
CA TYR C 115 26.66 -1.69 -9.25
C TYR C 115 27.35 -3.05 -9.02
N LYS C 116 28.16 -3.07 -7.96
CA LYS C 116 28.96 -4.26 -7.68
C LYS C 116 28.07 -5.46 -7.35
N THR C 117 27.01 -5.24 -6.57
CA THR C 117 26.19 -6.36 -6.10
C THR C 117 25.56 -7.11 -7.28
N TYR C 118 24.90 -6.37 -8.18
CA TYR C 118 24.18 -7.01 -9.28
C TYR C 118 25.13 -7.73 -10.23
N PHE C 119 26.26 -7.10 -10.57
CA PHE C 119 27.21 -7.75 -11.47
C PHE C 119 27.86 -8.95 -10.80
N GLU C 120 28.08 -8.89 -9.49
CA GLU C 120 28.57 -10.08 -8.78
C GLU C 120 27.55 -11.20 -8.82
N LYS C 121 26.26 -10.87 -8.68
CA LYS C 121 25.22 -11.88 -8.83
C LYS C 121 25.28 -12.52 -10.22
N VAL C 122 25.41 -11.69 -11.25
CA VAL C 122 25.45 -12.20 -12.61
C VAL C 122 26.65 -13.11 -12.80
N GLU C 123 27.82 -12.68 -12.32
CA GLU C 123 29.03 -13.49 -12.47
C GLU C 123 28.90 -14.81 -11.72
N ARG C 124 28.33 -14.76 -10.51
CA ARG C 124 28.15 -15.98 -9.73
C ARG C 124 27.24 -16.97 -10.44
N LEU C 125 26.14 -16.48 -11.03
CA LEU C 125 25.22 -17.37 -11.72
C LEU C 125 25.77 -17.88 -13.03
N LYS C 126 26.55 -17.07 -13.76
CA LYS C 126 27.01 -17.47 -15.08
C LYS C 126 27.90 -18.70 -15.00
N HIS C 127 28.68 -18.83 -13.93
CA HIS C 127 29.60 -19.94 -13.75
C HIS C 127 29.04 -21.04 -12.87
N GLY C 128 27.76 -20.97 -12.52
CA GLY C 128 27.16 -22.03 -11.72
C GLY C 128 27.00 -23.32 -12.49
N THR C 129 26.93 -24.41 -11.73
CA THR C 129 26.78 -25.75 -12.30
C THR C 129 25.56 -26.40 -11.66
N PHE C 130 24.59 -26.78 -12.48
CA PHE C 130 23.38 -27.42 -11.98
C PHE C 130 23.61 -28.91 -11.80
N GLY C 131 22.61 -29.56 -11.21
CA GLY C 131 22.66 -31.00 -10.99
C GLY C 131 21.28 -31.62 -11.15
N PRO C 132 21.19 -32.93 -10.87
CA PRO C 132 19.91 -33.61 -11.02
C PRO C 132 18.88 -33.08 -10.03
N VAL C 133 17.61 -33.15 -10.42
CA VAL C 133 16.50 -32.76 -9.57
C VAL C 133 16.02 -34.00 -8.83
N HIS C 134 15.97 -33.90 -7.50
CA HIS C 134 15.54 -35.01 -6.65
C HIS C 134 14.17 -34.70 -6.08
N PHE C 135 13.22 -35.59 -6.28
CA PHE C 135 11.84 -35.39 -5.86
C PHE C 135 11.62 -36.10 -4.53
N ARG C 136 11.48 -35.32 -3.47
CA ARG C 136 11.16 -35.86 -2.14
C ARG C 136 10.65 -34.72 -1.29
N ASN C 137 9.81 -35.05 -0.31
CA ASN C 137 9.22 -34.03 0.55
C ASN C 137 10.31 -33.23 1.23
N GLN C 138 10.20 -31.91 1.18
CA GLN C 138 11.16 -31.01 1.80
C GLN C 138 10.56 -30.44 3.07
N VAL C 139 11.28 -30.59 4.18
CA VAL C 139 10.84 -30.06 5.47
C VAL C 139 11.38 -28.64 5.56
N LYS C 140 10.60 -27.70 5.04
CA LYS C 140 10.97 -26.28 5.09
C LYS C 140 10.73 -25.77 6.49
N ILE C 141 11.81 -25.35 7.15
CA ILE C 141 11.72 -24.77 8.49
C ILE C 141 12.16 -23.32 8.38
N ARG C 142 11.50 -22.46 9.13
CA ARG C 142 11.69 -21.03 9.02
C ARG C 142 12.85 -20.57 9.92
N ARG C 143 13.77 -19.80 9.33
CA ARG C 143 14.99 -19.40 10.00
C ARG C 143 15.35 -17.98 9.58
N ARG C 144 16.09 -17.30 10.46
CA ARG C 144 16.62 -15.97 10.16
C ARG C 144 17.96 -16.12 9.44
N VAL C 145 18.07 -15.55 8.24
CA VAL C 145 19.26 -15.69 7.42
C VAL C 145 19.60 -14.33 6.80
N ASP C 146 20.88 -14.17 6.45
CA ASP C 146 21.36 -12.94 5.82
C ASP C 146 21.23 -13.10 4.31
N ILE C 147 20.59 -12.11 3.66
CA ILE C 147 20.36 -12.21 2.23
C ILE C 147 21.52 -11.59 1.46
N ASN C 148 22.09 -10.50 1.97
CA ASN C 148 23.13 -9.80 1.23
C ASN C 148 24.43 -10.61 1.29
N PRO C 149 24.97 -11.06 0.15
CA PRO C 149 26.18 -11.89 0.18
C PRO C 149 27.49 -11.12 0.18
N GLY C 150 27.44 -9.79 0.17
CA GLY C 150 28.65 -9.00 0.13
C GLY C 150 28.81 -8.08 1.32
N HIS C 151 27.96 -8.25 2.34
CA HIS C 151 28.04 -7.41 3.52
C HIS C 151 29.44 -7.50 4.14
N ALA C 152 30.02 -6.35 4.45
CA ALA C 152 31.36 -6.26 4.98
C ALA C 152 31.42 -6.32 6.50
N ASP C 153 30.41 -6.91 7.13
CA ASP C 153 30.34 -7.01 8.58
C ASP C 153 30.15 -5.63 9.22
N LEU C 154 29.28 -4.81 8.61
CA LEU C 154 28.98 -3.48 9.11
C LEU C 154 27.48 -3.30 9.19
N SER C 155 27.04 -2.53 10.17
CA SER C 155 25.64 -2.17 10.32
C SER C 155 25.33 -0.96 9.46
N ALA C 156 24.07 -0.51 9.52
CA ALA C 156 23.66 0.65 8.74
C ALA C 156 24.44 1.90 9.16
N LYS C 157 24.29 2.29 10.43
CA LYS C 157 25.02 3.46 10.92
C LYS C 157 26.52 3.25 10.85
N GLU C 158 26.98 2.04 11.15
CA GLU C 158 28.41 1.77 11.18
C GLU C 158 29.05 2.05 9.82
N ALA C 159 28.38 1.66 8.73
CA ALA C 159 28.89 1.89 7.39
C ALA C 159 28.46 3.23 6.80
N GLN C 160 27.52 3.92 7.43
CA GLN C 160 27.07 5.21 6.90
C GLN C 160 28.20 6.24 6.95
N ASP C 161 28.97 6.26 8.04
CA ASP C 161 30.11 7.16 8.12
C ASP C 161 31.15 6.82 7.06
N VAL C 162 31.40 5.52 6.86
CA VAL C 162 32.32 5.09 5.80
C VAL C 162 31.84 5.60 4.45
N ILE C 163 30.54 5.47 4.18
CA ILE C 163 29.99 5.89 2.90
C ILE C 163 30.16 7.39 2.72
N MET C 164 29.86 8.17 3.76
CA MET C 164 30.03 9.62 3.63
C MET C 164 31.48 9.96 3.35
N GLU C 165 32.42 9.41 4.14
CA GLU C 165 33.82 9.72 3.93
C GLU C 165 34.30 9.27 2.56
N VAL C 166 33.68 8.24 1.98
CA VAL C 166 34.05 7.80 0.64
C VAL C 166 33.50 8.75 -0.42
N VAL C 167 32.27 9.22 -0.24
CA VAL C 167 31.60 10.06 -1.23
C VAL C 167 31.63 11.53 -0.83
N PHE C 168 31.23 11.84 0.40
CA PHE C 168 31.20 13.21 0.89
C PHE C 168 32.26 13.41 1.95
N PRO C 169 33.54 13.52 1.58
CA PRO C 169 34.60 13.57 2.60
C PRO C 169 34.54 14.80 3.50
N ASN C 170 33.89 15.88 3.07
CA ASN C 170 33.91 17.12 3.82
C ASN C 170 32.80 17.24 4.85
N GLU C 171 31.68 16.54 4.64
CA GLU C 171 30.54 16.61 5.54
C GLU C 171 30.59 15.54 6.63
N VAL C 172 31.73 14.84 6.78
CA VAL C 172 31.84 13.81 7.81
C VAL C 172 31.62 14.39 9.20
N GLY C 173 32.16 15.58 9.46
CA GLY C 173 32.04 16.19 10.77
C GLY C 173 33.04 15.67 11.78
N ALA C 174 32.56 15.36 12.99
CA ALA C 174 33.47 14.90 14.04
C ALA C 174 34.06 13.55 13.71
N ARG C 175 33.27 12.65 13.12
CA ARG C 175 33.67 11.26 13.02
C ARG C 175 34.93 11.11 12.17
N ILE C 176 35.90 10.38 12.71
CA ILE C 176 37.03 9.86 11.96
C ILE C 176 37.12 8.38 12.28
N LEU C 177 36.99 7.55 11.24
CA LEU C 177 36.71 6.14 11.47
C LEU C 177 37.89 5.45 12.13
N THR C 178 37.63 4.70 13.20
CA THR C 178 38.70 4.08 13.96
C THR C 178 39.06 2.69 13.43
N SER C 179 38.05 1.85 13.21
CA SER C 179 38.31 0.47 12.78
C SER C 179 39.10 0.46 11.47
N GLU C 180 40.14 -0.36 11.43
CA GLU C 180 41.01 -0.42 10.26
C GLU C 180 40.35 -1.10 9.07
N SER C 181 39.40 -2.01 9.32
CA SER C 181 38.62 -2.55 8.22
C SER C 181 37.93 -1.42 7.45
N GLN C 182 37.35 -0.49 8.19
CA GLN C 182 36.74 0.68 7.56
C GLN C 182 37.79 1.50 6.83
N LEU C 183 39.01 1.59 7.37
CA LEU C 183 40.09 2.30 6.67
C LEU C 183 40.35 1.70 5.30
N THR C 184 40.53 0.37 5.25
CA THR C 184 40.83 -0.27 3.97
C THR C 184 39.65 -0.16 3.01
N ILE C 185 38.42 -0.29 3.52
CA ILE C 185 37.25 -0.15 2.65
C ILE C 185 37.20 1.25 2.07
N THR C 186 37.44 2.27 2.90
CA THR C 186 37.46 3.64 2.40
C THR C 186 38.52 3.81 1.33
N LYS C 187 39.73 3.31 1.59
CA LYS C 187 40.80 3.45 0.60
C LYS C 187 40.42 2.81 -0.72
N GLU C 188 39.93 1.57 -0.68
CA GLU C 188 39.61 0.84 -1.89
C GLU C 188 38.49 1.52 -2.67
N LYS C 189 37.37 1.82 -1.99
CA LYS C 189 36.24 2.42 -2.68
C LYS C 189 36.47 3.88 -3.02
N LYS C 190 37.52 4.50 -2.46
CA LYS C 190 37.88 5.86 -2.86
C LYS C 190 38.70 5.83 -4.14
N GLU C 191 39.75 5.01 -4.18
CA GLU C 191 40.57 4.94 -5.37
C GLU C 191 39.82 4.31 -6.54
N GLU C 192 38.83 3.46 -6.25
CA GLU C 192 38.11 2.79 -7.32
C GLU C 192 37.11 3.72 -8.00
N LEU C 193 36.42 4.56 -7.22
CA LEU C 193 35.37 5.44 -7.73
C LEU C 193 35.80 6.90 -7.74
N GLN C 194 37.06 7.17 -8.09
CA GLN C 194 37.63 8.49 -7.87
C GLN C 194 37.01 9.54 -8.80
N ASP C 195 36.67 9.14 -10.03
CA ASP C 195 36.09 10.08 -10.99
C ASP C 195 34.73 9.63 -11.52
N CYS C 196 34.12 8.61 -10.93
CA CYS C 196 32.82 8.18 -11.41
C CYS C 196 31.80 9.29 -11.24
N LYS C 197 31.01 9.52 -12.29
CA LYS C 197 30.10 10.67 -12.38
C LYS C 197 28.65 10.23 -12.54
N ILE C 198 28.27 9.13 -11.90
CA ILE C 198 26.90 8.65 -12.02
C ILE C 198 25.99 9.56 -11.20
N SER C 199 26.17 9.51 -9.88
CA SER C 199 25.54 10.46 -8.97
C SER C 199 26.06 10.19 -7.57
N PRO C 200 26.30 11.21 -6.75
CA PRO C 200 26.69 10.93 -5.36
C PRO C 200 25.65 10.12 -4.60
N LEU C 201 24.38 10.40 -4.82
CA LEU C 201 23.33 9.74 -4.05
C LEU C 201 23.24 8.26 -4.39
N MET C 202 23.26 7.92 -5.68
CA MET C 202 23.19 6.51 -6.07
C MET C 202 24.44 5.76 -5.64
N VAL C 203 25.60 6.40 -5.75
CA VAL C 203 26.83 5.76 -5.28
C VAL C 203 26.72 5.45 -3.79
N ALA C 204 26.25 6.42 -3.01
CA ALA C 204 26.10 6.19 -1.58
C ALA C 204 25.09 5.08 -1.30
N TYR C 205 23.97 5.08 -2.04
CA TYR C 205 22.95 4.06 -1.80
C TYR C 205 23.49 2.66 -2.09
N MET C 206 24.21 2.51 -3.21
CA MET C 206 24.74 1.19 -3.55
C MET C 206 25.86 0.77 -2.62
N LEU C 207 26.68 1.71 -2.15
CA LEU C 207 27.67 1.37 -1.13
C LEU C 207 26.99 0.90 0.15
N GLU C 208 25.91 1.58 0.55
CA GLU C 208 25.16 1.15 1.72
C GLU C 208 24.63 -0.26 1.52
N ARG C 209 24.07 -0.54 0.34
CA ARG C 209 23.53 -1.88 0.08
C ARG C 209 24.63 -2.93 0.12
N GLU C 210 25.78 -2.63 -0.46
CA GLU C 210 26.85 -3.63 -0.55
C GLU C 210 27.47 -3.90 0.82
N LEU C 211 27.82 -2.85 1.57
CA LEU C 211 28.57 -3.02 2.81
C LEU C 211 27.68 -3.38 3.99
N VAL C 212 26.49 -2.79 4.07
CA VAL C 212 25.64 -2.99 5.24
C VAL C 212 25.06 -4.40 5.23
N ARG C 213 25.11 -5.06 6.37
CA ARG C 213 24.51 -6.37 6.54
C ARG C 213 23.00 -6.23 6.74
N LYS C 214 22.24 -7.11 6.08
CA LYS C 214 20.80 -7.11 6.19
C LYS C 214 20.35 -8.55 6.35
N THR C 215 19.29 -8.75 7.13
CA THR C 215 18.85 -10.09 7.54
C THR C 215 17.34 -10.15 7.44
N ARG C 216 16.82 -11.31 7.04
CA ARG C 216 15.39 -11.53 6.94
C ARG C 216 15.06 -12.97 7.28
N PHE C 217 13.81 -13.18 7.66
CA PHE C 217 13.34 -14.49 8.11
C PHE C 217 12.67 -15.18 6.93
N LEU C 218 13.12 -16.40 6.62
CA LEU C 218 12.67 -17.09 5.42
C LEU C 218 12.51 -18.57 5.70
N PRO C 219 11.63 -19.27 4.98
CA PRO C 219 11.55 -20.74 5.09
C PRO C 219 12.62 -21.40 4.25
N VAL C 220 13.56 -22.06 4.92
CA VAL C 220 14.72 -22.67 4.25
C VAL C 220 14.72 -24.16 4.57
N ALA C 221 15.40 -24.91 3.69
CA ALA C 221 15.67 -26.33 3.90
C ALA C 221 17.07 -26.61 3.35
N GLY C 222 18.03 -26.75 4.25
CA GLY C 222 19.42 -26.85 3.83
C GLY C 222 20.02 -25.48 3.54
N GLY C 223 21.08 -25.48 2.74
CA GLY C 223 21.72 -24.24 2.36
C GLY C 223 22.20 -23.43 3.54
N THR C 224 21.51 -22.34 3.85
CA THR C 224 21.77 -21.42 4.95
C THR C 224 22.93 -20.49 4.66
N SER C 225 23.64 -20.67 3.54
CA SER C 225 24.73 -19.78 3.18
C SER C 225 24.20 -18.57 2.42
N SER C 226 24.96 -17.47 2.49
CA SER C 226 24.53 -16.24 1.84
C SER C 226 24.39 -16.43 0.33
N VAL C 227 25.39 -17.08 -0.29
CA VAL C 227 25.33 -17.32 -1.73
C VAL C 227 24.22 -18.30 -2.09
N TYR C 228 23.88 -19.23 -1.19
CA TYR C 228 22.85 -20.21 -1.46
C TYR C 228 21.45 -19.72 -1.14
N ILE C 229 21.31 -18.54 -0.54
CA ILE C 229 19.99 -18.02 -0.22
C ILE C 229 19.45 -17.13 -1.33
N GLU C 230 20.31 -16.46 -2.09
CA GLU C 230 19.84 -15.63 -3.19
C GLU C 230 19.17 -16.48 -4.27
N VAL C 231 19.58 -17.73 -4.42
CA VAL C 231 18.97 -18.66 -5.37
C VAL C 231 18.04 -19.63 -4.66
N LEU C 232 17.56 -19.28 -3.47
CA LEU C 232 16.67 -20.16 -2.73
C LEU C 232 15.41 -20.50 -3.52
N HIS C 233 14.98 -19.62 -4.42
CA HIS C 233 13.82 -19.91 -5.25
C HIS C 233 14.09 -20.99 -6.28
N LEU C 234 15.36 -21.17 -6.68
CA LEU C 234 15.71 -22.11 -7.74
C LEU C 234 16.19 -23.45 -7.22
N THR C 235 16.68 -23.52 -5.97
CA THR C 235 17.24 -24.74 -5.44
C THR C 235 16.27 -25.54 -4.57
N GLN C 236 15.31 -24.88 -3.93
CA GLN C 236 14.39 -25.53 -3.00
C GLN C 236 12.95 -25.27 -3.44
N GLY C 237 12.14 -26.32 -3.38
CA GLY C 237 10.73 -26.21 -3.72
C GLY C 237 9.84 -26.97 -2.75
N THR C 238 8.59 -27.20 -3.14
CA THR C 238 7.66 -27.91 -2.27
C THR C 238 7.95 -29.40 -2.22
N CYS C 239 8.29 -30.00 -3.37
CA CYS C 239 8.54 -31.44 -3.43
C CYS C 239 9.76 -31.76 -4.29
N TRP C 240 10.63 -30.80 -4.57
CA TRP C 240 11.77 -31.03 -5.42
C TRP C 240 12.96 -30.22 -4.91
N GLU C 241 14.15 -30.80 -5.04
CA GLU C 241 15.40 -30.14 -4.69
C GLU C 241 16.31 -30.15 -5.91
N GLN C 242 16.87 -28.98 -6.22
CA GLN C 242 17.76 -28.80 -7.37
C GLN C 242 19.14 -28.45 -6.86
N MET C 243 20.05 -29.42 -6.92
CA MET C 243 21.42 -29.18 -6.47
C MET C 243 22.07 -28.11 -7.33
N TYR C 244 22.72 -27.15 -6.66
CA TYR C 244 23.32 -26.01 -7.35
C TYR C 244 24.58 -25.59 -6.61
N THR C 245 25.56 -25.11 -7.37
CA THR C 245 26.83 -24.65 -6.81
C THR C 245 27.20 -23.34 -7.52
N PRO C 246 27.00 -22.19 -6.88
CA PRO C 246 27.32 -20.91 -7.53
C PRO C 246 28.75 -20.86 -8.04
N GLY C 247 29.03 -19.89 -8.93
CA GLY C 247 30.34 -19.81 -9.53
C GLY C 247 31.44 -19.47 -8.53
N GLY C 248 31.08 -18.81 -7.43
CA GLY C 248 32.09 -18.45 -6.45
C GLY C 248 32.81 -19.65 -5.88
N GLU C 249 32.09 -20.72 -5.59
CA GLU C 249 32.69 -21.94 -5.04
C GLU C 249 33.18 -22.85 -6.16
N VAL F 2 -30.44 -42.74 -6.22
CA VAL F 2 -31.85 -42.57 -5.90
C VAL F 2 -32.66 -43.24 -7.00
N GLN F 3 -33.24 -44.40 -6.67
CA GLN F 3 -34.19 -45.14 -7.47
C GLN F 3 -35.55 -44.65 -7.03
N LEU F 4 -36.53 -44.67 -7.96
CA LEU F 4 -37.84 -44.12 -7.73
C LEU F 4 -38.82 -45.05 -8.40
N GLN F 5 -39.94 -45.36 -7.72
CA GLN F 5 -41.03 -46.14 -8.29
C GLN F 5 -42.33 -45.41 -8.04
N GLU F 6 -43.09 -45.13 -9.11
CA GLU F 6 -44.41 -44.58 -9.01
C GLU F 6 -45.51 -45.61 -8.88
N SER F 7 -46.56 -45.27 -8.13
CA SER F 7 -47.75 -46.08 -7.94
C SER F 7 -48.98 -45.19 -8.06
N GLY F 8 -50.17 -45.80 -8.26
CA GLY F 8 -51.45 -45.09 -8.15
C GLY F 8 -52.07 -44.60 -9.42
N GLY F 9 -51.44 -44.83 -10.59
CA GLY F 9 -52.05 -44.50 -11.88
C GLY F 9 -53.16 -45.44 -12.29
N GLY F 10 -53.87 -45.11 -13.38
CA GLY F 10 -54.79 -46.03 -14.01
C GLY F 10 -55.84 -45.35 -14.83
N LEU F 11 -56.91 -46.09 -15.18
CA LEU F 11 -58.04 -45.55 -15.91
C LEU F 11 -59.04 -44.97 -14.94
N VAL F 12 -59.45 -43.71 -15.16
CA VAL F 12 -60.42 -43.05 -14.31
C VAL F 12 -61.40 -42.32 -15.17
N GLN F 13 -62.55 -42.05 -14.53
CA GLN F 13 -63.58 -41.19 -15.00
C GLN F 13 -63.16 -39.73 -15.05
N ALA F 14 -63.76 -38.94 -15.96
CA ALA F 14 -63.67 -37.50 -15.87
C ALA F 14 -64.40 -36.95 -14.63
N GLY F 15 -63.76 -36.01 -13.91
CA GLY F 15 -64.24 -35.49 -12.64
C GLY F 15 -63.88 -36.35 -11.45
N ASP F 16 -63.22 -37.50 -11.66
CA ASP F 16 -62.77 -38.43 -10.65
C ASP F 16 -61.46 -38.00 -10.04
N SER F 17 -60.93 -38.84 -9.15
CA SER F 17 -59.79 -38.55 -8.31
C SER F 17 -58.77 -39.65 -8.34
N LEU F 18 -57.54 -39.34 -7.94
CA LEU F 18 -56.44 -40.24 -8.12
C LEU F 18 -55.27 -39.83 -7.26
N ARG F 19 -54.69 -40.75 -6.50
CA ARG F 19 -53.56 -40.42 -5.66
C ARG F 19 -52.35 -41.16 -6.16
N LEU F 20 -51.45 -40.44 -6.82
CA LEU F 20 -50.17 -40.95 -7.23
C LEU F 20 -49.24 -40.92 -6.05
N SER F 21 -48.32 -41.89 -5.96
CA SER F 21 -47.34 -41.93 -4.90
C SER F 21 -46.05 -42.36 -5.52
N CYS F 22 -44.92 -41.84 -5.04
CA CYS F 22 -43.63 -42.21 -5.55
C CYS F 22 -42.74 -42.55 -4.38
N THR F 23 -42.32 -43.82 -4.30
CA THR F 23 -41.40 -44.31 -3.29
C THR F 23 -40.02 -44.00 -3.75
N THR F 24 -39.09 -43.72 -2.82
CA THR F 24 -37.72 -43.48 -3.18
C THR F 24 -36.83 -44.39 -2.39
N SER F 25 -35.55 -44.40 -2.80
CA SER F 25 -34.46 -45.14 -2.20
C SER F 25 -34.13 -44.80 -0.76
N TYR F 32 -33.77 -33.72 0.06
CA TYR F 32 -33.93 -33.48 -1.35
C TYR F 32 -35.33 -32.99 -1.65
N GLY F 33 -35.43 -32.05 -2.60
CA GLY F 33 -36.70 -31.59 -3.15
C GLY F 33 -37.14 -32.55 -4.23
N VAL F 34 -38.46 -32.71 -4.42
CA VAL F 34 -39.01 -33.69 -5.36
C VAL F 34 -39.95 -32.94 -6.28
N GLY F 35 -40.21 -33.51 -7.47
CA GLY F 35 -41.15 -32.96 -8.43
C GLY F 35 -41.97 -34.04 -9.05
N TRP F 36 -43.17 -33.67 -9.51
CA TRP F 36 -44.04 -34.48 -10.34
C TRP F 36 -44.15 -33.81 -11.69
N PHE F 37 -43.85 -34.57 -12.75
CA PHE F 37 -43.83 -34.11 -14.12
C PHE F 37 -44.67 -35.07 -14.92
N ARG F 38 -45.22 -34.66 -16.07
CA ARG F 38 -46.04 -35.53 -16.87
C ARG F 38 -45.62 -35.52 -18.32
N GLN F 39 -45.91 -36.60 -19.05
CA GLN F 39 -45.62 -36.70 -20.47
C GLN F 39 -46.80 -37.27 -21.21
N ALA F 40 -47.48 -36.42 -22.00
CA ALA F 40 -48.49 -36.82 -22.93
C ALA F 40 -47.89 -37.61 -24.11
N PRO F 41 -48.61 -38.51 -24.79
CA PRO F 41 -48.09 -39.28 -25.93
C PRO F 41 -47.48 -38.46 -27.06
N GLY F 42 -48.04 -37.28 -27.37
CA GLY F 42 -47.59 -36.42 -28.45
C GLY F 42 -46.59 -35.35 -28.08
N GLU F 43 -45.91 -35.43 -26.91
CA GLU F 43 -45.16 -34.30 -26.41
C GLU F 43 -43.97 -34.68 -25.55
N GLU F 44 -43.19 -33.67 -25.11
CA GLU F 44 -42.12 -33.79 -24.15
C GLU F 44 -42.65 -33.61 -22.73
N ARG F 45 -41.77 -33.30 -21.76
CA ARG F 45 -42.15 -33.13 -20.37
C ARG F 45 -42.92 -31.86 -20.06
N GLU F 46 -43.89 -31.97 -19.15
CA GLU F 46 -44.67 -30.87 -18.65
C GLU F 46 -44.54 -30.88 -17.14
N PHE F 47 -44.18 -29.72 -16.55
CA PHE F 47 -44.18 -29.50 -15.12
C PHE F 47 -45.60 -29.64 -14.53
N GLY F 48 -45.74 -30.39 -13.42
CA GLY F 48 -47.00 -30.52 -12.71
C GLY F 48 -46.90 -29.89 -11.36
N ALA F 49 -46.00 -30.40 -10.50
CA ALA F 49 -45.88 -29.93 -9.15
C ALA F 49 -44.49 -30.14 -8.58
N SER F 50 -44.09 -29.38 -7.57
CA SER F 50 -42.80 -29.53 -6.92
C SER F 50 -42.95 -29.14 -5.48
N ILE F 51 -42.02 -29.61 -4.64
CA ILE F 51 -42.08 -29.40 -3.21
C ILE F 51 -40.68 -29.39 -2.65
N TYR F 58 -45.38 -25.56 -5.21
CA TYR F 58 -45.63 -24.89 -6.47
C TYR F 58 -46.31 -25.87 -7.45
N TYR F 59 -47.38 -25.44 -8.17
CA TYR F 59 -48.12 -26.22 -9.16
C TYR F 59 -48.26 -25.40 -10.45
N ALA F 60 -48.34 -26.04 -11.64
CA ALA F 60 -48.57 -25.38 -12.92
C ALA F 60 -49.98 -24.79 -13.08
N ASP F 61 -50.20 -23.86 -14.06
CA ASP F 61 -51.50 -23.23 -14.30
C ASP F 61 -52.60 -24.25 -14.64
N SER F 62 -52.27 -25.26 -15.47
CA SER F 62 -53.23 -26.23 -15.99
C SER F 62 -53.77 -27.21 -14.92
N VAL F 63 -53.06 -27.36 -13.78
CA VAL F 63 -53.39 -28.28 -12.69
C VAL F 63 -53.62 -27.60 -11.33
N LYS F 64 -53.42 -26.27 -11.18
CA LYS F 64 -53.61 -25.63 -9.88
C LYS F 64 -55.03 -25.70 -9.32
N GLY F 65 -55.17 -25.93 -8.01
CA GLY F 65 -56.44 -26.09 -7.32
C GLY F 65 -56.99 -27.48 -7.40
N ARG F 66 -56.80 -28.16 -8.55
CA ARG F 66 -57.21 -29.53 -8.72
C ARG F 66 -56.31 -30.43 -7.89
N PHE F 67 -54.99 -30.27 -8.00
CA PHE F 67 -53.97 -31.20 -7.58
C PHE F 67 -53.16 -30.71 -6.39
N THR F 68 -52.68 -31.64 -5.55
CA THR F 68 -51.96 -31.33 -4.31
C THR F 68 -50.79 -32.26 -4.16
N ILE F 69 -49.59 -31.72 -3.88
CA ILE F 69 -48.35 -32.46 -3.72
C ILE F 69 -47.98 -32.45 -2.26
N SER F 70 -47.49 -33.57 -1.74
CA SER F 70 -47.20 -33.73 -0.34
C SER F 70 -46.13 -34.77 -0.20
N ARG F 71 -45.47 -34.86 0.96
CA ARG F 71 -44.43 -35.83 1.11
C ARG F 71 -44.42 -36.26 2.54
N ASP F 72 -44.01 -37.51 2.75
CA ASP F 72 -43.76 -38.07 4.05
C ASP F 72 -42.27 -38.40 3.99
N ASN F 73 -41.44 -37.63 4.73
CA ASN F 73 -40.01 -37.87 4.76
C ASN F 73 -39.62 -39.06 5.61
N ALA F 74 -40.53 -39.54 6.50
CA ALA F 74 -40.35 -40.73 7.30
C ALA F 74 -40.61 -41.98 6.49
N LYS F 75 -41.56 -41.91 5.54
CA LYS F 75 -41.91 -43.04 4.67
C LYS F 75 -41.09 -43.04 3.41
N ASN F 76 -40.36 -41.94 3.18
CA ASN F 76 -39.58 -41.67 2.00
C ASN F 76 -40.42 -41.70 0.72
N THR F 77 -41.52 -40.93 0.70
CA THR F 77 -42.53 -40.98 -0.37
C THR F 77 -43.04 -39.59 -0.67
N VAL F 78 -43.27 -39.28 -1.97
CA VAL F 78 -43.95 -38.06 -2.39
C VAL F 78 -45.26 -38.45 -3.04
N TYR F 79 -46.36 -37.76 -2.71
CA TYR F 79 -47.70 -38.06 -3.16
C TYR F 79 -48.19 -36.93 -4.04
N LEU F 80 -49.06 -37.23 -5.01
CA LEU F 80 -49.73 -36.25 -5.82
C LEU F 80 -51.21 -36.61 -5.86
N GLN F 81 -52.02 -35.86 -5.11
CA GLN F 81 -53.44 -36.06 -5.02
C GLN F 81 -54.14 -35.28 -6.08
N MET F 82 -54.57 -35.96 -7.16
CA MET F 82 -55.28 -35.38 -8.25
C MET F 82 -56.78 -35.52 -8.02
N ASN F 83 -57.57 -34.46 -8.26
CA ASN F 83 -59.00 -34.48 -8.10
C ASN F 83 -59.56 -33.79 -9.31
N SER F 84 -60.88 -33.96 -9.55
CA SER F 84 -61.65 -33.34 -10.62
C SER F 84 -60.96 -33.40 -11.96
N LEU F 85 -60.51 -34.63 -12.28
CA LEU F 85 -59.69 -34.90 -13.43
C LEU F 85 -60.35 -34.59 -14.76
N LYS F 86 -59.54 -34.27 -15.76
CA LYS F 86 -60.00 -33.98 -17.08
C LYS F 86 -59.32 -34.93 -18.00
N ALA F 87 -59.91 -35.18 -19.17
CA ALA F 87 -59.33 -35.93 -20.27
C ALA F 87 -57.95 -35.43 -20.73
N GLU F 88 -57.62 -34.15 -20.44
CA GLU F 88 -56.35 -33.51 -20.75
C GLU F 88 -55.28 -33.77 -19.69
N ASP F 89 -55.59 -34.49 -18.59
CA ASP F 89 -54.58 -34.94 -17.66
C ASP F 89 -53.89 -36.21 -18.17
N THR F 90 -54.47 -36.90 -19.18
CA THR F 90 -54.00 -38.19 -19.69
C THR F 90 -52.56 -38.24 -20.14
N ALA F 91 -51.68 -38.81 -19.30
CA ALA F 91 -50.26 -38.76 -19.49
C ALA F 91 -49.58 -39.82 -18.65
N VAL F 92 -48.31 -40.09 -18.92
CA VAL F 92 -47.45 -40.81 -18.01
C VAL F 92 -46.97 -39.81 -16.98
N TYR F 93 -47.23 -40.01 -15.68
CA TYR F 93 -46.78 -39.13 -14.62
C TYR F 93 -45.52 -39.69 -14.03
N TYR F 94 -44.43 -38.93 -14.16
CA TYR F 94 -43.10 -39.27 -13.71
C TYR F 94 -42.80 -38.50 -12.45
N CYS F 95 -42.06 -39.12 -11.56
CA CYS F 95 -41.58 -38.55 -10.33
C CYS F 95 -40.11 -38.26 -10.51
N ALA F 96 -39.62 -37.17 -9.92
CA ALA F 96 -38.26 -36.78 -10.09
C ALA F 96 -37.68 -36.21 -8.82
N ALA F 97 -36.40 -36.49 -8.59
CA ALA F 97 -35.64 -35.99 -7.47
C ALA F 97 -34.46 -35.22 -8.01
N ARG F 98 -34.11 -34.13 -7.32
CA ARG F 98 -33.01 -33.28 -7.64
C ARG F 98 -32.11 -33.23 -6.45
N TRP F 112 -34.96 -39.77 -12.07
CA TRP F 112 -36.27 -39.77 -12.68
C TRP F 112 -36.83 -41.16 -12.55
N GLY F 113 -38.12 -41.25 -12.16
CA GLY F 113 -38.86 -42.49 -12.19
C GLY F 113 -39.14 -42.93 -13.60
N GLN F 114 -39.71 -44.14 -13.75
CA GLN F 114 -40.07 -44.69 -15.03
C GLN F 114 -41.43 -44.18 -15.46
N GLY F 115 -42.24 -43.71 -14.50
CA GLY F 115 -43.53 -43.12 -14.74
C GLY F 115 -44.67 -44.07 -14.56
N THR F 116 -45.82 -43.52 -14.17
CA THR F 116 -47.03 -44.30 -14.04
C THR F 116 -48.10 -43.74 -14.94
N GLN F 117 -48.72 -44.60 -15.76
CA GLN F 117 -49.76 -44.23 -16.68
C GLN F 117 -51.05 -43.78 -16.01
N VAL F 118 -51.59 -42.60 -16.37
CA VAL F 118 -52.88 -42.13 -15.92
C VAL F 118 -53.69 -41.83 -17.13
N THR F 119 -54.92 -42.35 -17.23
CA THR F 119 -55.73 -42.12 -18.41
C THR F 119 -57.11 -41.71 -17.98
N VAL F 120 -57.54 -40.52 -18.40
CA VAL F 120 -58.77 -39.90 -17.95
C VAL F 120 -59.70 -39.77 -19.13
N SER F 121 -60.99 -40.06 -18.94
CA SER F 121 -61.88 -40.31 -20.04
C SER F 121 -63.30 -40.20 -19.55
#